data_1LIH
# 
_entry.id   1LIH 
# 
_audit_conform.dict_name       mmcif_pdbx.dic 
_audit_conform.dict_version    5.386 
_audit_conform.dict_location   http://mmcif.pdb.org/dictionaries/ascii/mmcif_pdbx.dic 
# 
loop_
_database_2.database_id 
_database_2.database_code 
_database_2.pdbx_database_accession 
_database_2.pdbx_DOI 
PDB   1LIH         pdb_00001lih 10.2210/pdb1lih/pdb 
WWPDB D_1000174734 ?            ?                   
# 
loop_
_pdbx_audit_revision_history.ordinal 
_pdbx_audit_revision_history.data_content_type 
_pdbx_audit_revision_history.major_revision 
_pdbx_audit_revision_history.minor_revision 
_pdbx_audit_revision_history.revision_date 
1 'Structure model' 1 0 1995-09-15 
2 'Structure model' 1 1 2008-03-24 
3 'Structure model' 1 2 2011-07-13 
4 'Structure model' 1 3 2024-02-14 
# 
_pdbx_audit_revision_details.ordinal             1 
_pdbx_audit_revision_details.revision_ordinal    1 
_pdbx_audit_revision_details.data_content_type   'Structure model' 
_pdbx_audit_revision_details.provider            repository 
_pdbx_audit_revision_details.type                'Initial release' 
_pdbx_audit_revision_details.description         ? 
_pdbx_audit_revision_details.details             ? 
# 
loop_
_pdbx_audit_revision_group.ordinal 
_pdbx_audit_revision_group.revision_ordinal 
_pdbx_audit_revision_group.data_content_type 
_pdbx_audit_revision_group.group 
1 2 'Structure model' 'Version format compliance' 
2 3 'Structure model' 'Version format compliance' 
3 4 'Structure model' 'Data collection'           
4 4 'Structure model' 'Database references'       
5 4 'Structure model' 'Derived calculations'      
6 4 'Structure model' Other                       
# 
loop_
_pdbx_audit_revision_category.ordinal 
_pdbx_audit_revision_category.revision_ordinal 
_pdbx_audit_revision_category.data_content_type 
_pdbx_audit_revision_category.category 
1 4 'Structure model' chem_comp_atom       
2 4 'Structure model' chem_comp_bond       
3 4 'Structure model' database_2           
4 4 'Structure model' pdbx_database_status 
5 4 'Structure model' struct_ref_seq_dif   
6 4 'Structure model' struct_site          
# 
loop_
_pdbx_audit_revision_item.ordinal 
_pdbx_audit_revision_item.revision_ordinal 
_pdbx_audit_revision_item.data_content_type 
_pdbx_audit_revision_item.item 
1 4 'Structure model' '_database_2.pdbx_DOI'                
2 4 'Structure model' '_database_2.pdbx_database_accession' 
3 4 'Structure model' '_pdbx_database_status.process_site'  
4 4 'Structure model' '_struct_ref_seq_dif.details'         
5 4 'Structure model' '_struct_site.pdbx_auth_asym_id'      
6 4 'Structure model' '_struct_site.pdbx_auth_comp_id'      
7 4 'Structure model' '_struct_site.pdbx_auth_seq_id'       
# 
_pdbx_database_status.status_code                     REL 
_pdbx_database_status.entry_id                        1LIH 
_pdbx_database_status.recvd_initial_deposition_date   1995-04-18 
_pdbx_database_status.deposit_site                    ? 
_pdbx_database_status.process_site                    BNL 
_pdbx_database_status.SG_entry                        . 
_pdbx_database_status.pdb_format_compatible           Y 
_pdbx_database_status.status_code_mr                  ? 
_pdbx_database_status.status_code_sf                  ? 
_pdbx_database_status.status_code_cs                  ? 
_pdbx_database_status.status_code_nmr_data            ? 
_pdbx_database_status.methods_development_category    ? 
# 
loop_
_audit_author.name 
_audit_author.pdbx_ordinal 
'Kim, S.-H.'  1 
'Scott, W.'   2 
'Yeh, J.I.'   3 
'Prive, G.G.' 4 
'Milburn, M.' 5 
# 
loop_
_citation.id 
_citation.title 
_citation.journal_abbrev 
_citation.journal_volume 
_citation.page_first 
_citation.page_last 
_citation.year 
_citation.journal_id_ASTM 
_citation.country 
_citation.journal_id_ISSN 
_citation.journal_id_CSD 
_citation.book_publisher 
_citation.pdbx_database_id_PubMed 
_citation.pdbx_database_id_DOI 
primary 'Three-dimensional structures of the ligand-binding domain of the bacterial aspartate receptor with and without a ligand.' 
Science      254 1342 1347 1991 SCIEAS US 0036-8075 0038 ? 1660187 ? 
1       
;The Three-Dimensional Structure of the Ligand-Binding Domain of a Wild-Type Bacterial Chemotaxis Receptor. Structural Comparison to the Cross-Linked Mutant Forms and Conformational Changes Upon Ligand Binding
;
J.Biol.Chem. 268 9787 ?    1993 JBCHA3 US 0021-9258 0071 ? ?       ? 
2       'Refined Structures of the Ligand-Binding Domain of the Aspartate Receptor from Salmonella Typhimurium' J.Mol.Biol.  232 
555  ?    1993 JMOBAK UK 0022-2836 0070 ? ?       ? 
# 
loop_
_citation_author.citation_id 
_citation_author.name 
_citation_author.ordinal 
_citation_author.identifier_ORCID 
primary 'Milburn, M.V.'         1  ? 
primary 'Prive, G.G.'           2  ? 
primary 'Milligan, D.L.'        3  ? 
primary 'Scott, W.G.'           4  ? 
primary 'Yeh, J.'               5  ? 
primary 'Jancarik, J.'          6  ? 
primary 'Koshland Jr., D.E.'    7  ? 
primary 'Kim, S.H.'             8  ? 
1       'Yeh, J.I.'             9  ? 
1       'Biemann, H.-P.'        10 ? 
1       'Pandit, J.'            11 ? 
1       'Koshland, D.E.'        12 ? 
1       'Kim, S.-H.'            13 ? 
2       'Scott, W.G.'           14 ? 
2       'Milligan, D.L.'        15 ? 
2       'Milburn, M.V.'         16 ? 
2       'Prive, G.G.'           17 ? 
2       'Yeh, J.'               18 ? 
2       'Koshland Junior, D.E.' 19 ? 
2       'Kim, S.-H.'            20 ? 
# 
loop_
_entity.id 
_entity.type 
_entity.src_method 
_entity.pdbx_description 
_entity.formula_weight 
_entity.pdbx_number_of_molecules 
_entity.pdbx_ec 
_entity.pdbx_mutation 
_entity.pdbx_fragment 
_entity.details 
1 polymer     man 'ASPARTATE RECEPTOR' 18371.432 1   ? 'INS(MET 25), N36C' ? 'CYS 36 CROSSLINKED PERIPLASMIC DOMAIN' 
2 non-polymer syn 1,10-PHENANTHROLINE  180.205   1   ? ?                   ? ?                                       
3 water       nat water                18.015    116 ? ?                   ? ?                                       
# 
_entity_poly.entity_id                      1 
_entity_poly.type                           'polypeptide(L)' 
_entity_poly.nstd_linkage                   no 
_entity_poly.nstd_monomer                   no 
_entity_poly.pdbx_seq_one_letter_code       
;MGGLLFSSLQHCQQGFVISNELRQQQSELTSTWDLMLQTRINLSRSAARMMMDASNQQSSAKTDLLQNAKTTLAQAAAHY
ANFKNMTPLPAMAEASANVDEKYQRYQAALAELIQFLDNGNMDAYFAQPTQGMQNALGEALGNYARVSENLYRQTFDQSA
HDYR
;
_entity_poly.pdbx_seq_one_letter_code_can   
;MGGLLFSSLQHCQQGFVISNELRQQQSELTSTWDLMLQTRINLSRSAARMMMDASNQQSSAKTDLLQNAKTTLAQAAAHY
ANFKNMTPLPAMAEASANVDEKYQRYQAALAELIQFLDNGNMDAYFAQPTQGMQNALGEALGNYARVSENLYRQTFDQSA
HDYR
;
_entity_poly.pdbx_strand_id                 A 
_entity_poly.pdbx_target_identifier         ? 
# 
loop_
_pdbx_entity_nonpoly.entity_id 
_pdbx_entity_nonpoly.name 
_pdbx_entity_nonpoly.comp_id 
2 1,10-PHENANTHROLINE PHN 
3 water               HOH 
# 
loop_
_entity_poly_seq.entity_id 
_entity_poly_seq.num 
_entity_poly_seq.mon_id 
_entity_poly_seq.hetero 
1 1   MET n 
1 2   GLY n 
1 3   GLY n 
1 4   LEU n 
1 5   LEU n 
1 6   PHE n 
1 7   SER n 
1 8   SER n 
1 9   LEU n 
1 10  GLN n 
1 11  HIS n 
1 12  CYS n 
1 13  GLN n 
1 14  GLN n 
1 15  GLY n 
1 16  PHE n 
1 17  VAL n 
1 18  ILE n 
1 19  SER n 
1 20  ASN n 
1 21  GLU n 
1 22  LEU n 
1 23  ARG n 
1 24  GLN n 
1 25  GLN n 
1 26  GLN n 
1 27  SER n 
1 28  GLU n 
1 29  LEU n 
1 30  THR n 
1 31  SER n 
1 32  THR n 
1 33  TRP n 
1 34  ASP n 
1 35  LEU n 
1 36  MET n 
1 37  LEU n 
1 38  GLN n 
1 39  THR n 
1 40  ARG n 
1 41  ILE n 
1 42  ASN n 
1 43  LEU n 
1 44  SER n 
1 45  ARG n 
1 46  SER n 
1 47  ALA n 
1 48  ALA n 
1 49  ARG n 
1 50  MET n 
1 51  MET n 
1 52  MET n 
1 53  ASP n 
1 54  ALA n 
1 55  SER n 
1 56  ASN n 
1 57  GLN n 
1 58  GLN n 
1 59  SER n 
1 60  SER n 
1 61  ALA n 
1 62  LYS n 
1 63  THR n 
1 64  ASP n 
1 65  LEU n 
1 66  LEU n 
1 67  GLN n 
1 68  ASN n 
1 69  ALA n 
1 70  LYS n 
1 71  THR n 
1 72  THR n 
1 73  LEU n 
1 74  ALA n 
1 75  GLN n 
1 76  ALA n 
1 77  ALA n 
1 78  ALA n 
1 79  HIS n 
1 80  TYR n 
1 81  ALA n 
1 82  ASN n 
1 83  PHE n 
1 84  LYS n 
1 85  ASN n 
1 86  MET n 
1 87  THR n 
1 88  PRO n 
1 89  LEU n 
1 90  PRO n 
1 91  ALA n 
1 92  MET n 
1 93  ALA n 
1 94  GLU n 
1 95  ALA n 
1 96  SER n 
1 97  ALA n 
1 98  ASN n 
1 99  VAL n 
1 100 ASP n 
1 101 GLU n 
1 102 LYS n 
1 103 TYR n 
1 104 GLN n 
1 105 ARG n 
1 106 TYR n 
1 107 GLN n 
1 108 ALA n 
1 109 ALA n 
1 110 LEU n 
1 111 ALA n 
1 112 GLU n 
1 113 LEU n 
1 114 ILE n 
1 115 GLN n 
1 116 PHE n 
1 117 LEU n 
1 118 ASP n 
1 119 ASN n 
1 120 GLY n 
1 121 ASN n 
1 122 MET n 
1 123 ASP n 
1 124 ALA n 
1 125 TYR n 
1 126 PHE n 
1 127 ALA n 
1 128 GLN n 
1 129 PRO n 
1 130 THR n 
1 131 GLN n 
1 132 GLY n 
1 133 MET n 
1 134 GLN n 
1 135 ASN n 
1 136 ALA n 
1 137 LEU n 
1 138 GLY n 
1 139 GLU n 
1 140 ALA n 
1 141 LEU n 
1 142 GLY n 
1 143 ASN n 
1 144 TYR n 
1 145 ALA n 
1 146 ARG n 
1 147 VAL n 
1 148 SER n 
1 149 GLU n 
1 150 ASN n 
1 151 LEU n 
1 152 TYR n 
1 153 ARG n 
1 154 GLN n 
1 155 THR n 
1 156 PHE n 
1 157 ASP n 
1 158 GLN n 
1 159 SER n 
1 160 ALA n 
1 161 HIS n 
1 162 ASP n 
1 163 TYR n 
1 164 ARG n 
# 
_entity_src_gen.entity_id                          1 
_entity_src_gen.pdbx_src_id                        1 
_entity_src_gen.pdbx_alt_source_flag               sample 
_entity_src_gen.pdbx_seq_type                      ? 
_entity_src_gen.pdbx_beg_seq_num                   ? 
_entity_src_gen.pdbx_end_seq_num                   ? 
_entity_src_gen.gene_src_common_name               ? 
_entity_src_gen.gene_src_genus                     Salmonella 
_entity_src_gen.pdbx_gene_src_gene                 ? 
_entity_src_gen.gene_src_species                   ? 
_entity_src_gen.gene_src_strain                    ? 
_entity_src_gen.gene_src_tissue                    ? 
_entity_src_gen.gene_src_tissue_fraction           ? 
_entity_src_gen.gene_src_details                   ? 
_entity_src_gen.pdbx_gene_src_fragment             ? 
_entity_src_gen.pdbx_gene_src_scientific_name      'Salmonella typhimurium' 
_entity_src_gen.pdbx_gene_src_ncbi_taxonomy_id     602 
_entity_src_gen.pdbx_gene_src_variant              ? 
_entity_src_gen.pdbx_gene_src_cell_line            ? 
_entity_src_gen.pdbx_gene_src_atcc                 ? 
_entity_src_gen.pdbx_gene_src_organ                ? 
_entity_src_gen.pdbx_gene_src_organelle            ? 
_entity_src_gen.pdbx_gene_src_cell                 ? 
_entity_src_gen.pdbx_gene_src_cellular_location    ? 
_entity_src_gen.host_org_common_name               ? 
_entity_src_gen.pdbx_host_org_scientific_name      'Escherichia coli' 
_entity_src_gen.pdbx_host_org_ncbi_taxonomy_id     562 
_entity_src_gen.host_org_genus                     Escherichia 
_entity_src_gen.pdbx_host_org_gene                 ? 
_entity_src_gen.pdbx_host_org_organ                ? 
_entity_src_gen.host_org_species                   ? 
_entity_src_gen.pdbx_host_org_tissue               ? 
_entity_src_gen.pdbx_host_org_tissue_fraction      ? 
_entity_src_gen.pdbx_host_org_strain               ? 
_entity_src_gen.pdbx_host_org_variant              ? 
_entity_src_gen.pdbx_host_org_cell_line            ? 
_entity_src_gen.pdbx_host_org_atcc                 ? 
_entity_src_gen.pdbx_host_org_culture_collection   ? 
_entity_src_gen.pdbx_host_org_cell                 ? 
_entity_src_gen.pdbx_host_org_organelle            ? 
_entity_src_gen.pdbx_host_org_cellular_location    ? 
_entity_src_gen.pdbx_host_org_vector_type          BACTERIAL 
_entity_src_gen.pdbx_host_org_vector               ? 
_entity_src_gen.host_org_details                   ? 
_entity_src_gen.expression_system_id               ? 
_entity_src_gen.plasmid_name                       ? 
_entity_src_gen.plasmid_details                    ? 
_entity_src_gen.pdbx_description                   ? 
# 
loop_
_chem_comp.id 
_chem_comp.type 
_chem_comp.mon_nstd_flag 
_chem_comp.name 
_chem_comp.pdbx_synonyms 
_chem_comp.formula 
_chem_comp.formula_weight 
ALA 'L-peptide linking' y ALANINE             ? 'C3 H7 N O2'     89.093  
ARG 'L-peptide linking' y ARGININE            ? 'C6 H15 N4 O2 1' 175.209 
ASN 'L-peptide linking' y ASPARAGINE          ? 'C4 H8 N2 O3'    132.118 
ASP 'L-peptide linking' y 'ASPARTIC ACID'     ? 'C4 H7 N O4'     133.103 
CYS 'L-peptide linking' y CYSTEINE            ? 'C3 H7 N O2 S'   121.158 
GLN 'L-peptide linking' y GLUTAMINE           ? 'C5 H10 N2 O3'   146.144 
GLU 'L-peptide linking' y 'GLUTAMIC ACID'     ? 'C5 H9 N O4'     147.129 
GLY 'peptide linking'   y GLYCINE             ? 'C2 H5 N O2'     75.067  
HIS 'L-peptide linking' y HISTIDINE           ? 'C6 H10 N3 O2 1' 156.162 
HOH non-polymer         . WATER               ? 'H2 O'           18.015  
ILE 'L-peptide linking' y ISOLEUCINE          ? 'C6 H13 N O2'    131.173 
LEU 'L-peptide linking' y LEUCINE             ? 'C6 H13 N O2'    131.173 
LYS 'L-peptide linking' y LYSINE              ? 'C6 H15 N2 O2 1' 147.195 
MET 'L-peptide linking' y METHIONINE          ? 'C5 H11 N O2 S'  149.211 
PHE 'L-peptide linking' y PHENYLALANINE       ? 'C9 H11 N O2'    165.189 
PHN non-polymer         . 1,10-PHENANTHROLINE ? 'C12 H8 N2'      180.205 
PRO 'L-peptide linking' y PROLINE             ? 'C5 H9 N O2'     115.130 
SER 'L-peptide linking' y SERINE              ? 'C3 H7 N O3'     105.093 
THR 'L-peptide linking' y THREONINE           ? 'C4 H9 N O3'     119.119 
TRP 'L-peptide linking' y TRYPTOPHAN          ? 'C11 H12 N2 O2'  204.225 
TYR 'L-peptide linking' y TYROSINE            ? 'C9 H11 N O3'    181.189 
VAL 'L-peptide linking' y VALINE              ? 'C5 H11 N O2'    117.146 
# 
loop_
_pdbx_poly_seq_scheme.asym_id 
_pdbx_poly_seq_scheme.entity_id 
_pdbx_poly_seq_scheme.seq_id 
_pdbx_poly_seq_scheme.mon_id 
_pdbx_poly_seq_scheme.ndb_seq_num 
_pdbx_poly_seq_scheme.pdb_seq_num 
_pdbx_poly_seq_scheme.auth_seq_num 
_pdbx_poly_seq_scheme.pdb_mon_id 
_pdbx_poly_seq_scheme.auth_mon_id 
_pdbx_poly_seq_scheme.pdb_strand_id 
_pdbx_poly_seq_scheme.pdb_ins_code 
_pdbx_poly_seq_scheme.hetero 
A 1 1   MET 1   25  25  MET MET A . n 
A 1 2   GLY 2   26  26  GLY GLY A . n 
A 1 3   GLY 3   27  27  GLY GLY A . n 
A 1 4   LEU 4   28  28  LEU LEU A . n 
A 1 5   LEU 5   29  29  LEU LEU A . n 
A 1 6   PHE 6   30  30  PHE PHE A . n 
A 1 7   SER 7   31  31  SER SER A . n 
A 1 8   SER 8   32  32  SER SER A . n 
A 1 9   LEU 9   33  33  LEU LEU A . n 
A 1 10  GLN 10  34  34  GLN GLN A . n 
A 1 11  HIS 11  35  35  HIS HIS A . n 
A 1 12  CYS 12  36  36  CYS CYS A . n 
A 1 13  GLN 13  37  37  GLN GLN A . n 
A 1 14  GLN 14  38  38  GLN GLN A . n 
A 1 15  GLY 15  39  39  GLY GLY A . n 
A 1 16  PHE 16  40  40  PHE PHE A . n 
A 1 17  VAL 17  41  41  VAL VAL A . n 
A 1 18  ILE 18  42  42  ILE ILE A . n 
A 1 19  SER 19  43  43  SER SER A . n 
A 1 20  ASN 20  44  44  ASN ASN A . n 
A 1 21  GLU 21  45  45  GLU GLU A . n 
A 1 22  LEU 22  46  46  LEU LEU A . n 
A 1 23  ARG 23  47  47  ARG ARG A . n 
A 1 24  GLN 24  48  48  GLN GLN A . n 
A 1 25  GLN 25  49  49  GLN GLN A . n 
A 1 26  GLN 26  50  50  GLN GLN A . n 
A 1 27  SER 27  51  51  SER SER A . n 
A 1 28  GLU 28  52  52  GLU GLU A . n 
A 1 29  LEU 29  53  53  LEU LEU A . n 
A 1 30  THR 30  54  54  THR THR A . n 
A 1 31  SER 31  55  55  SER SER A . n 
A 1 32  THR 32  56  56  THR THR A . n 
A 1 33  TRP 33  57  57  TRP TRP A . n 
A 1 34  ASP 34  58  58  ASP ASP A . n 
A 1 35  LEU 35  59  59  LEU LEU A . n 
A 1 36  MET 36  60  60  MET MET A . n 
A 1 37  LEU 37  61  61  LEU LEU A . n 
A 1 38  GLN 38  62  62  GLN GLN A . n 
A 1 39  THR 39  63  63  THR THR A . n 
A 1 40  ARG 40  64  64  ARG ARG A . n 
A 1 41  ILE 41  65  65  ILE ILE A . n 
A 1 42  ASN 42  66  66  ASN ASN A . n 
A 1 43  LEU 43  67  67  LEU LEU A . n 
A 1 44  SER 44  68  68  SER SER A . n 
A 1 45  ARG 45  69  69  ARG ARG A . n 
A 1 46  SER 46  70  70  SER SER A . n 
A 1 47  ALA 47  71  71  ALA ALA A . n 
A 1 48  ALA 48  72  72  ALA ALA A . n 
A 1 49  ARG 49  73  73  ARG ARG A . n 
A 1 50  MET 50  74  74  MET MET A . n 
A 1 51  MET 51  75  75  MET MET A . n 
A 1 52  MET 52  76  76  MET MET A . n 
A 1 53  ASP 53  77  77  ASP ASP A . n 
A 1 54  ALA 54  78  78  ALA ALA A . n 
A 1 55  SER 55  79  79  SER SER A . n 
A 1 56  ASN 56  80  80  ASN ASN A . n 
A 1 57  GLN 57  81  81  GLN GLN A . n 
A 1 58  GLN 58  82  82  GLN GLN A . n 
A 1 59  SER 59  83  83  SER SER A . n 
A 1 60  SER 60  84  84  SER SER A . n 
A 1 61  ALA 61  85  85  ALA ALA A . n 
A 1 62  LYS 62  86  86  LYS LYS A . n 
A 1 63  THR 63  87  87  THR THR A . n 
A 1 64  ASP 64  88  88  ASP ASP A . n 
A 1 65  LEU 65  89  89  LEU LEU A . n 
A 1 66  LEU 66  90  90  LEU LEU A . n 
A 1 67  GLN 67  91  91  GLN GLN A . n 
A 1 68  ASN 68  92  92  ASN ASN A . n 
A 1 69  ALA 69  93  93  ALA ALA A . n 
A 1 70  LYS 70  94  94  LYS LYS A . n 
A 1 71  THR 71  95  95  THR THR A . n 
A 1 72  THR 72  96  96  THR THR A . n 
A 1 73  LEU 73  97  97  LEU LEU A . n 
A 1 74  ALA 74  98  98  ALA ALA A . n 
A 1 75  GLN 75  99  99  GLN GLN A . n 
A 1 76  ALA 76  100 100 ALA ALA A . n 
A 1 77  ALA 77  101 101 ALA ALA A . n 
A 1 78  ALA 78  102 102 ALA ALA A . n 
A 1 79  HIS 79  103 103 HIS HIS A . n 
A 1 80  TYR 80  104 104 TYR TYR A . n 
A 1 81  ALA 81  105 105 ALA ALA A . n 
A 1 82  ASN 82  106 106 ASN ASN A . n 
A 1 83  PHE 83  107 107 PHE PHE A . n 
A 1 84  LYS 84  108 108 LYS LYS A . n 
A 1 85  ASN 85  109 109 ASN ASN A . n 
A 1 86  MET 86  110 110 MET MET A . n 
A 1 87  THR 87  111 111 THR THR A . n 
A 1 88  PRO 88  112 112 PRO PRO A . n 
A 1 89  LEU 89  113 113 LEU LEU A . n 
A 1 90  PRO 90  114 114 PRO PRO A . n 
A 1 91  ALA 91  115 115 ALA ALA A . n 
A 1 92  MET 92  116 116 MET MET A . n 
A 1 93  ALA 93  117 117 ALA ALA A . n 
A 1 94  GLU 94  118 118 GLU GLU A . n 
A 1 95  ALA 95  119 119 ALA ALA A . n 
A 1 96  SER 96  120 120 SER SER A . n 
A 1 97  ALA 97  121 121 ALA ALA A . n 
A 1 98  ASN 98  122 122 ASN ASN A . n 
A 1 99  VAL 99  123 123 VAL VAL A . n 
A 1 100 ASP 100 124 124 ASP ASP A . n 
A 1 101 GLU 101 125 125 GLU GLU A . n 
A 1 102 LYS 102 126 126 LYS LYS A . n 
A 1 103 TYR 103 127 127 TYR TYR A . n 
A 1 104 GLN 104 128 128 GLN GLN A . n 
A 1 105 ARG 105 129 129 ARG ARG A . n 
A 1 106 TYR 106 130 130 TYR TYR A . n 
A 1 107 GLN 107 131 131 GLN GLN A . n 
A 1 108 ALA 108 132 132 ALA ALA A . n 
A 1 109 ALA 109 133 133 ALA ALA A . n 
A 1 110 LEU 110 134 134 LEU LEU A . n 
A 1 111 ALA 111 135 135 ALA ALA A . n 
A 1 112 GLU 112 136 136 GLU GLU A . n 
A 1 113 LEU 113 137 137 LEU LEU A . n 
A 1 114 ILE 114 138 138 ILE ILE A . n 
A 1 115 GLN 115 139 139 GLN GLN A . n 
A 1 116 PHE 116 140 140 PHE PHE A . n 
A 1 117 LEU 117 141 141 LEU LEU A . n 
A 1 118 ASP 118 142 142 ASP ASP A . n 
A 1 119 ASN 119 143 143 ASN ASN A . n 
A 1 120 GLY 120 144 144 GLY GLY A . n 
A 1 121 ASN 121 145 145 ASN ASN A . n 
A 1 122 MET 122 146 146 MET MET A . n 
A 1 123 ASP 123 147 147 ASP ASP A . n 
A 1 124 ALA 124 148 148 ALA ALA A . n 
A 1 125 TYR 125 149 149 TYR TYR A . n 
A 1 126 PHE 126 150 150 PHE PHE A . n 
A 1 127 ALA 127 151 151 ALA ALA A . n 
A 1 128 GLN 128 152 152 GLN GLN A . n 
A 1 129 PRO 129 153 153 PRO PRO A . n 
A 1 130 THR 130 154 154 THR THR A . n 
A 1 131 GLN 131 155 155 GLN GLN A . n 
A 1 132 GLY 132 156 156 GLY GLY A . n 
A 1 133 MET 133 157 157 MET MET A . n 
A 1 134 GLN 134 158 158 GLN GLN A . n 
A 1 135 ASN 135 159 159 ASN ASN A . n 
A 1 136 ALA 136 160 160 ALA ALA A . n 
A 1 137 LEU 137 161 161 LEU LEU A . n 
A 1 138 GLY 138 162 162 GLY GLY A . n 
A 1 139 GLU 139 163 163 GLU GLU A . n 
A 1 140 ALA 140 164 164 ALA ALA A . n 
A 1 141 LEU 141 165 165 LEU LEU A . n 
A 1 142 GLY 142 166 166 GLY GLY A . n 
A 1 143 ASN 143 167 167 ASN ASN A . n 
A 1 144 TYR 144 168 168 TYR TYR A . n 
A 1 145 ALA 145 169 169 ALA ALA A . n 
A 1 146 ARG 146 170 170 ARG ARG A . n 
A 1 147 VAL 147 171 171 VAL VAL A . n 
A 1 148 SER 148 172 172 SER SER A . n 
A 1 149 GLU 149 173 173 GLU GLU A . n 
A 1 150 ASN 150 174 174 ASN ASN A . n 
A 1 151 LEU 151 175 175 LEU LEU A . n 
A 1 152 TYR 152 176 176 TYR TYR A . n 
A 1 153 ARG 153 177 177 ARG ARG A . n 
A 1 154 GLN 154 178 178 GLN GLN A . n 
A 1 155 THR 155 179 179 THR THR A . n 
A 1 156 PHE 156 180 180 PHE PHE A . n 
A 1 157 ASP 157 181 181 ASP ASP A . n 
A 1 158 GLN 158 182 182 GLN GLN A . n 
A 1 159 SER 159 183 183 SER SER A . n 
A 1 160 ALA 160 184 184 ALA ALA A . n 
A 1 161 HIS 161 185 ?   ?   ?   A . n 
A 1 162 ASP 162 186 ?   ?   ?   A . n 
A 1 163 TYR 163 187 ?   ?   ?   A . n 
A 1 164 ARG 164 188 ?   ?   ?   A . n 
# 
loop_
_pdbx_nonpoly_scheme.asym_id 
_pdbx_nonpoly_scheme.entity_id 
_pdbx_nonpoly_scheme.mon_id 
_pdbx_nonpoly_scheme.ndb_seq_num 
_pdbx_nonpoly_scheme.pdb_seq_num 
_pdbx_nonpoly_scheme.auth_seq_num 
_pdbx_nonpoly_scheme.pdb_mon_id 
_pdbx_nonpoly_scheme.auth_mon_id 
_pdbx_nonpoly_scheme.pdb_strand_id 
_pdbx_nonpoly_scheme.pdb_ins_code 
B 2 PHN 1   1   1   PHN PHN A . 
C 3 HOH 1   301 301 HOH HOH A . 
C 3 HOH 2   304 304 HOH HOH A . 
C 3 HOH 3   305 305 HOH HOH A . 
C 3 HOH 4   306 306 HOH HOH A . 
C 3 HOH 5   307 307 HOH HOH A . 
C 3 HOH 6   308 308 HOH HOH A . 
C 3 HOH 7   310 310 HOH HOH A . 
C 3 HOH 8   311 311 HOH HOH A . 
C 3 HOH 9   312 312 HOH HOH A . 
C 3 HOH 10  313 313 HOH HOH A . 
C 3 HOH 11  314 314 HOH HOH A . 
C 3 HOH 12  315 315 HOH HOH A . 
C 3 HOH 13  316 316 HOH HOH A . 
C 3 HOH 14  317 317 HOH HOH A . 
C 3 HOH 15  318 318 HOH HOH A . 
C 3 HOH 16  319 319 HOH HOH A . 
C 3 HOH 17  320 320 HOH HOH A . 
C 3 HOH 18  321 321 HOH HOH A . 
C 3 HOH 19  322 322 HOH HOH A . 
C 3 HOH 20  323 323 HOH HOH A . 
C 3 HOH 21  324 324 HOH HOH A . 
C 3 HOH 22  325 325 HOH HOH A . 
C 3 HOH 23  326 326 HOH HOH A . 
C 3 HOH 24  327 327 HOH HOH A . 
C 3 HOH 25  328 328 HOH HOH A . 
C 3 HOH 26  330 330 HOH HOH A . 
C 3 HOH 27  333 333 HOH HOH A . 
C 3 HOH 28  334 334 HOH HOH A . 
C 3 HOH 29  335 335 HOH HOH A . 
C 3 HOH 30  336 336 HOH HOH A . 
C 3 HOH 31  337 337 HOH HOH A . 
C 3 HOH 32  338 338 HOH HOH A . 
C 3 HOH 33  339 339 HOH HOH A . 
C 3 HOH 34  340 340 HOH HOH A . 
C 3 HOH 35  341 341 HOH HOH A . 
C 3 HOH 36  342 342 HOH HOH A . 
C 3 HOH 37  343 343 HOH HOH A . 
C 3 HOH 38  344 344 HOH HOH A . 
C 3 HOH 39  345 345 HOH HOH A . 
C 3 HOH 40  346 346 HOH HOH A . 
C 3 HOH 41  348 348 HOH HOH A . 
C 3 HOH 42  349 349 HOH HOH A . 
C 3 HOH 43  350 350 HOH HOH A . 
C 3 HOH 44  351 351 HOH HOH A . 
C 3 HOH 45  352 352 HOH HOH A . 
C 3 HOH 46  353 353 HOH HOH A . 
C 3 HOH 47  354 354 HOH HOH A . 
C 3 HOH 48  355 355 HOH HOH A . 
C 3 HOH 49  356 356 HOH HOH A . 
C 3 HOH 50  357 357 HOH HOH A . 
C 3 HOH 51  358 358 HOH HOH A . 
C 3 HOH 52  359 359 HOH HOH A . 
C 3 HOH 53  360 360 HOH HOH A . 
C 3 HOH 54  362 362 HOH HOH A . 
C 3 HOH 55  363 363 HOH HOH A . 
C 3 HOH 56  364 364 HOH HOH A . 
C 3 HOH 57  365 365 HOH HOH A . 
C 3 HOH 58  366 366 HOH HOH A . 
C 3 HOH 59  367 367 HOH HOH A . 
C 3 HOH 60  368 368 HOH HOH A . 
C 3 HOH 61  369 369 HOH HOH A . 
C 3 HOH 62  370 370 HOH HOH A . 
C 3 HOH 63  371 371 HOH HOH A . 
C 3 HOH 64  373 373 HOH HOH A . 
C 3 HOH 65  375 375 HOH HOH A . 
C 3 HOH 66  376 376 HOH HOH A . 
C 3 HOH 67  378 378 HOH HOH A . 
C 3 HOH 68  379 379 HOH HOH A . 
C 3 HOH 69  380 380 HOH HOH A . 
C 3 HOH 70  381 381 HOH HOH A . 
C 3 HOH 71  382 382 HOH HOH A . 
C 3 HOH 72  383 383 HOH HOH A . 
C 3 HOH 73  384 384 HOH HOH A . 
C 3 HOH 74  385 385 HOH HOH A . 
C 3 HOH 75  386 386 HOH HOH A . 
C 3 HOH 76  387 387 HOH HOH A . 
C 3 HOH 77  388 388 HOH HOH A . 
C 3 HOH 78  389 389 HOH HOH A . 
C 3 HOH 79  390 390 HOH HOH A . 
C 3 HOH 80  391 391 HOH HOH A . 
C 3 HOH 81  392 392 HOH HOH A . 
C 3 HOH 82  393 393 HOH HOH A . 
C 3 HOH 83  394 394 HOH HOH A . 
C 3 HOH 84  395 395 HOH HOH A . 
C 3 HOH 85  396 396 HOH HOH A . 
C 3 HOH 86  397 397 HOH HOH A . 
C 3 HOH 87  398 398 HOH HOH A . 
C 3 HOH 88  399 399 HOH HOH A . 
C 3 HOH 89  400 400 HOH HOH A . 
C 3 HOH 90  401 401 HOH HOH A . 
C 3 HOH 91  402 402 HOH HOH A . 
C 3 HOH 92  403 403 HOH HOH A . 
C 3 HOH 93  404 404 HOH HOH A . 
C 3 HOH 94  405 405 HOH HOH A . 
C 3 HOH 95  406 406 HOH HOH A . 
C 3 HOH 96  407 407 HOH HOH A . 
C 3 HOH 97  408 408 HOH HOH A . 
C 3 HOH 98  409 409 HOH HOH A . 
C 3 HOH 99  410 410 HOH HOH A . 
C 3 HOH 100 411 411 HOH HOH A . 
C 3 HOH 101 412 412 HOH HOH A . 
C 3 HOH 102 413 413 HOH HOH A . 
C 3 HOH 103 414 414 HOH HOH A . 
C 3 HOH 104 415 415 HOH HOH A . 
C 3 HOH 105 416 416 HOH HOH A . 
C 3 HOH 106 417 417 HOH HOH A . 
C 3 HOH 107 418 418 HOH HOH A . 
C 3 HOH 108 419 419 HOH HOH A . 
C 3 HOH 109 420 420 HOH HOH A . 
C 3 HOH 110 421 421 HOH HOH A . 
C 3 HOH 111 422 422 HOH HOH A . 
C 3 HOH 112 423 423 HOH HOH A . 
C 3 HOH 113 424 424 HOH HOH A . 
C 3 HOH 114 425 425 HOH HOH A . 
C 3 HOH 115 426 426 HOH HOH A . 
C 3 HOH 116 427 427 HOH HOH A . 
# 
loop_
_software.name 
_software.classification 
_software.version 
_software.citation_id 
_software.pdbx_ordinal 
X-PLOR 'model building' . ? 1 
X-PLOR refinement       . ? 2 
X-PLOR phasing          . ? 3 
# 
_cell.entry_id           1LIH 
_cell.length_a           80.030 
_cell.length_b           80.030 
_cell.length_c           155.600 
_cell.angle_alpha        90.00 
_cell.angle_beta         90.00 
_cell.angle_gamma        120.00 
_cell.Z_PDB              12 
_cell.pdbx_unique_axis   ? 
# 
_symmetry.entry_id                         1LIH 
_symmetry.space_group_name_H-M             'P 65 2 2' 
_symmetry.pdbx_full_space_group_name_H-M   ? 
_symmetry.cell_setting                     ? 
_symmetry.Int_Tables_number                179 
# 
_exptl.entry_id          1LIH 
_exptl.method            'X-RAY DIFFRACTION' 
_exptl.crystals_number   ? 
# 
_exptl_crystal.id                    1 
_exptl_crystal.density_meas          ? 
_exptl_crystal.density_Matthews      3.91 
_exptl_crystal.density_percent_sol   68.58 
_exptl_crystal.description           ? 
# 
_diffrn.id                     1 
_diffrn.ambient_temp           ? 
_diffrn.ambient_temp_details   ? 
_diffrn.crystal_id             1 
# 
_diffrn_radiation.diffrn_id                        1 
_diffrn_radiation.wavelength_id                    1 
_diffrn_radiation.pdbx_monochromatic_or_laue_m_l   ? 
_diffrn_radiation.monochromator                    ? 
_diffrn_radiation.pdbx_diffrn_protocol             ? 
_diffrn_radiation.pdbx_scattering_type             x-ray 
# 
_diffrn_radiation_wavelength.id           1 
_diffrn_radiation_wavelength.wavelength   . 
_diffrn_radiation_wavelength.wt           1.0 
# 
_refine.entry_id                                 1LIH 
_refine.ls_number_reflns_obs                     ? 
_refine.ls_number_reflns_all                     ? 
_refine.pdbx_ls_sigma_I                          ? 
_refine.pdbx_ls_sigma_F                          ? 
_refine.pdbx_data_cutoff_high_absF               ? 
_refine.pdbx_data_cutoff_low_absF                ? 
_refine.pdbx_data_cutoff_high_rms_absF           ? 
_refine.ls_d_res_low                             ? 
_refine.ls_d_res_high                            2.2 
_refine.ls_percent_reflns_obs                    ? 
_refine.ls_R_factor_obs                          0.1880000 
_refine.ls_R_factor_all                          ? 
_refine.ls_R_factor_R_work                       0.1880000 
_refine.ls_R_factor_R_free                       ? 
_refine.ls_R_factor_R_free_error                 ? 
_refine.ls_R_factor_R_free_error_details         ? 
_refine.ls_percent_reflns_R_free                 ? 
_refine.ls_number_reflns_R_free                  ? 
_refine.ls_number_parameters                     ? 
_refine.ls_number_restraints                     ? 
_refine.occupancy_min                            ? 
_refine.occupancy_max                            ? 
_refine.B_iso_mean                               ? 
_refine.aniso_B[1][1]                            ? 
_refine.aniso_B[2][2]                            ? 
_refine.aniso_B[3][3]                            ? 
_refine.aniso_B[1][2]                            ? 
_refine.aniso_B[1][3]                            ? 
_refine.aniso_B[2][3]                            ? 
_refine.solvent_model_details                    ? 
_refine.solvent_model_param_ksol                 ? 
_refine.solvent_model_param_bsol                 ? 
_refine.pdbx_ls_cross_valid_method               ? 
_refine.details                                  ? 
_refine.pdbx_starting_model                      ? 
_refine.pdbx_method_to_determine_struct          ? 
_refine.pdbx_isotropic_thermal_model             ? 
_refine.pdbx_stereochemistry_target_values       ? 
_refine.pdbx_stereochem_target_val_spec_case     ? 
_refine.pdbx_R_Free_selection_details            ? 
_refine.pdbx_overall_ESU_R                       ? 
_refine.pdbx_overall_ESU_R_Free                  ? 
_refine.overall_SU_ML                            ? 
_refine.overall_SU_B                             ? 
_refine.pdbx_refine_id                           'X-RAY DIFFRACTION' 
_refine.pdbx_diffrn_id                           1 
_refine.pdbx_TLS_residual_ADP_flag               ? 
_refine.correlation_coeff_Fo_to_Fc               ? 
_refine.correlation_coeff_Fo_to_Fc_free          ? 
_refine.pdbx_solvent_vdw_probe_radii             ? 
_refine.pdbx_solvent_ion_probe_radii             ? 
_refine.pdbx_solvent_shrinkage_radii             ? 
_refine.pdbx_overall_phase_error                 ? 
_refine.overall_SU_R_Cruickshank_DPI             ? 
_refine.pdbx_overall_SU_R_free_Cruickshank_DPI   ? 
_refine.pdbx_overall_SU_R_Blow_DPI               ? 
_refine.pdbx_overall_SU_R_free_Blow_DPI          ? 
# 
_refine_hist.pdbx_refine_id                   'X-RAY DIFFRACTION' 
_refine_hist.cycle_id                         LAST 
_refine_hist.pdbx_number_atoms_protein        1244 
_refine_hist.pdbx_number_atoms_nucleic_acid   0 
_refine_hist.pdbx_number_atoms_ligand         14 
_refine_hist.number_atoms_solvent             116 
_refine_hist.number_atoms_total               1374 
_refine_hist.d_res_high                       2.2 
_refine_hist.d_res_low                        . 
# 
loop_
_refine_ls_restr.type 
_refine_ls_restr.dev_ideal 
_refine_ls_restr.dev_ideal_target 
_refine_ls_restr.weight 
_refine_ls_restr.number 
_refine_ls_restr.pdbx_refine_id 
_refine_ls_restr.pdbx_restraint_function 
x_bond_d                0.014 ? ? ? 'X-RAY DIFFRACTION' ? 
x_bond_d_na             ?     ? ? ? 'X-RAY DIFFRACTION' ? 
x_bond_d_prot           ?     ? ? ? 'X-RAY DIFFRACTION' ? 
x_angle_d               ?     ? ? ? 'X-RAY DIFFRACTION' ? 
x_angle_d_na            ?     ? ? ? 'X-RAY DIFFRACTION' ? 
x_angle_d_prot          ?     ? ? ? 'X-RAY DIFFRACTION' ? 
x_angle_deg             2.8   ? ? ? 'X-RAY DIFFRACTION' ? 
x_angle_deg_na          ?     ? ? ? 'X-RAY DIFFRACTION' ? 
x_angle_deg_prot        ?     ? ? ? 'X-RAY DIFFRACTION' ? 
x_dihedral_angle_d      ?     ? ? ? 'X-RAY DIFFRACTION' ? 
x_dihedral_angle_d_na   ?     ? ? ? 'X-RAY DIFFRACTION' ? 
x_dihedral_angle_d_prot ?     ? ? ? 'X-RAY DIFFRACTION' ? 
x_improper_angle_d      ?     ? ? ? 'X-RAY DIFFRACTION' ? 
x_improper_angle_d_na   ?     ? ? ? 'X-RAY DIFFRACTION' ? 
x_improper_angle_d_prot ?     ? ? ? 'X-RAY DIFFRACTION' ? 
x_mcbond_it             ?     ? ? ? 'X-RAY DIFFRACTION' ? 
x_mcangle_it            ?     ? ? ? 'X-RAY DIFFRACTION' ? 
x_scbond_it             ?     ? ? ? 'X-RAY DIFFRACTION' ? 
x_scangle_it            ?     ? ? ? 'X-RAY DIFFRACTION' ? 
# 
_struct.entry_id                  1LIH 
_struct.title                     
'THREE-DIMENSIONAL STRUCTURES OF THE LIGAND-BINDING DOMAIN OF THE BACTERIAL ASPARTATE RECEPTOR WITH AND WITHOUT A LIGAND' 
_struct.pdbx_model_details        ? 
_struct.pdbx_CASP_flag            ? 
_struct.pdbx_model_type_details   ? 
# 
_struct_keywords.entry_id        1LIH 
_struct_keywords.pdbx_keywords   CHEMOTAXIS 
_struct_keywords.text            CHEMOTAXIS 
# 
loop_
_struct_asym.id 
_struct_asym.pdbx_blank_PDB_chainid_flag 
_struct_asym.pdbx_modified 
_struct_asym.entity_id 
_struct_asym.details 
A N N 1 ? 
B N N 2 ? 
C N N 3 ? 
# 
_struct_ref.id                         1 
_struct_ref.db_name                    UNP 
_struct_ref.db_code                    MCP2_SALTY 
_struct_ref.entity_id                  1 
_struct_ref.pdbx_db_accession          P02941 
_struct_ref.pdbx_align_begin           1 
_struct_ref.pdbx_seq_one_letter_code   
;MFNRIRVVTMLMMVLGVFALLQLVSGGLLFSSLQHNQQGFVISNELRQQQSELTSTWDLMLQTRINLSRSAARMMMDASN
QQSSAKTDLLQNAKTTLAQAAAHYANFKNMTPLPAMAEASANVDEKYQRYQAALAELIQFLDNGNMDAYFAQPTQGMQNA
LGEALGNYARVSENLYRQTFDQSAHDYRFAQWQLGVLAVVLVLILMVVWFGIRHALLNPLARVITHIREIASGDLTKTLT
VSGRNGIGELAGTVEHMQRSLIDTVTQVREGSDAIYSGTSEIAAGNTDLSSRTEQQASALEETAASMEQLTATVKQNADN
ARQASQLAQSASETARHGGKVVDGVVNTMHEIADSSKKIADIISVIDGIAFQTNILALNAAVEAARAGEQGRGFAVVAGE
VRNLASRSAQAAKEIKALIEDSVSRVDTGSVLVESAGETMTDIVNAVTRVADIMGEIASASDEQSRGIDQVALAVSEMDR
VTQQNASLVQESAAAAAALEEQASRLTQAVSAFRLASRPLAVNKPEMRLSVNAQSGNTPQSLAARDDANWETF
;
_struct_ref.pdbx_db_isoform            ? 
# 
_struct_ref_seq.align_id                      1 
_struct_ref_seq.ref_id                        1 
_struct_ref_seq.pdbx_PDB_id_code              1LIH 
_struct_ref_seq.pdbx_strand_id                A 
_struct_ref_seq.seq_align_beg                 2 
_struct_ref_seq.pdbx_seq_align_beg_ins_code   ? 
_struct_ref_seq.seq_align_end                 164 
_struct_ref_seq.pdbx_seq_align_end_ins_code   ? 
_struct_ref_seq.pdbx_db_accession             P02941 
_struct_ref_seq.db_align_beg                  26 
_struct_ref_seq.pdbx_db_align_beg_ins_code    ? 
_struct_ref_seq.db_align_end                  188 
_struct_ref_seq.pdbx_db_align_end_ins_code    ? 
_struct_ref_seq.pdbx_auth_seq_align_beg       26 
_struct_ref_seq.pdbx_auth_seq_align_end       188 
# 
_struct_ref_seq_dif.align_id                     1 
_struct_ref_seq_dif.pdbx_pdb_id_code             1LIH 
_struct_ref_seq_dif.mon_id                       CYS 
_struct_ref_seq_dif.pdbx_pdb_strand_id           A 
_struct_ref_seq_dif.seq_num                      12 
_struct_ref_seq_dif.pdbx_pdb_ins_code            ? 
_struct_ref_seq_dif.pdbx_seq_db_name             UNP 
_struct_ref_seq_dif.pdbx_seq_db_accession_code   P02941 
_struct_ref_seq_dif.db_mon_id                    ASN 
_struct_ref_seq_dif.pdbx_seq_db_seq_num          36 
_struct_ref_seq_dif.details                      conflict 
_struct_ref_seq_dif.pdbx_auth_seq_num            36 
_struct_ref_seq_dif.pdbx_ordinal                 1 
# 
_pdbx_struct_assembly.id                   1 
_pdbx_struct_assembly.details              author_defined_assembly 
_pdbx_struct_assembly.method_details       ? 
_pdbx_struct_assembly.oligomeric_details   monomeric 
_pdbx_struct_assembly.oligomeric_count     1 
# 
_pdbx_struct_assembly_gen.assembly_id       1 
_pdbx_struct_assembly_gen.oper_expression   1 
_pdbx_struct_assembly_gen.asym_id_list      A,B,C 
# 
_pdbx_struct_oper_list.id                   1 
_pdbx_struct_oper_list.type                 'identity operation' 
_pdbx_struct_oper_list.name                 1_555 
_pdbx_struct_oper_list.symmetry_operation   x,y,z 
_pdbx_struct_oper_list.matrix[1][1]         1.0000000000 
_pdbx_struct_oper_list.matrix[1][2]         0.0000000000 
_pdbx_struct_oper_list.matrix[1][3]         0.0000000000 
_pdbx_struct_oper_list.vector[1]            0.0000000000 
_pdbx_struct_oper_list.matrix[2][1]         0.0000000000 
_pdbx_struct_oper_list.matrix[2][2]         1.0000000000 
_pdbx_struct_oper_list.matrix[2][3]         0.0000000000 
_pdbx_struct_oper_list.vector[2]            0.0000000000 
_pdbx_struct_oper_list.matrix[3][1]         0.0000000000 
_pdbx_struct_oper_list.matrix[3][2]         0.0000000000 
_pdbx_struct_oper_list.matrix[3][3]         1.0000000000 
_pdbx_struct_oper_list.vector[3]            0.0000000000 
# 
_struct_biol.id                    1 
_struct_biol.details               
;THE FOLLOWING CRYSTALLOGRAPHIC TWO-FOLD OPERATION CAN BE
APPLIED TO THE COORDINATES IN THIS ENTRY TO OBTAIN A DIMER.

SYMTR1   1  0.000000  0.000000 -1.000000        1.00000
SYMTR2   1  0.000000 -1.000000  0.000000        1.00000
SYMTR3   1  0.166700  0.000000 -1.000000        2.00000
;
_struct_biol.pdbx_parent_biol_id   ? 
# 
loop_
_struct_conf.conf_type_id 
_struct_conf.id 
_struct_conf.pdbx_PDB_helix_id 
_struct_conf.beg_label_comp_id 
_struct_conf.beg_label_asym_id 
_struct_conf.beg_label_seq_id 
_struct_conf.pdbx_beg_PDB_ins_code 
_struct_conf.end_label_comp_id 
_struct_conf.end_label_asym_id 
_struct_conf.end_label_seq_id 
_struct_conf.pdbx_end_PDB_ins_code 
_struct_conf.beg_auth_comp_id 
_struct_conf.beg_auth_asym_id 
_struct_conf.beg_auth_seq_id 
_struct_conf.end_auth_comp_id 
_struct_conf.end_auth_asym_id 
_struct_conf.end_auth_seq_id 
_struct_conf.pdbx_PDB_helix_class 
_struct_conf.details 
_struct_conf.pdbx_PDB_helix_length 
HELX_P HELX_P1 H1 PHE A 6   ? MET A 52  ? PHE A 30  MET A 76  1 ? 47 
HELX_P HELX_P2 H2 ALA A 61  ? PRO A 88  ? ALA A 85  PRO A 112 1 ? 28 
HELX_P HELX_P3 H3 ALA A 91  ? GLY A 120 ? ALA A 115 GLY A 144 1 ? 30 
HELX_P HELX_P4 H4 ASP A 123 ? ASP A 157 ? ASP A 147 ASP A 181 1 ? 35 
# 
_struct_conf_type.id          HELX_P 
_struct_conf_type.criteria    ? 
_struct_conf_type.reference   ? 
# 
_struct_site.id                   AC1 
_struct_site.pdbx_evidence_code   Software 
_struct_site.pdbx_auth_asym_id    A 
_struct_site.pdbx_auth_comp_id    PHN 
_struct_site.pdbx_auth_seq_id     1 
_struct_site.pdbx_auth_ins_code   ? 
_struct_site.pdbx_num_residues    16 
_struct_site.details              'BINDING SITE FOR RESIDUE PHN A 1' 
# 
loop_
_struct_site_gen.id 
_struct_site_gen.site_id 
_struct_site_gen.pdbx_num_res 
_struct_site_gen.label_comp_id 
_struct_site_gen.label_asym_id 
_struct_site_gen.label_seq_id 
_struct_site_gen.pdbx_auth_ins_code 
_struct_site_gen.auth_comp_id 
_struct_site_gen.auth_asym_id 
_struct_site_gen.auth_seq_id 
_struct_site_gen.label_atom_id 
_struct_site_gen.label_alt_id 
_struct_site_gen.symmetry 
_struct_site_gen.details 
1  AC1 16 PHE A 6   ? PHE A 30  . ? 10_667 ? 
2  AC1 16 PHE A 6   ? PHE A 30  . ? 1_555  ? 
3  AC1 16 CYS A 12  ? CYS A 36  . ? 10_667 ? 
4  AC1 16 CYS A 12  ? CYS A 36  . ? 1_555  ? 
5  AC1 16 GLY A 15  ? GLY A 39  . ? 10_667 ? 
6  AC1 16 GLY A 15  ? GLY A 39  . ? 1_555  ? 
7  AC1 16 PHE A 16  ? PHE A 40  . ? 10_667 ? 
8  AC1 16 PHE A 16  ? PHE A 40  . ? 1_555  ? 
9  AC1 16 SER A 19  ? SER A 43  . ? 1_555  ? 
10 AC1 16 SER A 19  ? SER A 43  . ? 10_667 ? 
11 AC1 16 TYR A 152 ? TYR A 176 . ? 10_667 ? 
12 AC1 16 TYR A 152 ? TYR A 176 . ? 1_555  ? 
13 AC1 16 THR A 155 ? THR A 179 . ? 1_555  ? 
14 AC1 16 THR A 155 ? THR A 179 . ? 10_667 ? 
15 AC1 16 HOH C .   ? HOH A 301 . ? 10_667 ? 
16 AC1 16 HOH C .   ? HOH A 301 . ? 1_555  ? 
# 
loop_
_pdbx_validate_close_contact.id 
_pdbx_validate_close_contact.PDB_model_num 
_pdbx_validate_close_contact.auth_atom_id_1 
_pdbx_validate_close_contact.auth_asym_id_1 
_pdbx_validate_close_contact.auth_comp_id_1 
_pdbx_validate_close_contact.auth_seq_id_1 
_pdbx_validate_close_contact.PDB_ins_code_1 
_pdbx_validate_close_contact.label_alt_id_1 
_pdbx_validate_close_contact.auth_atom_id_2 
_pdbx_validate_close_contact.auth_asym_id_2 
_pdbx_validate_close_contact.auth_comp_id_2 
_pdbx_validate_close_contact.auth_seq_id_2 
_pdbx_validate_close_contact.PDB_ins_code_2 
_pdbx_validate_close_contact.label_alt_id_2 
_pdbx_validate_close_contact.dist 
1 1 O  A MET 76  ? ? N A ASP 77  ? ? 1.61 
2 1 OG A SER 172 ? ? O A HOH 418 ? ? 2.05 
# 
loop_
_pdbx_validate_rmsd_bond.id 
_pdbx_validate_rmsd_bond.PDB_model_num 
_pdbx_validate_rmsd_bond.auth_atom_id_1 
_pdbx_validate_rmsd_bond.auth_asym_id_1 
_pdbx_validate_rmsd_bond.auth_comp_id_1 
_pdbx_validate_rmsd_bond.auth_seq_id_1 
_pdbx_validate_rmsd_bond.PDB_ins_code_1 
_pdbx_validate_rmsd_bond.label_alt_id_1 
_pdbx_validate_rmsd_bond.auth_atom_id_2 
_pdbx_validate_rmsd_bond.auth_asym_id_2 
_pdbx_validate_rmsd_bond.auth_comp_id_2 
_pdbx_validate_rmsd_bond.auth_seq_id_2 
_pdbx_validate_rmsd_bond.PDB_ins_code_2 
_pdbx_validate_rmsd_bond.label_alt_id_2 
_pdbx_validate_rmsd_bond.bond_value 
_pdbx_validate_rmsd_bond.bond_target_value 
_pdbx_validate_rmsd_bond.bond_deviation 
_pdbx_validate_rmsd_bond.bond_standard_deviation 
_pdbx_validate_rmsd_bond.linker_flag 
1  1 CA  A GLY 27  ? ? C   A GLY 27  ? ? 1.631 1.514 0.117  0.016 N 
2  1 CG  A PHE 30  ? ? CD2 A PHE 30  ? ? 1.270 1.383 -0.113 0.015 N 
3  1 CE1 A PHE 30  ? ? CZ  A PHE 30  ? ? 1.245 1.369 -0.124 0.019 N 
4  1 CB  A SER 32  ? ? OG  A SER 32  ? ? 1.512 1.418 0.094  0.013 N 
5  1 CG  A HIS 35  ? ? CD2 A HIS 35  ? ? 1.427 1.354 0.073  0.009 N 
6  1 NE2 A HIS 35  ? ? CD2 A HIS 35  ? ? 1.248 1.373 -0.125 0.011 N 
7  1 CG  A PHE 40  ? ? CD2 A PHE 40  ? ? 1.484 1.383 0.101  0.015 N 
8  1 CD  A GLU 45  ? ? OE1 A GLU 45  ? ? 1.148 1.252 -0.104 0.011 N 
9  1 CD  A GLU 45  ? ? OE2 A GLU 45  ? ? 1.180 1.252 -0.072 0.011 N 
10 1 CZ  A ARG 47  ? ? NH1 A ARG 47  ? ? 1.464 1.326 0.138  0.013 N 
11 1 CA  A GLN 50  ? ? CB  A GLN 50  ? ? 1.403 1.535 -0.132 0.022 N 
12 1 CG  A TRP 57  ? ? CD2 A TRP 57  ? ? 1.300 1.432 -0.132 0.017 N 
13 1 CD1 A TRP 57  ? ? NE1 A TRP 57  ? ? 1.268 1.375 -0.107 0.017 N 
14 1 N   A MET 60  ? ? CA  A MET 60  ? ? 1.591 1.459 0.132  0.020 N 
15 1 NE  A ARG 69  ? ? CZ  A ARG 69  ? ? 1.442 1.326 0.116  0.013 N 
16 1 CA  A ALA 72  ? ? CB  A ALA 72  ? ? 1.651 1.520 0.131  0.021 N 
17 1 NE  A ARG 73  ? ? CZ  A ARG 73  ? ? 1.408 1.326 0.082  0.013 N 
18 1 CA  A MET 74  ? ? CB  A MET 74  ? ? 1.365 1.535 -0.170 0.022 N 
19 1 C   A MET 76  ? ? N   A ASP 77  ? ? 1.097 1.336 -0.239 0.023 Y 
20 1 CD  A GLN 91  ? ? OE1 A GLN 91  ? ? 1.098 1.235 -0.137 0.022 N 
21 1 CG  A GLN 99  ? ? CD  A GLN 99  ? ? 1.677 1.506 0.171  0.023 N 
22 1 N   A ALA 101 ? ? CA  A ALA 101 ? ? 1.596 1.459 0.137  0.020 N 
23 1 CG  A HIS 103 ? ? CD2 A HIS 103 ? ? 1.417 1.354 0.063  0.009 N 
24 1 NE2 A HIS 103 ? ? CD2 A HIS 103 ? ? 1.256 1.373 -0.117 0.011 N 
25 1 CG  A TYR 104 ? ? CD2 A TYR 104 ? ? 1.285 1.387 -0.102 0.013 N 
26 1 CE1 A TYR 104 ? ? CZ  A TYR 104 ? ? 1.298 1.381 -0.083 0.013 N 
27 1 CA  A ALA 119 ? ? CB  A ALA 119 ? ? 1.392 1.520 -0.128 0.021 N 
28 1 CD  A GLU 125 ? ? OE2 A GLU 125 ? ? 1.139 1.252 -0.113 0.011 N 
29 1 CE  A LYS 126 ? ? NZ  A LYS 126 ? ? 1.318 1.486 -0.168 0.025 N 
30 1 CG  A TYR 127 ? ? CD1 A TYR 127 ? ? 1.285 1.387 -0.102 0.013 N 
31 1 CE1 A TYR 127 ? ? CZ  A TYR 127 ? ? 1.299 1.381 -0.082 0.013 N 
32 1 CZ  A ARG 129 ? ? NH1 A ARG 129 ? ? 1.434 1.326 0.108  0.013 N 
33 1 CG  A TYR 130 ? ? CD1 A TYR 130 ? ? 1.287 1.387 -0.100 0.013 N 
34 1 CZ  A TYR 130 ? ? OH  A TYR 130 ? ? 1.261 1.374 -0.113 0.017 N 
35 1 CG  A GLN 131 ? ? CD  A GLN 131 ? ? 1.654 1.506 0.148  0.023 N 
36 1 N   A GLY 144 ? ? CA  A GLY 144 ? ? 1.359 1.456 -0.097 0.015 N 
37 1 CG  A TYR 149 ? ? CD2 A TYR 149 ? ? 1.484 1.387 0.097  0.013 N 
38 1 CD1 A TYR 149 ? ? CE1 A TYR 149 ? ? 1.291 1.389 -0.098 0.015 N 
39 1 CD  A PRO 153 ? ? N   A PRO 153 ? ? 1.570 1.474 0.096  0.014 N 
40 1 C   A GLY 162 ? ? O   A GLY 162 ? ? 1.333 1.232 0.101  0.016 N 
41 1 CG  A TYR 168 ? ? CD1 A TYR 168 ? ? 1.306 1.387 -0.081 0.013 N 
42 1 CE1 A TYR 176 ? ? CZ  A TYR 176 ? ? 1.283 1.381 -0.098 0.013 N 
# 
loop_
_pdbx_validate_rmsd_angle.id 
_pdbx_validate_rmsd_angle.PDB_model_num 
_pdbx_validate_rmsd_angle.auth_atom_id_1 
_pdbx_validate_rmsd_angle.auth_asym_id_1 
_pdbx_validate_rmsd_angle.auth_comp_id_1 
_pdbx_validate_rmsd_angle.auth_seq_id_1 
_pdbx_validate_rmsd_angle.PDB_ins_code_1 
_pdbx_validate_rmsd_angle.label_alt_id_1 
_pdbx_validate_rmsd_angle.auth_atom_id_2 
_pdbx_validate_rmsd_angle.auth_asym_id_2 
_pdbx_validate_rmsd_angle.auth_comp_id_2 
_pdbx_validate_rmsd_angle.auth_seq_id_2 
_pdbx_validate_rmsd_angle.PDB_ins_code_2 
_pdbx_validate_rmsd_angle.label_alt_id_2 
_pdbx_validate_rmsd_angle.auth_atom_id_3 
_pdbx_validate_rmsd_angle.auth_asym_id_3 
_pdbx_validate_rmsd_angle.auth_comp_id_3 
_pdbx_validate_rmsd_angle.auth_seq_id_3 
_pdbx_validate_rmsd_angle.PDB_ins_code_3 
_pdbx_validate_rmsd_angle.label_alt_id_3 
_pdbx_validate_rmsd_angle.angle_value 
_pdbx_validate_rmsd_angle.angle_target_value 
_pdbx_validate_rmsd_angle.angle_deviation 
_pdbx_validate_rmsd_angle.angle_standard_deviation 
_pdbx_validate_rmsd_angle.linker_flag 
1  1 CA  A MET 25  ? ? C   A MET 25  ? ? N   A GLY 26  ? ? 129.51 116.20 13.31  2.00 Y 
2  1 CA  A GLY 26  ? ? C   A GLY 26  ? ? N   A GLY 27  ? ? 128.21 116.20 12.01  2.00 Y 
3  1 CA  A GLN 37  ? ? CB  A GLN 37  ? ? CG  A GLN 37  ? ? 96.27  113.40 -17.13 2.20 N 
4  1 CB  A PHE 40  ? ? CG  A PHE 40  ? ? CD2 A PHE 40  ? ? 115.54 120.80 -5.26  0.70 N 
5  1 NH1 A ARG 47  ? ? CZ  A ARG 47  ? ? NH2 A ARG 47  ? ? 128.31 119.40 8.91   1.10 N 
6  1 NE  A ARG 47  ? ? CZ  A ARG 47  ? ? NH1 A ARG 47  ? ? 115.43 120.30 -4.87  0.50 N 
7  1 NE  A ARG 47  ? ? CZ  A ARG 47  ? ? NH2 A ARG 47  ? ? 115.97 120.30 -4.33  0.50 N 
8  1 CB  A TRP 57  ? ? CG  A TRP 57  ? ? CD2 A TRP 57  ? ? 137.02 126.60 10.42  1.30 N 
9  1 CB  A TRP 57  ? ? CG  A TRP 57  ? ? CD1 A TRP 57  ? ? 113.64 127.00 -13.36 1.30 N 
10 1 CB  A ASP 58  ? ? CG  A ASP 58  ? ? OD2 A ASP 58  ? ? 111.75 118.30 -6.55  0.90 N 
11 1 O   A LEU 61  ? ? C   A LEU 61  ? ? N   A GLN 62  ? ? 110.95 122.70 -11.75 1.60 Y 
12 1 NE  A ARG 64  ? ? CZ  A ARG 64  ? ? NH2 A ARG 64  ? ? 114.86 120.30 -5.44  0.50 N 
13 1 O   A LEU 67  ? ? C   A LEU 67  ? ? N   A SER 68  ? ? 132.35 122.70 9.65   1.60 Y 
14 1 NE  A ARG 69  ? ? CZ  A ARG 69  ? ? NH1 A ARG 69  ? ? 125.87 120.30 5.57   0.50 N 
15 1 NE  A ARG 69  ? ? CZ  A ARG 69  ? ? NH2 A ARG 69  ? ? 115.86 120.30 -4.44  0.50 N 
16 1 NE  A ARG 73  ? ? CZ  A ARG 73  ? ? NH1 A ARG 73  ? ? 117.11 120.30 -3.19  0.50 N 
17 1 O   A MET 76  ? ? C   A MET 76  ? ? N   A ASP 77  ? ? 89.93  122.70 -32.77 1.60 Y 
18 1 CA  A ASP 77  ? ? C   A ASP 77  ? ? N   A ALA 78  ? ? 97.84  117.20 -19.36 2.20 Y 
19 1 CA  A THR 87  ? ? C   A THR 87  ? ? N   A ASP 88  ? ? 140.81 117.20 23.61  2.20 Y 
20 1 O   A THR 87  ? ? C   A THR 87  ? ? N   A ASP 88  ? ? 94.73  122.70 -27.97 1.60 Y 
21 1 CB  A TYR 104 ? ? CG  A TYR 104 ? ? CD1 A TYR 104 ? ? 113.04 121.00 -7.96  0.60 N 
22 1 CG  A TYR 104 ? ? CD1 A TYR 104 ? ? CE1 A TYR 104 ? ? 112.39 121.30 -8.91  0.80 N 
23 1 CZ  A TYR 104 ? ? CE2 A TYR 104 ? ? CD2 A TYR 104 ? ? 111.38 119.80 -8.42  0.90 N 
24 1 N   A ALA 117 ? ? CA  A ALA 117 ? ? CB  A ALA 117 ? ? 98.87  110.10 -11.23 1.40 N 
25 1 CB  A TYR 127 ? ? CG  A TYR 127 ? ? CD1 A TYR 127 ? ? 116.67 121.00 -4.33  0.60 N 
26 1 NH1 A ARG 129 ? ? CZ  A ARG 129 ? ? NH2 A ARG 129 ? ? 112.52 119.40 -6.88  1.10 N 
27 1 NE  A ARG 129 ? ? CZ  A ARG 129 ? ? NH1 A ARG 129 ? ? 123.73 120.30 3.43   0.50 N 
28 1 CB  A PHE 140 ? ? CG  A PHE 140 ? ? CD2 A PHE 140 ? ? 114.80 120.80 -6.00  0.70 N 
29 1 CB  A TYR 149 ? ? CG  A TYR 149 ? ? CD1 A TYR 149 ? ? 125.42 121.00 4.42   0.60 N 
30 1 CB  A SER 172 ? ? CA  A SER 172 ? ? C   A SER 172 ? ? 97.74  110.10 -12.36 1.90 N 
31 1 CZ  A TYR 176 ? ? CE2 A TYR 176 ? ? CD2 A TYR 176 ? ? 112.20 119.80 -7.60  0.90 N 
32 1 O   A GLN 182 ? ? C   A GLN 182 ? ? N   A SER 183 ? ? 111.62 122.70 -11.08 1.60 Y 
33 1 CB  A ALA 184 ? ? CA  A ALA 184 ? ? C   A ALA 184 ? ? 98.54  110.10 -11.56 1.50 N 
# 
loop_
_pdbx_validate_torsion.id 
_pdbx_validate_torsion.PDB_model_num 
_pdbx_validate_torsion.auth_comp_id 
_pdbx_validate_torsion.auth_asym_id 
_pdbx_validate_torsion.auth_seq_id 
_pdbx_validate_torsion.PDB_ins_code 
_pdbx_validate_torsion.label_alt_id 
_pdbx_validate_torsion.phi 
_pdbx_validate_torsion.psi 
1  1 MET A 76  ? ? -78.89  40.72   
2  1 ALA A 78  ? ? 158.95  -46.42  
3  1 SER A 79  ? ? 73.65   -154.93 
4  1 ASN A 80  ? ? -169.16 108.81  
5  1 GLN A 81  ? ? 53.83   -108.96 
6  1 SER A 83  ? ? -142.50 -44.71  
7  1 SER A 84  ? ? -75.72  -78.08  
8  1 THR A 87  ? ? 115.09  -162.48 
9  1 ASP A 181 ? ? -29.30  119.25  
10 1 GLN A 182 ? ? -66.68  9.56    
# 
_pdbx_validate_peptide_omega.id               1 
_pdbx_validate_peptide_omega.PDB_model_num    1 
_pdbx_validate_peptide_omega.auth_comp_id_1   THR 
_pdbx_validate_peptide_omega.auth_asym_id_1   A 
_pdbx_validate_peptide_omega.auth_seq_id_1    87 
_pdbx_validate_peptide_omega.PDB_ins_code_1   ? 
_pdbx_validate_peptide_omega.label_alt_id_1   ? 
_pdbx_validate_peptide_omega.auth_comp_id_2   ASP 
_pdbx_validate_peptide_omega.auth_asym_id_2   A 
_pdbx_validate_peptide_omega.auth_seq_id_2    88 
_pdbx_validate_peptide_omega.PDB_ins_code_2   ? 
_pdbx_validate_peptide_omega.label_alt_id_2   ? 
_pdbx_validate_peptide_omega.omega            -123.21 
# 
loop_
_pdbx_validate_main_chain_plane.id 
_pdbx_validate_main_chain_plane.PDB_model_num 
_pdbx_validate_main_chain_plane.auth_comp_id 
_pdbx_validate_main_chain_plane.auth_asym_id 
_pdbx_validate_main_chain_plane.auth_seq_id 
_pdbx_validate_main_chain_plane.PDB_ins_code 
_pdbx_validate_main_chain_plane.label_alt_id 
_pdbx_validate_main_chain_plane.improper_torsion_angle 
1 1 ARG A 69 ? ? -11.64 
2 1 MET A 76 ? ? 35.21  
3 1 THR A 87 ? ? -13.57 
# 
_pdbx_validate_polymer_linkage.id               1 
_pdbx_validate_polymer_linkage.PDB_model_num    1 
_pdbx_validate_polymer_linkage.auth_atom_id_1   C 
_pdbx_validate_polymer_linkage.auth_asym_id_1   A 
_pdbx_validate_polymer_linkage.auth_comp_id_1   MET 
_pdbx_validate_polymer_linkage.auth_seq_id_1    76 
_pdbx_validate_polymer_linkage.PDB_ins_code_1   ? 
_pdbx_validate_polymer_linkage.label_alt_id_1   ? 
_pdbx_validate_polymer_linkage.auth_atom_id_2   N 
_pdbx_validate_polymer_linkage.auth_asym_id_2   A 
_pdbx_validate_polymer_linkage.auth_comp_id_2   ASP 
_pdbx_validate_polymer_linkage.auth_seq_id_2    77 
_pdbx_validate_polymer_linkage.PDB_ins_code_2   ? 
_pdbx_validate_polymer_linkage.label_alt_id_2   ? 
_pdbx_validate_polymer_linkage.dist             1.10 
# 
loop_
_pdbx_unobs_or_zero_occ_residues.id 
_pdbx_unobs_or_zero_occ_residues.PDB_model_num 
_pdbx_unobs_or_zero_occ_residues.polymer_flag 
_pdbx_unobs_or_zero_occ_residues.occupancy_flag 
_pdbx_unobs_or_zero_occ_residues.auth_asym_id 
_pdbx_unobs_or_zero_occ_residues.auth_comp_id 
_pdbx_unobs_or_zero_occ_residues.auth_seq_id 
_pdbx_unobs_or_zero_occ_residues.PDB_ins_code 
_pdbx_unobs_or_zero_occ_residues.label_asym_id 
_pdbx_unobs_or_zero_occ_residues.label_comp_id 
_pdbx_unobs_or_zero_occ_residues.label_seq_id 
1  1 Y 0 A ASP 77  ? A ASP 53  
2  1 Y 0 A ALA 78  ? A ALA 54  
3  1 Y 0 A SER 79  ? A SER 55  
4  1 Y 0 A ASN 80  ? A ASN 56  
5  1 Y 0 A GLN 81  ? A GLN 57  
6  1 Y 0 A GLN 82  ? A GLN 58  
7  1 Y 0 A SER 83  ? A SER 59  
8  1 Y 0 A SER 84  ? A SER 60  
9  1 Y 0 A ALA 85  ? A ALA 61  
10 1 Y 0 A LYS 86  ? A LYS 62  
11 1 Y 0 A THR 87  ? A THR 63  
12 1 Y 1 A HIS 185 ? A HIS 161 
13 1 Y 1 A ASP 186 ? A ASP 162 
14 1 Y 1 A TYR 187 ? A TYR 163 
15 1 Y 1 A ARG 188 ? A ARG 164 
# 
loop_
_chem_comp_atom.comp_id 
_chem_comp_atom.atom_id 
_chem_comp_atom.type_symbol 
_chem_comp_atom.pdbx_aromatic_flag 
_chem_comp_atom.pdbx_stereo_config 
_chem_comp_atom.pdbx_ordinal 
ALA N    N N N 1   
ALA CA   C N S 2   
ALA C    C N N 3   
ALA O    O N N 4   
ALA CB   C N N 5   
ALA OXT  O N N 6   
ALA H    H N N 7   
ALA H2   H N N 8   
ALA HA   H N N 9   
ALA HB1  H N N 10  
ALA HB2  H N N 11  
ALA HB3  H N N 12  
ALA HXT  H N N 13  
ARG N    N N N 14  
ARG CA   C N S 15  
ARG C    C N N 16  
ARG O    O N N 17  
ARG CB   C N N 18  
ARG CG   C N N 19  
ARG CD   C N N 20  
ARG NE   N N N 21  
ARG CZ   C N N 22  
ARG NH1  N N N 23  
ARG NH2  N N N 24  
ARG OXT  O N N 25  
ARG H    H N N 26  
ARG H2   H N N 27  
ARG HA   H N N 28  
ARG HB2  H N N 29  
ARG HB3  H N N 30  
ARG HG2  H N N 31  
ARG HG3  H N N 32  
ARG HD2  H N N 33  
ARG HD3  H N N 34  
ARG HE   H N N 35  
ARG HH11 H N N 36  
ARG HH12 H N N 37  
ARG HH21 H N N 38  
ARG HH22 H N N 39  
ARG HXT  H N N 40  
ASN N    N N N 41  
ASN CA   C N S 42  
ASN C    C N N 43  
ASN O    O N N 44  
ASN CB   C N N 45  
ASN CG   C N N 46  
ASN OD1  O N N 47  
ASN ND2  N N N 48  
ASN OXT  O N N 49  
ASN H    H N N 50  
ASN H2   H N N 51  
ASN HA   H N N 52  
ASN HB2  H N N 53  
ASN HB3  H N N 54  
ASN HD21 H N N 55  
ASN HD22 H N N 56  
ASN HXT  H N N 57  
ASP N    N N N 58  
ASP CA   C N S 59  
ASP C    C N N 60  
ASP O    O N N 61  
ASP CB   C N N 62  
ASP CG   C N N 63  
ASP OD1  O N N 64  
ASP OD2  O N N 65  
ASP OXT  O N N 66  
ASP H    H N N 67  
ASP H2   H N N 68  
ASP HA   H N N 69  
ASP HB2  H N N 70  
ASP HB3  H N N 71  
ASP HD2  H N N 72  
ASP HXT  H N N 73  
CYS N    N N N 74  
CYS CA   C N R 75  
CYS C    C N N 76  
CYS O    O N N 77  
CYS CB   C N N 78  
CYS SG   S N N 79  
CYS OXT  O N N 80  
CYS H    H N N 81  
CYS H2   H N N 82  
CYS HA   H N N 83  
CYS HB2  H N N 84  
CYS HB3  H N N 85  
CYS HG   H N N 86  
CYS HXT  H N N 87  
GLN N    N N N 88  
GLN CA   C N S 89  
GLN C    C N N 90  
GLN O    O N N 91  
GLN CB   C N N 92  
GLN CG   C N N 93  
GLN CD   C N N 94  
GLN OE1  O N N 95  
GLN NE2  N N N 96  
GLN OXT  O N N 97  
GLN H    H N N 98  
GLN H2   H N N 99  
GLN HA   H N N 100 
GLN HB2  H N N 101 
GLN HB3  H N N 102 
GLN HG2  H N N 103 
GLN HG3  H N N 104 
GLN HE21 H N N 105 
GLN HE22 H N N 106 
GLN HXT  H N N 107 
GLU N    N N N 108 
GLU CA   C N S 109 
GLU C    C N N 110 
GLU O    O N N 111 
GLU CB   C N N 112 
GLU CG   C N N 113 
GLU CD   C N N 114 
GLU OE1  O N N 115 
GLU OE2  O N N 116 
GLU OXT  O N N 117 
GLU H    H N N 118 
GLU H2   H N N 119 
GLU HA   H N N 120 
GLU HB2  H N N 121 
GLU HB3  H N N 122 
GLU HG2  H N N 123 
GLU HG3  H N N 124 
GLU HE2  H N N 125 
GLU HXT  H N N 126 
GLY N    N N N 127 
GLY CA   C N N 128 
GLY C    C N N 129 
GLY O    O N N 130 
GLY OXT  O N N 131 
GLY H    H N N 132 
GLY H2   H N N 133 
GLY HA2  H N N 134 
GLY HA3  H N N 135 
GLY HXT  H N N 136 
HIS N    N N N 137 
HIS CA   C N S 138 
HIS C    C N N 139 
HIS O    O N N 140 
HIS CB   C N N 141 
HIS CG   C Y N 142 
HIS ND1  N Y N 143 
HIS CD2  C Y N 144 
HIS CE1  C Y N 145 
HIS NE2  N Y N 146 
HIS OXT  O N N 147 
HIS H    H N N 148 
HIS H2   H N N 149 
HIS HA   H N N 150 
HIS HB2  H N N 151 
HIS HB3  H N N 152 
HIS HD1  H N N 153 
HIS HD2  H N N 154 
HIS HE1  H N N 155 
HIS HE2  H N N 156 
HIS HXT  H N N 157 
HOH O    O N N 158 
HOH H1   H N N 159 
HOH H2   H N N 160 
ILE N    N N N 161 
ILE CA   C N S 162 
ILE C    C N N 163 
ILE O    O N N 164 
ILE CB   C N S 165 
ILE CG1  C N N 166 
ILE CG2  C N N 167 
ILE CD1  C N N 168 
ILE OXT  O N N 169 
ILE H    H N N 170 
ILE H2   H N N 171 
ILE HA   H N N 172 
ILE HB   H N N 173 
ILE HG12 H N N 174 
ILE HG13 H N N 175 
ILE HG21 H N N 176 
ILE HG22 H N N 177 
ILE HG23 H N N 178 
ILE HD11 H N N 179 
ILE HD12 H N N 180 
ILE HD13 H N N 181 
ILE HXT  H N N 182 
LEU N    N N N 183 
LEU CA   C N S 184 
LEU C    C N N 185 
LEU O    O N N 186 
LEU CB   C N N 187 
LEU CG   C N N 188 
LEU CD1  C N N 189 
LEU CD2  C N N 190 
LEU OXT  O N N 191 
LEU H    H N N 192 
LEU H2   H N N 193 
LEU HA   H N N 194 
LEU HB2  H N N 195 
LEU HB3  H N N 196 
LEU HG   H N N 197 
LEU HD11 H N N 198 
LEU HD12 H N N 199 
LEU HD13 H N N 200 
LEU HD21 H N N 201 
LEU HD22 H N N 202 
LEU HD23 H N N 203 
LEU HXT  H N N 204 
LYS N    N N N 205 
LYS CA   C N S 206 
LYS C    C N N 207 
LYS O    O N N 208 
LYS CB   C N N 209 
LYS CG   C N N 210 
LYS CD   C N N 211 
LYS CE   C N N 212 
LYS NZ   N N N 213 
LYS OXT  O N N 214 
LYS H    H N N 215 
LYS H2   H N N 216 
LYS HA   H N N 217 
LYS HB2  H N N 218 
LYS HB3  H N N 219 
LYS HG2  H N N 220 
LYS HG3  H N N 221 
LYS HD2  H N N 222 
LYS HD3  H N N 223 
LYS HE2  H N N 224 
LYS HE3  H N N 225 
LYS HZ1  H N N 226 
LYS HZ2  H N N 227 
LYS HZ3  H N N 228 
LYS HXT  H N N 229 
MET N    N N N 230 
MET CA   C N S 231 
MET C    C N N 232 
MET O    O N N 233 
MET CB   C N N 234 
MET CG   C N N 235 
MET SD   S N N 236 
MET CE   C N N 237 
MET OXT  O N N 238 
MET H    H N N 239 
MET H2   H N N 240 
MET HA   H N N 241 
MET HB2  H N N 242 
MET HB3  H N N 243 
MET HG2  H N N 244 
MET HG3  H N N 245 
MET HE1  H N N 246 
MET HE2  H N N 247 
MET HE3  H N N 248 
MET HXT  H N N 249 
PHE N    N N N 250 
PHE CA   C N S 251 
PHE C    C N N 252 
PHE O    O N N 253 
PHE CB   C N N 254 
PHE CG   C Y N 255 
PHE CD1  C Y N 256 
PHE CD2  C Y N 257 
PHE CE1  C Y N 258 
PHE CE2  C Y N 259 
PHE CZ   C Y N 260 
PHE OXT  O N N 261 
PHE H    H N N 262 
PHE H2   H N N 263 
PHE HA   H N N 264 
PHE HB2  H N N 265 
PHE HB3  H N N 266 
PHE HD1  H N N 267 
PHE HD2  H N N 268 
PHE HE1  H N N 269 
PHE HE2  H N N 270 
PHE HZ   H N N 271 
PHE HXT  H N N 272 
PHN N1   N Y N 273 
PHN C2   C Y N 274 
PHN C3   C Y N 275 
PHN C4   C Y N 276 
PHN C4A  C Y N 277 
PHN C5   C Y N 278 
PHN C6   C Y N 279 
PHN C6A  C Y N 280 
PHN C7   C Y N 281 
PHN C8   C Y N 282 
PHN C9   C Y N 283 
PHN N10  N Y N 284 
PHN C10  C Y N 285 
PHN C1A  C Y N 286 
PHN H2   H N N 287 
PHN H3   H N N 288 
PHN H4   H N N 289 
PHN H5   H N N 290 
PHN H6   H N N 291 
PHN H7   H N N 292 
PHN H8   H N N 293 
PHN H9   H N N 294 
PRO N    N N N 295 
PRO CA   C N S 296 
PRO C    C N N 297 
PRO O    O N N 298 
PRO CB   C N N 299 
PRO CG   C N N 300 
PRO CD   C N N 301 
PRO OXT  O N N 302 
PRO H    H N N 303 
PRO HA   H N N 304 
PRO HB2  H N N 305 
PRO HB3  H N N 306 
PRO HG2  H N N 307 
PRO HG3  H N N 308 
PRO HD2  H N N 309 
PRO HD3  H N N 310 
PRO HXT  H N N 311 
SER N    N N N 312 
SER CA   C N S 313 
SER C    C N N 314 
SER O    O N N 315 
SER CB   C N N 316 
SER OG   O N N 317 
SER OXT  O N N 318 
SER H    H N N 319 
SER H2   H N N 320 
SER HA   H N N 321 
SER HB2  H N N 322 
SER HB3  H N N 323 
SER HG   H N N 324 
SER HXT  H N N 325 
THR N    N N N 326 
THR CA   C N S 327 
THR C    C N N 328 
THR O    O N N 329 
THR CB   C N R 330 
THR OG1  O N N 331 
THR CG2  C N N 332 
THR OXT  O N N 333 
THR H    H N N 334 
THR H2   H N N 335 
THR HA   H N N 336 
THR HB   H N N 337 
THR HG1  H N N 338 
THR HG21 H N N 339 
THR HG22 H N N 340 
THR HG23 H N N 341 
THR HXT  H N N 342 
TRP N    N N N 343 
TRP CA   C N S 344 
TRP C    C N N 345 
TRP O    O N N 346 
TRP CB   C N N 347 
TRP CG   C Y N 348 
TRP CD1  C Y N 349 
TRP CD2  C Y N 350 
TRP NE1  N Y N 351 
TRP CE2  C Y N 352 
TRP CE3  C Y N 353 
TRP CZ2  C Y N 354 
TRP CZ3  C Y N 355 
TRP CH2  C Y N 356 
TRP OXT  O N N 357 
TRP H    H N N 358 
TRP H2   H N N 359 
TRP HA   H N N 360 
TRP HB2  H N N 361 
TRP HB3  H N N 362 
TRP HD1  H N N 363 
TRP HE1  H N N 364 
TRP HE3  H N N 365 
TRP HZ2  H N N 366 
TRP HZ3  H N N 367 
TRP HH2  H N N 368 
TRP HXT  H N N 369 
TYR N    N N N 370 
TYR CA   C N S 371 
TYR C    C N N 372 
TYR O    O N N 373 
TYR CB   C N N 374 
TYR CG   C Y N 375 
TYR CD1  C Y N 376 
TYR CD2  C Y N 377 
TYR CE1  C Y N 378 
TYR CE2  C Y N 379 
TYR CZ   C Y N 380 
TYR OH   O N N 381 
TYR OXT  O N N 382 
TYR H    H N N 383 
TYR H2   H N N 384 
TYR HA   H N N 385 
TYR HB2  H N N 386 
TYR HB3  H N N 387 
TYR HD1  H N N 388 
TYR HD2  H N N 389 
TYR HE1  H N N 390 
TYR HE2  H N N 391 
TYR HH   H N N 392 
TYR HXT  H N N 393 
VAL N    N N N 394 
VAL CA   C N S 395 
VAL C    C N N 396 
VAL O    O N N 397 
VAL CB   C N N 398 
VAL CG1  C N N 399 
VAL CG2  C N N 400 
VAL OXT  O N N 401 
VAL H    H N N 402 
VAL H2   H N N 403 
VAL HA   H N N 404 
VAL HB   H N N 405 
VAL HG11 H N N 406 
VAL HG12 H N N 407 
VAL HG13 H N N 408 
VAL HG21 H N N 409 
VAL HG22 H N N 410 
VAL HG23 H N N 411 
VAL HXT  H N N 412 
# 
loop_
_chem_comp_bond.comp_id 
_chem_comp_bond.atom_id_1 
_chem_comp_bond.atom_id_2 
_chem_comp_bond.value_order 
_chem_comp_bond.pdbx_aromatic_flag 
_chem_comp_bond.pdbx_stereo_config 
_chem_comp_bond.pdbx_ordinal 
ALA N   CA   sing N N 1   
ALA N   H    sing N N 2   
ALA N   H2   sing N N 3   
ALA CA  C    sing N N 4   
ALA CA  CB   sing N N 5   
ALA CA  HA   sing N N 6   
ALA C   O    doub N N 7   
ALA C   OXT  sing N N 8   
ALA CB  HB1  sing N N 9   
ALA CB  HB2  sing N N 10  
ALA CB  HB3  sing N N 11  
ALA OXT HXT  sing N N 12  
ARG N   CA   sing N N 13  
ARG N   H    sing N N 14  
ARG N   H2   sing N N 15  
ARG CA  C    sing N N 16  
ARG CA  CB   sing N N 17  
ARG CA  HA   sing N N 18  
ARG C   O    doub N N 19  
ARG C   OXT  sing N N 20  
ARG CB  CG   sing N N 21  
ARG CB  HB2  sing N N 22  
ARG CB  HB3  sing N N 23  
ARG CG  CD   sing N N 24  
ARG CG  HG2  sing N N 25  
ARG CG  HG3  sing N N 26  
ARG CD  NE   sing N N 27  
ARG CD  HD2  sing N N 28  
ARG CD  HD3  sing N N 29  
ARG NE  CZ   sing N N 30  
ARG NE  HE   sing N N 31  
ARG CZ  NH1  sing N N 32  
ARG CZ  NH2  doub N N 33  
ARG NH1 HH11 sing N N 34  
ARG NH1 HH12 sing N N 35  
ARG NH2 HH21 sing N N 36  
ARG NH2 HH22 sing N N 37  
ARG OXT HXT  sing N N 38  
ASN N   CA   sing N N 39  
ASN N   H    sing N N 40  
ASN N   H2   sing N N 41  
ASN CA  C    sing N N 42  
ASN CA  CB   sing N N 43  
ASN CA  HA   sing N N 44  
ASN C   O    doub N N 45  
ASN C   OXT  sing N N 46  
ASN CB  CG   sing N N 47  
ASN CB  HB2  sing N N 48  
ASN CB  HB3  sing N N 49  
ASN CG  OD1  doub N N 50  
ASN CG  ND2  sing N N 51  
ASN ND2 HD21 sing N N 52  
ASN ND2 HD22 sing N N 53  
ASN OXT HXT  sing N N 54  
ASP N   CA   sing N N 55  
ASP N   H    sing N N 56  
ASP N   H2   sing N N 57  
ASP CA  C    sing N N 58  
ASP CA  CB   sing N N 59  
ASP CA  HA   sing N N 60  
ASP C   O    doub N N 61  
ASP C   OXT  sing N N 62  
ASP CB  CG   sing N N 63  
ASP CB  HB2  sing N N 64  
ASP CB  HB3  sing N N 65  
ASP CG  OD1  doub N N 66  
ASP CG  OD2  sing N N 67  
ASP OD2 HD2  sing N N 68  
ASP OXT HXT  sing N N 69  
CYS N   CA   sing N N 70  
CYS N   H    sing N N 71  
CYS N   H2   sing N N 72  
CYS CA  C    sing N N 73  
CYS CA  CB   sing N N 74  
CYS CA  HA   sing N N 75  
CYS C   O    doub N N 76  
CYS C   OXT  sing N N 77  
CYS CB  SG   sing N N 78  
CYS CB  HB2  sing N N 79  
CYS CB  HB3  sing N N 80  
CYS SG  HG   sing N N 81  
CYS OXT HXT  sing N N 82  
GLN N   CA   sing N N 83  
GLN N   H    sing N N 84  
GLN N   H2   sing N N 85  
GLN CA  C    sing N N 86  
GLN CA  CB   sing N N 87  
GLN CA  HA   sing N N 88  
GLN C   O    doub N N 89  
GLN C   OXT  sing N N 90  
GLN CB  CG   sing N N 91  
GLN CB  HB2  sing N N 92  
GLN CB  HB3  sing N N 93  
GLN CG  CD   sing N N 94  
GLN CG  HG2  sing N N 95  
GLN CG  HG3  sing N N 96  
GLN CD  OE1  doub N N 97  
GLN CD  NE2  sing N N 98  
GLN NE2 HE21 sing N N 99  
GLN NE2 HE22 sing N N 100 
GLN OXT HXT  sing N N 101 
GLU N   CA   sing N N 102 
GLU N   H    sing N N 103 
GLU N   H2   sing N N 104 
GLU CA  C    sing N N 105 
GLU CA  CB   sing N N 106 
GLU CA  HA   sing N N 107 
GLU C   O    doub N N 108 
GLU C   OXT  sing N N 109 
GLU CB  CG   sing N N 110 
GLU CB  HB2  sing N N 111 
GLU CB  HB3  sing N N 112 
GLU CG  CD   sing N N 113 
GLU CG  HG2  sing N N 114 
GLU CG  HG3  sing N N 115 
GLU CD  OE1  doub N N 116 
GLU CD  OE2  sing N N 117 
GLU OE2 HE2  sing N N 118 
GLU OXT HXT  sing N N 119 
GLY N   CA   sing N N 120 
GLY N   H    sing N N 121 
GLY N   H2   sing N N 122 
GLY CA  C    sing N N 123 
GLY CA  HA2  sing N N 124 
GLY CA  HA3  sing N N 125 
GLY C   O    doub N N 126 
GLY C   OXT  sing N N 127 
GLY OXT HXT  sing N N 128 
HIS N   CA   sing N N 129 
HIS N   H    sing N N 130 
HIS N   H2   sing N N 131 
HIS CA  C    sing N N 132 
HIS CA  CB   sing N N 133 
HIS CA  HA   sing N N 134 
HIS C   O    doub N N 135 
HIS C   OXT  sing N N 136 
HIS CB  CG   sing N N 137 
HIS CB  HB2  sing N N 138 
HIS CB  HB3  sing N N 139 
HIS CG  ND1  sing Y N 140 
HIS CG  CD2  doub Y N 141 
HIS ND1 CE1  doub Y N 142 
HIS ND1 HD1  sing N N 143 
HIS CD2 NE2  sing Y N 144 
HIS CD2 HD2  sing N N 145 
HIS CE1 NE2  sing Y N 146 
HIS CE1 HE1  sing N N 147 
HIS NE2 HE2  sing N N 148 
HIS OXT HXT  sing N N 149 
HOH O   H1   sing N N 150 
HOH O   H2   sing N N 151 
ILE N   CA   sing N N 152 
ILE N   H    sing N N 153 
ILE N   H2   sing N N 154 
ILE CA  C    sing N N 155 
ILE CA  CB   sing N N 156 
ILE CA  HA   sing N N 157 
ILE C   O    doub N N 158 
ILE C   OXT  sing N N 159 
ILE CB  CG1  sing N N 160 
ILE CB  CG2  sing N N 161 
ILE CB  HB   sing N N 162 
ILE CG1 CD1  sing N N 163 
ILE CG1 HG12 sing N N 164 
ILE CG1 HG13 sing N N 165 
ILE CG2 HG21 sing N N 166 
ILE CG2 HG22 sing N N 167 
ILE CG2 HG23 sing N N 168 
ILE CD1 HD11 sing N N 169 
ILE CD1 HD12 sing N N 170 
ILE CD1 HD13 sing N N 171 
ILE OXT HXT  sing N N 172 
LEU N   CA   sing N N 173 
LEU N   H    sing N N 174 
LEU N   H2   sing N N 175 
LEU CA  C    sing N N 176 
LEU CA  CB   sing N N 177 
LEU CA  HA   sing N N 178 
LEU C   O    doub N N 179 
LEU C   OXT  sing N N 180 
LEU CB  CG   sing N N 181 
LEU CB  HB2  sing N N 182 
LEU CB  HB3  sing N N 183 
LEU CG  CD1  sing N N 184 
LEU CG  CD2  sing N N 185 
LEU CG  HG   sing N N 186 
LEU CD1 HD11 sing N N 187 
LEU CD1 HD12 sing N N 188 
LEU CD1 HD13 sing N N 189 
LEU CD2 HD21 sing N N 190 
LEU CD2 HD22 sing N N 191 
LEU CD2 HD23 sing N N 192 
LEU OXT HXT  sing N N 193 
LYS N   CA   sing N N 194 
LYS N   H    sing N N 195 
LYS N   H2   sing N N 196 
LYS CA  C    sing N N 197 
LYS CA  CB   sing N N 198 
LYS CA  HA   sing N N 199 
LYS C   O    doub N N 200 
LYS C   OXT  sing N N 201 
LYS CB  CG   sing N N 202 
LYS CB  HB2  sing N N 203 
LYS CB  HB3  sing N N 204 
LYS CG  CD   sing N N 205 
LYS CG  HG2  sing N N 206 
LYS CG  HG3  sing N N 207 
LYS CD  CE   sing N N 208 
LYS CD  HD2  sing N N 209 
LYS CD  HD3  sing N N 210 
LYS CE  NZ   sing N N 211 
LYS CE  HE2  sing N N 212 
LYS CE  HE3  sing N N 213 
LYS NZ  HZ1  sing N N 214 
LYS NZ  HZ2  sing N N 215 
LYS NZ  HZ3  sing N N 216 
LYS OXT HXT  sing N N 217 
MET N   CA   sing N N 218 
MET N   H    sing N N 219 
MET N   H2   sing N N 220 
MET CA  C    sing N N 221 
MET CA  CB   sing N N 222 
MET CA  HA   sing N N 223 
MET C   O    doub N N 224 
MET C   OXT  sing N N 225 
MET CB  CG   sing N N 226 
MET CB  HB2  sing N N 227 
MET CB  HB3  sing N N 228 
MET CG  SD   sing N N 229 
MET CG  HG2  sing N N 230 
MET CG  HG3  sing N N 231 
MET SD  CE   sing N N 232 
MET CE  HE1  sing N N 233 
MET CE  HE2  sing N N 234 
MET CE  HE3  sing N N 235 
MET OXT HXT  sing N N 236 
PHE N   CA   sing N N 237 
PHE N   H    sing N N 238 
PHE N   H2   sing N N 239 
PHE CA  C    sing N N 240 
PHE CA  CB   sing N N 241 
PHE CA  HA   sing N N 242 
PHE C   O    doub N N 243 
PHE C   OXT  sing N N 244 
PHE CB  CG   sing N N 245 
PHE CB  HB2  sing N N 246 
PHE CB  HB3  sing N N 247 
PHE CG  CD1  doub Y N 248 
PHE CG  CD2  sing Y N 249 
PHE CD1 CE1  sing Y N 250 
PHE CD1 HD1  sing N N 251 
PHE CD2 CE2  doub Y N 252 
PHE CD2 HD2  sing N N 253 
PHE CE1 CZ   doub Y N 254 
PHE CE1 HE1  sing N N 255 
PHE CE2 CZ   sing Y N 256 
PHE CE2 HE2  sing N N 257 
PHE CZ  HZ   sing N N 258 
PHE OXT HXT  sing N N 259 
PHN N1  C2   doub Y N 260 
PHN N1  C1A  sing Y N 261 
PHN C2  C3   sing Y N 262 
PHN C2  H2   sing N N 263 
PHN C3  C4   doub Y N 264 
PHN C3  H3   sing N N 265 
PHN C4  C4A  sing Y N 266 
PHN C4  H4   sing N N 267 
PHN C4A C5   doub Y N 268 
PHN C4A C1A  sing Y N 269 
PHN C5  C6   sing Y N 270 
PHN C5  H5   sing N N 271 
PHN C6  C6A  doub Y N 272 
PHN C6  H6   sing N N 273 
PHN C6A C7   sing Y N 274 
PHN C6A C10  sing Y N 275 
PHN C7  C8   doub Y N 276 
PHN C7  H7   sing N N 277 
PHN C8  C9   sing Y N 278 
PHN C8  H8   sing N N 279 
PHN C9  N10  doub Y N 280 
PHN C9  H9   sing N N 281 
PHN N10 C10  sing Y N 282 
PHN C10 C1A  doub Y N 283 
PRO N   CA   sing N N 284 
PRO N   CD   sing N N 285 
PRO N   H    sing N N 286 
PRO CA  C    sing N N 287 
PRO CA  CB   sing N N 288 
PRO CA  HA   sing N N 289 
PRO C   O    doub N N 290 
PRO C   OXT  sing N N 291 
PRO CB  CG   sing N N 292 
PRO CB  HB2  sing N N 293 
PRO CB  HB3  sing N N 294 
PRO CG  CD   sing N N 295 
PRO CG  HG2  sing N N 296 
PRO CG  HG3  sing N N 297 
PRO CD  HD2  sing N N 298 
PRO CD  HD3  sing N N 299 
PRO OXT HXT  sing N N 300 
SER N   CA   sing N N 301 
SER N   H    sing N N 302 
SER N   H2   sing N N 303 
SER CA  C    sing N N 304 
SER CA  CB   sing N N 305 
SER CA  HA   sing N N 306 
SER C   O    doub N N 307 
SER C   OXT  sing N N 308 
SER CB  OG   sing N N 309 
SER CB  HB2  sing N N 310 
SER CB  HB3  sing N N 311 
SER OG  HG   sing N N 312 
SER OXT HXT  sing N N 313 
THR N   CA   sing N N 314 
THR N   H    sing N N 315 
THR N   H2   sing N N 316 
THR CA  C    sing N N 317 
THR CA  CB   sing N N 318 
THR CA  HA   sing N N 319 
THR C   O    doub N N 320 
THR C   OXT  sing N N 321 
THR CB  OG1  sing N N 322 
THR CB  CG2  sing N N 323 
THR CB  HB   sing N N 324 
THR OG1 HG1  sing N N 325 
THR CG2 HG21 sing N N 326 
THR CG2 HG22 sing N N 327 
THR CG2 HG23 sing N N 328 
THR OXT HXT  sing N N 329 
TRP N   CA   sing N N 330 
TRP N   H    sing N N 331 
TRP N   H2   sing N N 332 
TRP CA  C    sing N N 333 
TRP CA  CB   sing N N 334 
TRP CA  HA   sing N N 335 
TRP C   O    doub N N 336 
TRP C   OXT  sing N N 337 
TRP CB  CG   sing N N 338 
TRP CB  HB2  sing N N 339 
TRP CB  HB3  sing N N 340 
TRP CG  CD1  doub Y N 341 
TRP CG  CD2  sing Y N 342 
TRP CD1 NE1  sing Y N 343 
TRP CD1 HD1  sing N N 344 
TRP CD2 CE2  doub Y N 345 
TRP CD2 CE3  sing Y N 346 
TRP NE1 CE2  sing Y N 347 
TRP NE1 HE1  sing N N 348 
TRP CE2 CZ2  sing Y N 349 
TRP CE3 CZ3  doub Y N 350 
TRP CE3 HE3  sing N N 351 
TRP CZ2 CH2  doub Y N 352 
TRP CZ2 HZ2  sing N N 353 
TRP CZ3 CH2  sing Y N 354 
TRP CZ3 HZ3  sing N N 355 
TRP CH2 HH2  sing N N 356 
TRP OXT HXT  sing N N 357 
TYR N   CA   sing N N 358 
TYR N   H    sing N N 359 
TYR N   H2   sing N N 360 
TYR CA  C    sing N N 361 
TYR CA  CB   sing N N 362 
TYR CA  HA   sing N N 363 
TYR C   O    doub N N 364 
TYR C   OXT  sing N N 365 
TYR CB  CG   sing N N 366 
TYR CB  HB2  sing N N 367 
TYR CB  HB3  sing N N 368 
TYR CG  CD1  doub Y N 369 
TYR CG  CD2  sing Y N 370 
TYR CD1 CE1  sing Y N 371 
TYR CD1 HD1  sing N N 372 
TYR CD2 CE2  doub Y N 373 
TYR CD2 HD2  sing N N 374 
TYR CE1 CZ   doub Y N 375 
TYR CE1 HE1  sing N N 376 
TYR CE2 CZ   sing Y N 377 
TYR CE2 HE2  sing N N 378 
TYR CZ  OH   sing N N 379 
TYR OH  HH   sing N N 380 
TYR OXT HXT  sing N N 381 
VAL N   CA   sing N N 382 
VAL N   H    sing N N 383 
VAL N   H2   sing N N 384 
VAL CA  C    sing N N 385 
VAL CA  CB   sing N N 386 
VAL CA  HA   sing N N 387 
VAL C   O    doub N N 388 
VAL C   OXT  sing N N 389 
VAL CB  CG1  sing N N 390 
VAL CB  CG2  sing N N 391 
VAL CB  HB   sing N N 392 
VAL CG1 HG11 sing N N 393 
VAL CG1 HG12 sing N N 394 
VAL CG1 HG13 sing N N 395 
VAL CG2 HG21 sing N N 396 
VAL CG2 HG22 sing N N 397 
VAL CG2 HG23 sing N N 398 
VAL OXT HXT  sing N N 399 
# 
_atom_sites.entry_id                    1LIH 
_atom_sites.fract_transf_matrix[1][1]   -0.00961278 
_atom_sites.fract_transf_matrix[1][2]   0.00040309 
_atom_sites.fract_transf_matrix[1][3]   0.01075169 
_atom_sites.fract_transf_matrix[2][1]   -0.00387098 
_atom_sites.fract_transf_matrix[2][2]   -0.01219030 
_atom_sites.fract_transf_matrix[2][3]   0.00667676 
_atom_sites.fract_transf_matrix[3][1]   0.00476853 
_atom_sites.fract_transf_matrix[3][2]   0.00080437 
_atom_sites.fract_transf_matrix[3][3]   0.00423325 
_atom_sites.fract_transf_vector[1]      0.458714 
_atom_sites.fract_transf_vector[2]      0.487270 
_atom_sites.fract_transf_vector[3]      1.038330 
# 
_atom_sites_footnote.id     1 
_atom_sites_footnote.text   
'THR      87  - ASP      88               OMEGA = 236.79 PEPTIDE BOND DEVIATES SIGNIFICANTLY FROM TRANS CONFORMATION' 
# 
loop_
_atom_type.symbol 
C 
N 
O 
S 
# 
loop_
_atom_site.group_PDB 
_atom_site.id 
_atom_site.type_symbol 
_atom_site.label_atom_id 
_atom_site.label_alt_id 
_atom_site.label_comp_id 
_atom_site.label_asym_id 
_atom_site.label_entity_id 
_atom_site.label_seq_id 
_atom_site.pdbx_PDB_ins_code 
_atom_site.Cartn_x 
_atom_site.Cartn_y 
_atom_site.Cartn_z 
_atom_site.occupancy 
_atom_site.B_iso_or_equiv 
_atom_site.pdbx_formal_charge 
_atom_site.auth_seq_id 
_atom_site.auth_comp_id 
_atom_site.auth_asym_id 
_atom_site.auth_atom_id 
_atom_site.pdbx_PDB_model_num 
ATOM   1    N N   . MET A 1 1   ? 13.444  -23.275 9.291   1.00 54.93  ? 25  MET A N   1 
ATOM   2    C CA  . MET A 1 1   ? 13.095  -24.422 10.138  1.00 53.93  ? 25  MET A CA  1 
ATOM   3    C C   . MET A 1 1   ? 14.341  -25.263 10.074  1.00 54.72  ? 25  MET A C   1 
ATOM   4    O O   . MET A 1 1   ? 15.408  -24.656 9.703   1.00 53.56  ? 25  MET A O   1 
ATOM   5    C CB  . MET A 1 1   ? 11.864  -25.104 9.528   1.00 50.00  ? 25  MET A CB  1 
ATOM   6    C CG  . MET A 1 1   ? 10.767  -24.136 9.162   1.00 47.92  ? 25  MET A CG  1 
ATOM   7    S SD  . MET A 1 1   ? 9.988   -23.199 10.570  1.00 54.79  ? 25  MET A SD  1 
ATOM   8    C CE  . MET A 1 1   ? 9.384   -21.713 9.787   1.00 33.68  ? 25  MET A CE  1 
ATOM   9    N N   . GLY A 1 2   ? 14.510  -26.551 10.366  1.00 56.22  ? 26  GLY A N   1 
ATOM   10   C CA  . GLY A 1 2   ? 15.854  -27.133 10.381  1.00 63.61  ? 26  GLY A CA  1 
ATOM   11   C C   . GLY A 1 2   ? 15.713  -28.704 10.129  1.00 69.13  ? 26  GLY A C   1 
ATOM   12   O O   . GLY A 1 2   ? 14.548  -28.984 9.841   1.00 73.22  ? 26  GLY A O   1 
ATOM   13   N N   . GLY A 1 3   ? 16.666  -29.635 10.177  1.00 69.16  ? 27  GLY A N   1 
ATOM   14   C CA  . GLY A 1 3   ? 16.257  -31.022 9.957   1.00 68.23  ? 27  GLY A CA  1 
ATOM   15   C C   . GLY A 1 3   ? 15.777  -31.299 8.423   1.00 67.86  ? 27  GLY A C   1 
ATOM   16   O O   . GLY A 1 3   ? 16.310  -30.753 7.483   1.00 66.34  ? 27  GLY A O   1 
ATOM   17   N N   . LEU A 1 4   ? 14.890  -32.174 8.407   1.00 68.57  ? 28  LEU A N   1 
ATOM   18   C CA  . LEU A 1 4   ? 14.251  -32.763 7.113   1.00 67.25  ? 28  LEU A CA  1 
ATOM   19   C C   . LEU A 1 4   ? 13.186  -31.939 6.503   1.00 62.67  ? 28  LEU A C   1 
ATOM   20   O O   . LEU A 1 4   ? 11.908  -32.228 6.579   1.00 61.45  ? 28  LEU A O   1 
ATOM   21   C CB  . LEU A 1 4   ? 13.851  -34.218 7.368   1.00 69.57  ? 28  LEU A CB  1 
ATOM   22   C CG  . LEU A 1 4   ? 13.261  -34.555 8.806   1.00 71.39  ? 28  LEU A CG  1 
ATOM   23   C CD1 . LEU A 1 4   ? 11.783  -34.688 8.606   1.00 75.29  ? 28  LEU A CD1 1 
ATOM   24   C CD2 . LEU A 1 4   ? 13.825  -35.827 9.357   1.00 70.39  ? 28  LEU A CD2 1 
ATOM   25   N N   . LEU A 1 5   ? 13.498  -30.908 5.719   1.00 55.26  ? 29  LEU A N   1 
ATOM   26   C CA  . LEU A 1 5   ? 12.586  -29.947 5.147   1.00 49.76  ? 29  LEU A CA  1 
ATOM   27   C C   . LEU A 1 5   ? 11.977  -30.339 3.781   1.00 47.63  ? 29  LEU A C   1 
ATOM   28   O O   . LEU A 1 5   ? 10.684  -30.138 3.546   1.00 45.91  ? 29  LEU A O   1 
ATOM   29   C CB  . LEU A 1 5   ? 13.156  -28.593 4.955   1.00 45.97  ? 29  LEU A CB  1 
ATOM   30   C CG  . LEU A 1 5   ? 13.602  -27.586 6.152   1.00 41.56  ? 29  LEU A CG  1 
ATOM   31   C CD1 . LEU A 1 5   ? 12.349  -27.503 7.075   1.00 39.58  ? 29  LEU A CD1 1 
ATOM   32   C CD2 . LEU A 1 5   ? 14.758  -28.073 6.832   1.00 37.90  ? 29  LEU A CD2 1 
ATOM   33   N N   . PHE A 1 6   ? 12.833  -30.691 2.884   1.00 44.29  ? 30  PHE A N   1 
ATOM   34   C CA  . PHE A 1 6   ? 12.475  -31.029 1.461   1.00 40.43  ? 30  PHE A CA  1 
ATOM   35   C C   . PHE A 1 6   ? 12.765  -32.474 0.937   1.00 41.55  ? 30  PHE A C   1 
ATOM   36   O O   . PHE A 1 6   ? 13.918  -32.970 1.150   1.00 40.86  ? 30  PHE A O   1 
ATOM   37   C CB  . PHE A 1 6   ? 13.306  -30.129 0.590   1.00 33.10  ? 30  PHE A CB  1 
ATOM   38   C CG  . PHE A 1 6   ? 12.945  -28.665 0.955   1.00 29.77  ? 30  PHE A CG  1 
ATOM   39   C CD1 . PHE A 1 6   ? 11.719  -28.152 0.584   1.00 30.13  ? 30  PHE A CD1 1 
ATOM   40   C CD2 . PHE A 1 6   ? 13.798  -27.899 1.503   1.00 27.73  ? 30  PHE A CD2 1 
ATOM   41   C CE1 . PHE A 1 6   ? 11.413  -26.809 0.911   1.00 29.00  ? 30  PHE A CE1 1 
ATOM   42   C CE2 . PHE A 1 6   ? 13.496  -26.635 1.838   1.00 27.85  ? 30  PHE A CE2 1 
ATOM   43   C CZ  . PHE A 1 6   ? 12.222  -26.080 1.514   1.00 23.96  ? 30  PHE A CZ  1 
ATOM   44   N N   . SER A 1 7   ? 11.828  -33.065 0.214   1.00 42.00  ? 31  SER A N   1 
ATOM   45   C CA  . SER A 1 7   ? 11.947  -34.408 -0.373  1.00 38.91  ? 31  SER A CA  1 
ATOM   46   C C   . SER A 1 7   ? 13.035  -34.469 -1.351  1.00 35.88  ? 31  SER A C   1 
ATOM   47   O O   . SER A 1 7   ? 13.604  -35.576 -1.545  1.00 41.93  ? 31  SER A O   1 
ATOM   48   C CB  . SER A 1 7   ? 10.698  -34.851 -1.008  1.00 42.23  ? 31  SER A CB  1 
ATOM   49   O OG  . SER A 1 7   ? 9.636   -34.515 -0.111  1.00 51.42  ? 31  SER A OG  1 
ATOM   50   N N   . SER A 1 8   ? 13.462  -33.419 -2.032  1.00 31.79  ? 32  SER A N   1 
ATOM   51   C CA  . SER A 1 8   ? 14.441  -33.579 -3.103  1.00 30.04  ? 32  SER A CA  1 
ATOM   52   C C   . SER A 1 8   ? 14.818  -32.146 -3.564  1.00 26.22  ? 32  SER A C   1 
ATOM   53   O O   . SER A 1 8   ? 14.076  -31.190 -3.147  1.00 29.59  ? 32  SER A O   1 
ATOM   54   C CB  . SER A 1 8   ? 13.715  -34.242 -4.285  1.00 31.09  ? 32  SER A CB  1 
ATOM   55   O OG  . SER A 1 8   ? 12.231  -33.954 -4.322  1.00 37.28  ? 32  SER A OG  1 
ATOM   56   N N   . LEU A 1 9   ? 15.801  -32.044 -4.456  1.00 22.87  ? 33  LEU A N   1 
ATOM   57   C CA  . LEU A 1 9   ? 16.124  -30.831 -5.050  1.00 24.58  ? 33  LEU A CA  1 
ATOM   58   C C   . LEU A 1 9   ? 14.847  -30.284 -5.840  1.00 26.15  ? 33  LEU A C   1 
ATOM   59   O O   . LEU A 1 9   ? 14.535  -29.204 -5.695  1.00 28.83  ? 33  LEU A O   1 
ATOM   60   C CB  . LEU A 1 9   ? 17.213  -30.892 -6.028  1.00 23.37  ? 33  LEU A CB  1 
ATOM   61   C CG  . LEU A 1 9   ? 18.174  -29.783 -6.140  1.00 26.07  ? 33  LEU A CG  1 
ATOM   62   C CD1 . LEU A 1 9   ? 18.794  -29.841 -7.536  1.00 28.62  ? 33  LEU A CD1 1 
ATOM   63   C CD2 . LEU A 1 9   ? 17.702  -28.418 -5.868  1.00 23.43  ? 33  LEU A CD2 1 
ATOM   64   N N   . GLN A 1 10  ? 14.185  -31.139 -6.586  1.00 26.96  ? 34  GLN A N   1 
ATOM   65   C CA  . GLN A 1 10  ? 12.913  -30.672 -7.369  1.00 22.95  ? 34  GLN A CA  1 
ATOM   66   C C   . GLN A 1 10  ? 11.948  -30.078 -6.394  1.00 19.68  ? 34  GLN A C   1 
ATOM   67   O O   . GLN A 1 10  ? 11.485  -28.880 -6.573  1.00 19.79  ? 34  GLN A O   1 
ATOM   68   C CB  . GLN A 1 10  ? 12.440  -31.865 -8.026  1.00 23.00  ? 34  GLN A CB  1 
ATOM   69   C CG  . GLN A 1 10  ? 11.586  -31.455 -9.269  1.00 26.05  ? 34  GLN A CG  1 
ATOM   70   C CD  . GLN A 1 10  ? 10.136  -30.963 -8.910  1.00 27.94  ? 34  GLN A CD  1 
ATOM   71   O OE1 . GLN A 1 10  ? 9.604   -31.510 -7.970  1.00 33.38  ? 34  GLN A OE1 1 
ATOM   72   N NE2 . GLN A 1 10  ? 9.542   -29.888 -9.389  1.00 26.59  ? 34  GLN A NE2 1 
ATOM   73   N N   . HIS A 1 11  ? 11.658  -30.744 -5.232  1.00 19.66  ? 35  HIS A N   1 
ATOM   74   C CA  . HIS A 1 11  ? 10.742  -30.191 -4.306  1.00 21.55  ? 35  HIS A CA  1 
ATOM   75   C C   . HIS A 1 11  ? 11.253  -28.881 -3.712  1.00 21.95  ? 35  HIS A C   1 
ATOM   76   O O   . HIS A 1 11  ? 10.531  -27.909 -3.556  1.00 22.31  ? 35  HIS A O   1 
ATOM   77   C CB  . HIS A 1 11  ? 10.526  -31.217 -3.159  1.00 24.73  ? 35  HIS A CB  1 
ATOM   78   C CG  . HIS A 1 11  ? 9.474   -30.698 -2.072  1.00 27.47  ? 35  HIS A CG  1 
ATOM   79   N ND1 . HIS A 1 11  ? 8.271   -30.161 -2.237  1.00 31.73  ? 35  HIS A ND1 1 
ATOM   80   C CD2 . HIS A 1 11  ? 9.697   -30.735 -0.662  1.00 32.55  ? 35  HIS A CD2 1 
ATOM   81   C CE1 . HIS A 1 11  ? 7.774   -29.908 -1.017  1.00 35.77  ? 35  HIS A CE1 1 
ATOM   82   N NE2 . HIS A 1 11  ? 8.691   -30.266 -0.091  1.00 33.41  ? 35  HIS A NE2 1 
ATOM   83   N N   . CYS A 1 12  ? 12.638  -28.744 -3.409  1.00 25.57  ? 36  CYS A N   1 
ATOM   84   C CA  . CYS A 1 12  ? 13.154  -27.512 -2.808  1.00 23.81  ? 36  CYS A CA  1 
ATOM   85   C C   . CYS A 1 12  ? 13.016  -26.377 -3.811  1.00 22.20  ? 36  CYS A C   1 
ATOM   86   O O   . CYS A 1 12  ? 12.409  -25.386 -3.553  1.00 25.25  ? 36  CYS A O   1 
ATOM   87   C CB  . CYS A 1 12  ? 14.570  -27.772 -2.462  1.00 23.08  ? 36  CYS A CB  1 
ATOM   88   S SG  . CYS A 1 12  ? 15.198  -26.433 -1.299  1.00 23.72  ? 36  CYS A SG  1 
ATOM   89   N N   . GLN A 1 13  ? 13.518  -26.708 -5.023  1.00 22.23  ? 37  GLN A N   1 
ATOM   90   C CA  . GLN A 1 13  ? 13.434  -25.694 -6.066  1.00 25.18  ? 37  GLN A CA  1 
ATOM   91   C C   . GLN A 1 13  ? 12.001  -25.196 -6.437  1.00 25.55  ? 37  GLN A C   1 
ATOM   92   O O   . GLN A 1 13  ? 11.795  -24.025 -6.664  1.00 28.11  ? 37  GLN A O   1 
ATOM   93   C CB  . GLN A 1 13  ? 14.054  -26.347 -7.349  1.00 30.71  ? 37  GLN A CB  1 
ATOM   94   C CG  . GLN A 1 13  ? 14.864  -25.122 -7.786  1.00 43.19  ? 37  GLN A CG  1 
ATOM   95   C CD  . GLN A 1 13  ? 15.611  -25.320 -9.063  1.00 49.73  ? 37  GLN A CD  1 
ATOM   96   O OE1 . GLN A 1 13  ? 16.888  -25.623 -9.026  1.00 55.47  ? 37  GLN A OE1 1 
ATOM   97   N NE2 . GLN A 1 13  ? 15.056  -25.150 -10.123 1.00 53.34  ? 37  GLN A NE2 1 
ATOM   98   N N   . GLN A 1 14  ? 11.028  -26.147 -6.341  1.00 24.79  ? 38  GLN A N   1 
ATOM   99   C CA  . GLN A 1 14  ? 9.673   -25.746 -6.544  1.00 23.31  ? 38  GLN A CA  1 
ATOM   100  C C   . GLN A 1 14  ? 9.214   -24.784 -5.502  1.00 23.36  ? 38  GLN A C   1 
ATOM   101  O O   . GLN A 1 14  ? 8.649   -23.764 -5.767  1.00 23.58  ? 38  GLN A O   1 
ATOM   102  C CB  . GLN A 1 14  ? 8.865   -27.060 -6.565  1.00 22.27  ? 38  GLN A CB  1 
ATOM   103  C CG  . GLN A 1 14  ? 7.369   -26.955 -6.791  1.00 19.61  ? 38  GLN A CG  1 
ATOM   104  C CD  . GLN A 1 14  ? 6.825   -28.373 -6.853  1.00 21.75  ? 38  GLN A CD  1 
ATOM   105  O OE1 . GLN A 1 14  ? 6.122   -28.819 -5.977  1.00 26.60  ? 38  GLN A OE1 1 
ATOM   106  N NE2 . GLN A 1 14  ? 7.101   -29.076 -7.975  1.00 22.04  ? 38  GLN A NE2 1 
ATOM   107  N N   . GLY A 1 15  ? 9.591   -25.025 -4.226  1.00 25.99  ? 39  GLY A N   1 
ATOM   108  C CA  . GLY A 1 15  ? 9.187   -24.183 -3.224  1.00 23.62  ? 39  GLY A CA  1 
ATOM   109  C C   . GLY A 1 15  ? 9.923   -22.851 -3.360  1.00 22.14  ? 39  GLY A C   1 
ATOM   110  O O   . GLY A 1 15  ? 9.427   -21.762 -3.008  1.00 27.64  ? 39  GLY A O   1 
ATOM   111  N N   . PHE A 1 16  ? 11.166  -22.766 -3.832  1.00 21.90  ? 40  PHE A N   1 
ATOM   112  C CA  . PHE A 1 16  ? 11.836  -21.494 -4.119  1.00 22.07  ? 40  PHE A CA  1 
ATOM   113  C C   . PHE A 1 16  ? 11.140  -20.686 -5.142  1.00 20.54  ? 40  PHE A C   1 
ATOM   114  O O   . PHE A 1 16  ? 10.889  -19.465 -4.856  1.00 22.07  ? 40  PHE A O   1 
ATOM   115  C CB  . PHE A 1 16  ? 13.311  -21.712 -4.559  1.00 21.19  ? 40  PHE A CB  1 
ATOM   116  C CG  . PHE A 1 16  ? 13.957  -20.464 -5.051  1.00 21.05  ? 40  PHE A CG  1 
ATOM   117  C CD1 . PHE A 1 16  ? 14.521  -19.526 -4.211  1.00 18.00  ? 40  PHE A CD1 1 
ATOM   118  C CD2 . PHE A 1 16  ? 13.980  -20.294 -6.525  1.00 24.44  ? 40  PHE A CD2 1 
ATOM   119  C CE1 . PHE A 1 16  ? 15.008  -18.336 -4.749  1.00 20.22  ? 40  PHE A CE1 1 
ATOM   120  C CE2 . PHE A 1 16  ? 14.588  -19.163 -6.953  1.00 22.50  ? 40  PHE A CE2 1 
ATOM   121  C CZ  . PHE A 1 16  ? 14.987  -18.204 -6.168  1.00 23.72  ? 40  PHE A CZ  1 
ATOM   122  N N   . VAL A 1 17  ? 10.775  -21.198 -6.287  1.00 21.02  ? 41  VAL A N   1 
ATOM   123  C CA  . VAL A 1 17  ? 10.128  -20.431 -7.359  1.00 19.54  ? 41  VAL A CA  1 
ATOM   124  C C   . VAL A 1 17  ? 8.776   -19.680 -6.923  1.00 17.05  ? 41  VAL A C   1 
ATOM   125  O O   . VAL A 1 17  ? 8.686   -18.490 -7.048  1.00 20.43  ? 41  VAL A O   1 
ATOM   126  C CB  . VAL A 1 17  ? 9.848   -21.459 -8.502  1.00 18.85  ? 41  VAL A CB  1 
ATOM   127  C CG1 . VAL A 1 17  ? 9.092   -20.791 -9.667  1.00 21.04  ? 41  VAL A CG1 1 
ATOM   128  C CG2 . VAL A 1 17  ? 11.110  -21.954 -9.120  1.00 13.58  ? 41  VAL A CG2 1 
ATOM   129  N N   . ILE A 1 18  ? 7.975   -20.383 -6.124  1.00 17.20  ? 42  ILE A N   1 
ATOM   130  C CA  . ILE A 1 18  ? 6.707   -19.809 -5.512  1.00 13.28  ? 42  ILE A CA  1 
ATOM   131  C C   . ILE A 1 18  ? 7.129   -18.826 -4.521  1.00 14.44  ? 42  ILE A C   1 
ATOM   132  O O   . ILE A 1 18  ? 6.624   -17.667 -4.644  1.00 19.67  ? 42  ILE A O   1 
ATOM   133  C CB  . ILE A 1 18  ? 6.035   -20.992 -4.767  1.00 12.53  ? 42  ILE A CB  1 
ATOM   134  C CG1 . ILE A 1 18  ? 5.448   -21.953 -5.813  1.00 12.68  ? 42  ILE A CG1 1 
ATOM   135  C CG2 . ILE A 1 18  ? 4.833   -20.358 -4.005  1.00 8.81   ? 42  ILE A CG2 1 
ATOM   136  C CD1 . ILE A 1 18  ? 4.831   -23.257 -5.106  1.00 12.81  ? 42  ILE A CD1 1 
ATOM   137  N N   . SER A 1 19  ? 7.990   -19.063 -3.556  1.00 15.55  ? 43  SER A N   1 
ATOM   138  C CA  . SER A 1 19  ? 8.369   -18.118 -2.509  1.00 16.61  ? 43  SER A CA  1 
ATOM   139  C C   . SER A 1 19  ? 9.064   -16.912 -3.049  1.00 15.62  ? 43  SER A C   1 
ATOM   140  O O   . SER A 1 19  ? 8.798   -15.784 -2.491  1.00 17.92  ? 43  SER A O   1 
ATOM   141  C CB  . SER A 1 19  ? 9.363   -18.574 -1.417  1.00 20.32  ? 43  SER A CB  1 
ATOM   142  O OG  . SER A 1 19  ? 8.876   -19.764 -0.877  1.00 37.98  ? 43  SER A OG  1 
ATOM   143  N N   . ASN A 1 20  ? 9.834   -17.087 -4.120  1.00 12.85  ? 44  ASN A N   1 
ATOM   144  C CA  . ASN A 1 20  ? 10.530  -15.881 -4.659  1.00 17.84  ? 44  ASN A CA  1 
ATOM   145  C C   . ASN A 1 20  ? 9.545   -14.902 -5.391  1.00 22.53  ? 44  ASN A C   1 
ATOM   146  O O   . ASN A 1 20  ? 9.808   -13.732 -5.200  1.00 26.43  ? 44  ASN A O   1 
ATOM   147  C CB  . ASN A 1 20  ? 11.533  -16.358 -5.698  1.00 16.96  ? 44  ASN A CB  1 
ATOM   148  C CG  . ASN A 1 20  ? 12.326  -15.235 -6.333  1.00 17.55  ? 44  ASN A CG  1 
ATOM   149  O OD1 . ASN A 1 20  ? 12.328  -15.080 -7.546  1.00 22.13  ? 44  ASN A OD1 1 
ATOM   150  N ND2 . ASN A 1 20  ? 12.939  -14.339 -5.540  1.00 14.36  ? 44  ASN A ND2 1 
ATOM   151  N N   . GLU A 1 21  ? 8.505   -15.329 -6.026  1.00 25.63  ? 45  GLU A N   1 
ATOM   152  C CA  . GLU A 1 21  ? 7.390   -14.464 -6.590  1.00 23.30  ? 45  GLU A CA  1 
ATOM   153  C C   . GLU A 1 21  ? 6.656   -13.831 -5.410  1.00 22.55  ? 45  GLU A C   1 
ATOM   154  O O   . GLU A 1 21  ? 6.425   -12.595 -5.384  1.00 23.62  ? 45  GLU A O   1 
ATOM   155  C CB  . GLU A 1 21  ? 6.350   -15.233 -7.398  1.00 26.64  ? 45  GLU A CB  1 
ATOM   156  C CG  . GLU A 1 21  ? 6.537   -15.085 -8.817  1.00 29.38  ? 45  GLU A CG  1 
ATOM   157  C CD  . GLU A 1 21  ? 6.383   -13.704 -9.379  1.00 30.95  ? 45  GLU A CD  1 
ATOM   158  O OE1 . GLU A 1 21  ? 5.308   -13.304 -9.425  1.00 36.79  ? 45  GLU A OE1 1 
ATOM   159  O OE2 . GLU A 1 21  ? 7.357   -13.093 -9.647  1.00 27.71  ? 45  GLU A OE2 1 
ATOM   160  N N   . LEU A 1 22  ? 6.234   -14.619 -4.549  1.00 19.24  ? 46  LEU A N   1 
ATOM   161  C CA  . LEU A 1 22  ? 5.511   -14.145 -3.352  1.00 21.84  ? 46  LEU A CA  1 
ATOM   162  C C   . LEU A 1 22  ? 6.199   -13.014 -2.687  1.00 23.35  ? 46  LEU A C   1 
ATOM   163  O O   . LEU A 1 22  ? 5.587   -11.945 -2.438  1.00 26.82  ? 46  LEU A O   1 
ATOM   164  C CB  . LEU A 1 22  ? 5.278   -15.273 -2.402  1.00 20.79  ? 46  LEU A CB  1 
ATOM   165  C CG  . LEU A 1 22  ? 3.882   -15.836 -2.141  1.00 21.65  ? 46  LEU A CG  1 
ATOM   166  C CD1 . LEU A 1 22  ? 3.262   -16.067 -3.524  1.00 27.81  ? 46  LEU A CD1 1 
ATOM   167  C CD2 . LEU A 1 22  ? 3.944   -17.213 -1.476  1.00 15.74  ? 46  LEU A CD2 1 
ATOM   168  N N   . ARG A 1 23  ? 7.486   -13.135 -2.461  1.00 23.95  ? 47  ARG A N   1 
ATOM   169  C CA  . ARG A 1 23  ? 8.278   -12.168 -1.883  1.00 21.78  ? 47  ARG A CA  1 
ATOM   170  C C   . ARG A 1 23  ? 8.265   -10.832 -2.595  1.00 19.80  ? 47  ARG A C   1 
ATOM   171  O O   . ARG A 1 23  ? 8.237   -9.744  -1.825  1.00 24.24  ? 47  ARG A O   1 
ATOM   172  C CB  . ARG A 1 23  ? 9.737   -12.732 -1.766  1.00 19.75  ? 47  ARG A CB  1 
ATOM   173  C CG  . ARG A 1 23  ? 10.557  -11.820 -0.974  1.00 24.59  ? 47  ARG A CG  1 
ATOM   174  C CD  . ARG A 1 23  ? 11.872  -12.347 -1.174  1.00 31.38  ? 47  ARG A CD  1 
ATOM   175  N NE  . ARG A 1 23  ? 12.820  -11.575 -0.262  1.00 31.68  ? 47  ARG A NE  1 
ATOM   176  C CZ  . ARG A 1 23  ? 13.655  -10.666 -0.666  1.00 37.69  ? 47  ARG A CZ  1 
ATOM   177  N NH1 . ARG A 1 23  ? 13.622  -10.376 -2.101  1.00 31.67  ? 47  ARG A NH1 1 
ATOM   178  N NH2 . ARG A 1 23  ? 14.358  -10.026 0.310   1.00 39.61  ? 47  ARG A NH2 1 
ATOM   179  N N   . GLN A 1 24  ? 8.378   -10.918 -3.886  1.00 21.00  ? 48  GLN A N   1 
ATOM   180  C CA  . GLN A 1 24  ? 8.513   -9.707  -4.741  1.00 23.86  ? 48  GLN A CA  1 
ATOM   181  C C   . GLN A 1 24  ? 7.157   -8.965  -4.773  1.00 25.04  ? 48  GLN A C   1 
ATOM   182  O O   . GLN A 1 24  ? 7.156   -7.690  -4.542  1.00 27.60  ? 48  GLN A O   1 
ATOM   183  C CB  . GLN A 1 24  ? 8.785   -10.077 -6.158  1.00 24.48  ? 48  GLN A CB  1 
ATOM   184  C CG  . GLN A 1 24  ? 10.186  -10.528 -6.470  1.00 38.15  ? 48  GLN A CG  1 
ATOM   185  C CD  . GLN A 1 24  ? 10.299  -10.956 -7.934  1.00 45.79  ? 48  GLN A CD  1 
ATOM   186  O OE1 . GLN A 1 24  ? 9.737   -10.366 -8.831  1.00 52.40  ? 48  GLN A OE1 1 
ATOM   187  N NE2 . GLN A 1 24  ? 10.960  -12.067 -8.231  1.00 48.03  ? 48  GLN A NE2 1 
ATOM   188  N N   . GLN A 1 25  ? 6.099   -9.739  -4.852  1.00 19.21  ? 49  GLN A N   1 
ATOM   189  C CA  . GLN A 1 25  ? 4.762   -9.236  -4.858  1.00 21.11  ? 49  GLN A CA  1 
ATOM   190  C C   . GLN A 1 25  ? 4.436   -8.491  -3.688  1.00 21.77  ? 49  GLN A C   1 
ATOM   191  O O   . GLN A 1 25  ? 4.211   -7.335  -3.654  1.00 22.51  ? 49  GLN A O   1 
ATOM   192  C CB  . GLN A 1 25  ? 3.821   -10.331 -5.007  1.00 23.13  ? 49  GLN A CB  1 
ATOM   193  C CG  . GLN A 1 25  ? 3.586   -10.476 -6.606  1.00 27.36  ? 49  GLN A CG  1 
ATOM   194  C CD  . GLN A 1 25  ? 2.879   -11.621 -7.009  1.00 26.66  ? 49  GLN A CD  1 
ATOM   195  O OE1 . GLN A 1 25  ? 2.935   -12.180 -8.147  1.00 32.29  ? 49  GLN A OE1 1 
ATOM   196  N NE2 . GLN A 1 25  ? 1.969   -12.082 -6.132  1.00 26.81  ? 49  GLN A NE2 1 
ATOM   197  N N   . GLN A 1 26  ? 4.618   -9.248  -2.568  1.00 19.54  ? 50  GLN A N   1 
ATOM   198  C CA  . GLN A 1 26  ? 4.536   -8.624  -1.176  1.00 18.65  ? 50  GLN A CA  1 
ATOM   199  C C   . GLN A 1 26  ? 5.470   -7.449  -1.035  1.00 20.39  ? 50  GLN A C   1 
ATOM   200  O O   . GLN A 1 26  ? 5.125   -6.476  -0.358  1.00 23.17  ? 50  GLN A O   1 
ATOM   201  C CB  . GLN A 1 26  ? 4.761   -9.683  -0.284  1.00 24.25  ? 50  GLN A CB  1 
ATOM   202  C CG  . GLN A 1 26  ? 4.483   -9.234  1.125   1.00 30.90  ? 50  GLN A CG  1 
ATOM   203  C CD  . GLN A 1 26  ? 3.172   -9.973  1.561   1.00 37.86  ? 50  GLN A CD  1 
ATOM   204  O OE1 . GLN A 1 26  ? 3.236   -11.098 1.940   1.00 43.74  ? 50  GLN A OE1 1 
ATOM   205  N NE2 . GLN A 1 26  ? 2.139   -9.195  1.632   1.00 32.98  ? 50  GLN A NE2 1 
ATOM   206  N N   . SER A 1 27  ? 6.764   -7.406  -1.555  1.00 17.99  ? 51  SER A N   1 
ATOM   207  C CA  . SER A 1 27  ? 7.650   -6.189  -1.367  1.00 21.42  ? 51  SER A CA  1 
ATOM   208  C C   . SER A 1 27  ? 6.928   -4.975  -1.966  1.00 18.91  ? 51  SER A C   1 
ATOM   209  O O   . SER A 1 27  ? 6.881   -3.991  -1.392  1.00 23.15  ? 51  SER A O   1 
ATOM   210  C CB  . SER A 1 27  ? 8.968   -6.211  -2.140  1.00 25.90  ? 51  SER A CB  1 
ATOM   211  O OG  . SER A 1 27  ? 9.739   -7.126  -1.416  1.00 40.94  ? 51  SER A OG  1 
ATOM   212  N N   . GLU A 1 28  ? 6.330   -5.185  -3.142  1.00 20.06  ? 52  GLU A N   1 
ATOM   213  C CA  . GLU A 1 28  ? 5.706   -4.054  -3.835  1.00 22.03  ? 52  GLU A CA  1 
ATOM   214  C C   . GLU A 1 28  ? 4.466   -3.536  -3.010  1.00 21.66  ? 52  GLU A C   1 
ATOM   215  O O   . GLU A 1 28  ? 4.308   -2.319  -2.826  1.00 25.02  ? 52  GLU A O   1 
ATOM   216  C CB  . GLU A 1 28  ? 5.355   -4.471  -5.250  1.00 20.88  ? 52  GLU A CB  1 
ATOM   217  C CG  . GLU A 1 28  ? 6.686   -4.651  -6.006  1.00 24.46  ? 52  GLU A CG  1 
ATOM   218  C CD  . GLU A 1 28  ? 7.713   -3.481  -5.969  1.00 28.99  ? 52  GLU A CD  1 
ATOM   219  O OE1 . GLU A 1 28  ? 7.326   -2.390  -6.449  1.00 33.78  ? 52  GLU A OE1 1 
ATOM   220  O OE2 . GLU A 1 28  ? 8.860   -3.556  -5.593  1.00 33.20  ? 52  GLU A OE2 1 
ATOM   221  N N   . LEU A 1 29  ? 3.583   -4.403  -2.558  1.00 22.38  ? 53  LEU A N   1 
ATOM   222  C CA  . LEU A 1 29  ? 2.447   -4.048  -1.820  1.00 25.21  ? 53  LEU A CA  1 
ATOM   223  C C   . LEU A 1 29  ? 2.775   -3.313  -0.439  1.00 26.10  ? 53  LEU A C   1 
ATOM   224  O O   . LEU A 1 29  ? 2.121   -2.282  -0.133  1.00 28.47  ? 53  LEU A O   1 
ATOM   225  C CB  . LEU A 1 29  ? 1.565   -5.255  -1.540  1.00 28.57  ? 53  LEU A CB  1 
ATOM   226  C CG  . LEU A 1 29  ? 0.839   -5.918  -2.722  1.00 28.88  ? 53  LEU A CG  1 
ATOM   227  C CD1 . LEU A 1 29  ? 0.088   -7.003  -2.144  1.00 28.99  ? 53  LEU A CD1 1 
ATOM   228  C CD2 . LEU A 1 29  ? 0.013   -4.882  -3.407  1.00 30.54  ? 53  LEU A CD2 1 
ATOM   229  N N   . THR A 1 30  ? 3.772   -3.858  0.195   1.00 26.15  ? 54  THR A N   1 
ATOM   230  C CA  . THR A 1 30  ? 4.254   -3.327  1.442   1.00 24.53  ? 54  THR A CA  1 
ATOM   231  C C   . THR A 1 30  ? 4.703   -1.913  1.139   1.00 21.22  ? 54  THR A C   1 
ATOM   232  O O   . THR A 1 30  ? 4.265   -0.935  1.921   1.00 21.82  ? 54  THR A O   1 
ATOM   233  C CB  . THR A 1 30  ? 5.367   -4.193  2.006   1.00 26.85  ? 54  THR A CB  1 
ATOM   234  O OG1 . THR A 1 30  ? 4.644   -5.342  2.331   1.00 29.65  ? 54  THR A OG1 1 
ATOM   235  C CG2 . THR A 1 30  ? 6.100   -3.609  3.196   1.00 25.21  ? 54  THR A CG2 1 
ATOM   236  N N   . SER A 1 31  ? 5.510   -1.630  0.177   1.00 19.41  ? 55  SER A N   1 
ATOM   237  C CA  . SER A 1 31  ? 5.966   -0.295  -0.117  1.00 21.99  ? 55  SER A CA  1 
ATOM   238  C C   . SER A 1 31  ? 4.808   0.533   -0.625  1.00 21.42  ? 55  SER A C   1 
ATOM   239  O O   . SER A 1 31  ? 4.880   1.790   -0.236  1.00 20.92  ? 55  SER A O   1 
ATOM   240  C CB  . SER A 1 31  ? 6.975   -0.258  -1.261  1.00 26.14  ? 55  SER A CB  1 
ATOM   241  O OG  . SER A 1 31  ? 7.994   -1.129  -1.062  1.00 32.08  ? 55  SER A OG  1 
ATOM   242  N N   . THR A 1 32  ? 3.817   0.063   -1.308  1.00 21.31  ? 56  THR A N   1 
ATOM   243  C CA  . THR A 1 32  ? 2.731   0.873   -1.657  1.00 21.83  ? 56  THR A CA  1 
ATOM   244  C C   . THR A 1 32  ? 1.923   1.272   -0.350  1.00 18.60  ? 56  THR A C   1 
ATOM   245  O O   . THR A 1 32  ? 1.604   2.432   -0.212  1.00 23.05  ? 56  THR A O   1 
ATOM   246  C CB  . THR A 1 32  ? 1.669   0.081   -2.672  1.00 22.70  ? 56  THR A CB  1 
ATOM   247  O OG1 . THR A 1 32  ? 2.463   -0.412  -3.710  1.00 25.63  ? 56  THR A OG1 1 
ATOM   248  C CG2 . THR A 1 32  ? 0.583   0.890   -3.021  1.00 21.29  ? 56  THR A CG2 1 
ATOM   249  N N   . TRP A 1 33  ? 1.622   0.423   0.623   1.00 16.90  ? 57  TRP A N   1 
ATOM   250  C CA  . TRP A 1 33  ? 0.906   0.818   1.828   1.00 15.13  ? 57  TRP A CA  1 
ATOM   251  C C   . TRP A 1 33  ? 1.720   1.809   2.612   1.00 16.98  ? 57  TRP A C   1 
ATOM   252  O O   . TRP A 1 33  ? 1.180   2.861   3.019   1.00 17.26  ? 57  TRP A O   1 
ATOM   253  C CB  . TRP A 1 33  ? 0.721   -0.351  2.730   1.00 14.41  ? 57  TRP A CB  1 
ATOM   254  C CG  . TRP A 1 33  ? -0.306  -0.150  3.849   1.00 19.95  ? 57  TRP A CG  1 
ATOM   255  C CD1 . TRP A 1 33  ? 0.131   -0.592  5.094   1.00 18.47  ? 57  TRP A CD1 1 
ATOM   256  C CD2 . TRP A 1 33  ? -1.523  0.294   3.955   1.00 24.28  ? 57  TRP A CD2 1 
ATOM   257  N NE1 . TRP A 1 33  ? -0.828  -0.418  5.905   1.00 22.14  ? 57  TRP A NE1 1 
ATOM   258  C CE2 . TRP A 1 33  ? -1.875  0.168   5.319   1.00 22.59  ? 57  TRP A CE2 1 
ATOM   259  C CE3 . TRP A 1 33  ? -2.550  0.894   3.107   1.00 22.72  ? 57  TRP A CE3 1 
ATOM   260  C CZ2 . TRP A 1 33  ? -3.027  0.421   5.860   1.00 20.96  ? 57  TRP A CZ2 1 
ATOM   261  C CZ3 . TRP A 1 33  ? -3.757  1.267   3.687   1.00 18.75  ? 57  TRP A CZ3 1 
ATOM   262  C CH2 . TRP A 1 33  ? -4.053  1.021   5.013   1.00 17.95  ? 57  TRP A CH2 1 
ATOM   263  N N   . ASP A 1 34  ? 2.948   1.548   2.696   1.00 19.42  ? 58  ASP A N   1 
ATOM   264  C CA  . ASP A 1 34  ? 3.817   2.418   3.441   1.00 18.84  ? 58  ASP A CA  1 
ATOM   265  C C   . ASP A 1 34  ? 3.871   3.816   2.878   1.00 15.68  ? 58  ASP A C   1 
ATOM   266  O O   . ASP A 1 34  ? 3.690   4.767   3.610   1.00 19.00  ? 58  ASP A O   1 
ATOM   267  C CB  . ASP A 1 34  ? 5.210   1.793   3.407   1.00 19.14  ? 58  ASP A CB  1 
ATOM   268  C CG  . ASP A 1 34  ? 6.473   2.672   3.945   1.00 26.94  ? 58  ASP A CG  1 
ATOM   269  O OD1 . ASP A 1 34  ? 6.291   3.622   4.678   1.00 21.04  ? 58  ASP A OD1 1 
ATOM   270  O OD2 . ASP A 1 34  ? 7.502   2.227   3.580   1.00 31.93  ? 58  ASP A OD2 1 
ATOM   271  N N   . LEU A 1 35  ? 4.008   4.005   1.506   1.00 20.87  ? 59  LEU A N   1 
ATOM   272  C CA  . LEU A 1 35  ? 4.020   5.365   1.000   1.00 18.77  ? 59  LEU A CA  1 
ATOM   273  C C   . LEU A 1 35  ? 2.675   5.947   0.986   1.00 20.84  ? 59  LEU A C   1 
ATOM   274  O O   . LEU A 1 35  ? 2.695   7.237   0.955   1.00 25.13  ? 59  LEU A O   1 
ATOM   275  C CB  . LEU A 1 35  ? 4.640   5.305   -0.396  1.00 21.68  ? 59  LEU A CB  1 
ATOM   276  C CG  . LEU A 1 35  ? 6.157   5.466   -0.720  1.00 24.26  ? 59  LEU A CG  1 
ATOM   277  C CD1 . LEU A 1 35  ? 7.115   5.828   0.495   1.00 19.17  ? 59  LEU A CD1 1 
ATOM   278  C CD2 . LEU A 1 35  ? 6.692   4.154   -1.309  1.00 23.86  ? 59  LEU A CD2 1 
ATOM   279  N N   . MET A 1 36  ? 1.641   5.197   1.112   1.00 20.02  ? 60  MET A N   1 
ATOM   280  C CA  . MET A 1 36  ? 0.199   5.863   1.192   1.00 17.62  ? 60  MET A CA  1 
ATOM   281  C C   . MET A 1 36  ? -0.036  6.350   2.545   1.00 17.84  ? 60  MET A C   1 
ATOM   282  O O   . MET A 1 36  ? -0.440  7.436   2.794   1.00 19.32  ? 60  MET A O   1 
ATOM   283  C CB  . MET A 1 36  ? -0.772  4.824   0.829   1.00 21.35  ? 60  MET A CB  1 
ATOM   284  C CG  . MET A 1 36  ? -0.797  4.694   -0.771  1.00 18.12  ? 60  MET A CG  1 
ATOM   285  S SD  . MET A 1 36  ? -1.859  3.318   -1.203  1.00 23.24  ? 60  MET A SD  1 
ATOM   286  C CE  . MET A 1 36  ? -3.210  4.224   -1.979  1.00 23.99  ? 60  MET A CE  1 
ATOM   287  N N   . LEU A 1 37  ? 0.397   5.647   3.609   1.00 20.75  ? 61  LEU A N   1 
ATOM   288  C CA  . LEU A 1 37  ? 0.370   6.151   4.962   1.00 17.97  ? 61  LEU A CA  1 
ATOM   289  C C   . LEU A 1 37  ? 1.255   7.367   5.150   1.00 19.65  ? 61  LEU A C   1 
ATOM   290  O O   . LEU A 1 37  ? 0.953   8.378   5.771   1.00 25.23  ? 61  LEU A O   1 
ATOM   291  C CB  . LEU A 1 37  ? 0.815   4.948   5.871   1.00 21.12  ? 61  LEU A CB  1 
ATOM   292  C CG  . LEU A 1 37  ? -0.254  4.090   6.528   1.00 21.30  ? 61  LEU A CG  1 
ATOM   293  C CD1 . LEU A 1 37  ? -1.506  3.978   5.598   1.00 16.45  ? 61  LEU A CD1 1 
ATOM   294  C CD2 . LEU A 1 37  ? 0.353   2.856   7.024   1.00 18.33  ? 61  LEU A CD2 1 
ATOM   295  N N   . GLN A 1 38  ? 2.500   7.451   4.678   1.00 18.91  ? 62  GLN A N   1 
ATOM   296  C CA  . GLN A 1 38  ? 3.313   8.686   4.708   1.00 16.81  ? 62  GLN A CA  1 
ATOM   297  C C   . GLN A 1 38  ? 2.689   9.818   4.015   1.00 18.44  ? 62  GLN A C   1 
ATOM   298  O O   . GLN A 1 38  ? 2.766   10.994  4.412   1.00 18.92  ? 62  GLN A O   1 
ATOM   299  C CB  . GLN A 1 38  ? 4.710   8.567   4.102   1.00 15.03  ? 62  GLN A CB  1 
ATOM   300  C CG  . GLN A 1 38  ? 5.542   7.452   4.794   1.00 15.14  ? 62  GLN A CG  1 
ATOM   301  C CD  . GLN A 1 38  ? 6.884   7.452   4.227   1.00 24.27  ? 62  GLN A CD  1 
ATOM   302  O OE1 . GLN A 1 38  ? 7.621   8.445   3.918   1.00 24.57  ? 62  GLN A OE1 1 
ATOM   303  N NE2 . GLN A 1 38  ? 7.416   6.229   4.097   1.00 25.23  ? 62  GLN A NE2 1 
ATOM   304  N N   . THR A 1 39  ? 1.889   9.514   2.847   1.00 21.82  ? 63  THR A N   1 
ATOM   305  C CA  . THR A 1 39  ? 1.179   10.569  2.265   1.00 17.65  ? 63  THR A CA  1 
ATOM   306  C C   . THR A 1 39  ? 0.062   11.026  3.201   1.00 16.94  ? 63  THR A C   1 
ATOM   307  O O   . THR A 1 39  ? 0.061   12.302  3.432   1.00 17.74  ? 63  THR A O   1 
ATOM   308  C CB  . THR A 1 39  ? 0.490   10.023  1.019   1.00 17.47  ? 63  THR A CB  1 
ATOM   309  O OG1 . THR A 1 39  ? 1.516   9.569   0.185   1.00 18.68  ? 63  THR A OG1 1 
ATOM   310  C CG2 . THR A 1 39  ? -0.341  11.138  0.326   1.00 18.05  ? 63  THR A CG2 1 
ATOM   311  N N   . ARG A 1 40  ? -0.756  10.221  3.802   1.00 15.02  ? 64  ARG A N   1 
ATOM   312  C CA  . ARG A 1 40  ? -1.825  10.637  4.692   1.00 14.32  ? 64  ARG A CA  1 
ATOM   313  C C   . ARG A 1 40  ? -1.275  11.481  5.802   1.00 16.34  ? 64  ARG A C   1 
ATOM   314  O O   . ARG A 1 40  ? -1.772  12.570  6.155   1.00 16.88  ? 64  ARG A O   1 
ATOM   315  C CB  . ARG A 1 40  ? -2.448  9.412   5.389   1.00 12.34  ? 64  ARG A CB  1 
ATOM   316  C CG  . ARG A 1 40  ? -3.554  9.712   6.343   1.00 17.75  ? 64  ARG A CG  1 
ATOM   317  C CD  . ARG A 1 40  ? -4.997  9.687   5.611   1.00 19.20  ? 64  ARG A CD  1 
ATOM   318  N NE  . ARG A 1 40  ? -6.078  10.262  6.483   1.00 23.96  ? 64  ARG A NE  1 
ATOM   319  C CZ  . ARG A 1 40  ? -6.939  9.418   7.140   1.00 21.31  ? 64  ARG A CZ  1 
ATOM   320  N NH1 . ARG A 1 40  ? -6.701  8.103   7.123   1.00 20.31  ? 64  ARG A NH1 1 
ATOM   321  N NH2 . ARG A 1 40  ? -7.885  10.027  7.853   1.00 17.16  ? 64  ARG A NH2 1 
ATOM   322  N N   . ILE A 1 41  ? -0.083  11.111  6.418   1.00 11.52  ? 65  ILE A N   1 
ATOM   323  C CA  . ILE A 1 41  ? 0.572   11.793  7.441   1.00 15.76  ? 65  ILE A CA  1 
ATOM   324  C C   . ILE A 1 41  ? 1.004   13.104  6.942   1.00 11.90  ? 65  ILE A C   1 
ATOM   325  O O   . ILE A 1 41  ? 0.530   14.216  7.500   1.00 14.56  ? 65  ILE A O   1 
ATOM   326  C CB  . ILE A 1 41  ? 1.887   11.022  7.996   1.00 18.08  ? 65  ILE A CB  1 
ATOM   327  C CG1 . ILE A 1 41  ? 1.429   9.775   8.749   1.00 19.13  ? 65  ILE A CG1 1 
ATOM   328  C CG2 . ILE A 1 41  ? 2.714   11.855  8.797   1.00 19.62  ? 65  ILE A CG2 1 
ATOM   329  C CD1 . ILE A 1 41  ? 2.575   8.766   9.068   1.00 17.56  ? 65  ILE A CD1 1 
ATOM   330  N N   . ASN A 1 42  ? 1.707   13.208  5.893   1.00 13.02  ? 66  ASN A N   1 
ATOM   331  C CA  . ASN A 1 42  ? 2.024   14.501  5.291   1.00 17.02  ? 66  ASN A CA  1 
ATOM   332  C C   . ASN A 1 42  ? 0.818   15.370  4.831   1.00 20.71  ? 66  ASN A C   1 
ATOM   333  O O   . ASN A 1 42  ? 1.029   16.572  4.602   1.00 25.86  ? 66  ASN A O   1 
ATOM   334  C CB  . ASN A 1 42  ? 2.888   14.322  4.117   1.00 19.13  ? 66  ASN A CB  1 
ATOM   335  C CG  . ASN A 1 42  ? 4.243   13.920  4.320   1.00 23.36  ? 66  ASN A CG  1 
ATOM   336  O OD1 . ASN A 1 42  ? 4.903   14.522  5.352   1.00 30.55  ? 66  ASN A OD1 1 
ATOM   337  N ND2 . ASN A 1 42  ? 4.839   13.001  3.586   1.00 23.01  ? 66  ASN A ND2 1 
ATOM   338  N N   . LEU A 1 43  ? -0.378  14.894  4.616   1.00 22.28  ? 67  LEU A N   1 
ATOM   339  C CA  . LEU A 1 43  ? -1.556  15.707  4.370   1.00 21.48  ? 67  LEU A CA  1 
ATOM   340  C C   . LEU A 1 43  ? -2.004  16.259  5.715   1.00 21.11  ? 67  LEU A C   1 
ATOM   341  O O   . LEU A 1 43  ? -2.346  17.396  5.647   1.00 24.01  ? 67  LEU A O   1 
ATOM   342  C CB  . LEU A 1 43  ? -2.562  14.804  3.784   1.00 23.72  ? 67  LEU A CB  1 
ATOM   343  C CG  . LEU A 1 43  ? -2.856  14.859  2.217   1.00 22.62  ? 67  LEU A CG  1 
ATOM   344  C CD1 . LEU A 1 43  ? -1.733  15.596  1.519   1.00 24.17  ? 67  LEU A CD1 1 
ATOM   345  C CD2 . LEU A 1 43  ? -2.982  13.382  1.694   1.00 22.42  ? 67  LEU A CD2 1 
ATOM   346  N N   . SER A 1 44  ? -2.091  15.346  6.695   1.00 23.02  ? 68  SER A N   1 
ATOM   347  C CA  . SER A 1 44  ? -2.364  15.716  8.112   1.00 24.93  ? 68  SER A CA  1 
ATOM   348  C C   . SER A 1 44  ? -1.534  16.801  8.627   1.00 26.39  ? 68  SER A C   1 
ATOM   349  O O   . SER A 1 44  ? -2.039  17.717  9.257   1.00 25.72  ? 68  SER A O   1 
ATOM   350  C CB  . SER A 1 44  ? -2.077  14.457  8.974   1.00 27.08  ? 68  SER A CB  1 
ATOM   351  O OG  . SER A 1 44  ? -3.276  13.728  9.045   1.00 31.63  ? 68  SER A OG  1 
ATOM   352  N N   . ARG A 1 45  ? -0.146  16.850  8.471   1.00 25.70  ? 69  ARG A N   1 
ATOM   353  C CA  . ARG A 1 45  ? 0.639   17.897  9.041   1.00 27.10  ? 69  ARG A CA  1 
ATOM   354  C C   . ARG A 1 45  ? 0.468   19.176  8.282   1.00 27.57  ? 69  ARG A C   1 
ATOM   355  O O   . ARG A 1 45  ? 0.203   20.303  8.839   1.00 25.52  ? 69  ARG A O   1 
ATOM   356  C CB  . ARG A 1 45  ? 2.081   17.571  9.132   1.00 28.73  ? 69  ARG A CB  1 
ATOM   357  C CG  . ARG A 1 45  ? 2.353   16.120  9.337   1.00 26.28  ? 69  ARG A CG  1 
ATOM   358  C CD  . ARG A 1 45  ? 3.806   15.978  9.618   1.00 30.42  ? 69  ARG A CD  1 
ATOM   359  N NE  . ARG A 1 45  ? 4.645   16.116  8.410   1.00 33.82  ? 69  ARG A NE  1 
ATOM   360  C CZ  . ARG A 1 45  ? 5.867   16.868  8.545   1.00 38.23  ? 69  ARG A CZ  1 
ATOM   361  N NH1 . ARG A 1 45  ? 6.269   17.495  9.626   1.00 40.72  ? 69  ARG A NH1 1 
ATOM   362  N NH2 . ARG A 1 45  ? 6.571   16.972  7.496   1.00 43.17  ? 69  ARG A NH2 1 
ATOM   363  N N   . SER A 1 46  ? 0.159   19.138  6.983   1.00 28.14  ? 70  SER A N   1 
ATOM   364  C CA  . SER A 1 46  ? -0.122  20.317  6.131   1.00 28.01  ? 70  SER A CA  1 
ATOM   365  C C   . SER A 1 46  ? -1.347  20.929  6.686   1.00 26.83  ? 70  SER A C   1 
ATOM   366  O O   . SER A 1 46  ? -1.356  22.031  7.195   1.00 27.18  ? 70  SER A O   1 
ATOM   367  C CB  . SER A 1 46  ? -0.179  19.991  4.603   1.00 31.57  ? 70  SER A CB  1 
ATOM   368  O OG  . SER A 1 46  ? 0.992   19.501  4.087   1.00 40.56  ? 70  SER A OG  1 
ATOM   369  N N   . ALA A 1 47  ? -2.453  20.196  6.654   1.00 22.90  ? 71  ALA A N   1 
ATOM   370  C CA  . ALA A 1 47  ? -3.783  20.630  7.124   1.00 22.21  ? 71  ALA A CA  1 
ATOM   371  C C   . ALA A 1 47  ? -3.535  21.210  8.625   1.00 26.84  ? 71  ALA A C   1 
ATOM   372  O O   . ALA A 1 47  ? -4.142  22.200  8.883   1.00 28.60  ? 71  ALA A O   1 
ATOM   373  C CB  . ALA A 1 47  ? -4.738  19.440  7.245   1.00 17.73  ? 71  ALA A CB  1 
ATOM   374  N N   . ALA A 1 48  ? -2.760  20.556  9.529   1.00 26.12  ? 72  ALA A N   1 
ATOM   375  C CA  . ALA A 1 48  ? -2.744  21.098  10.826  1.00 26.56  ? 72  ALA A CA  1 
ATOM   376  C C   . ALA A 1 48  ? -2.058  22.471  10.736  1.00 25.08  ? 72  ALA A C   1 
ATOM   377  O O   . ALA A 1 48  ? -2.562  23.386  11.367  1.00 23.71  ? 72  ALA A O   1 
ATOM   378  C CB  . ALA A 1 48  ? -1.785  20.183  11.810  1.00 24.56  ? 72  ALA A CB  1 
ATOM   379  N N   . ARG A 1 49  ? -1.007  22.633  9.995   1.00 24.28  ? 73  ARG A N   1 
ATOM   380  C CA  . ARG A 1 49  ? -0.430  23.909  9.812   1.00 30.46  ? 73  ARG A CA  1 
ATOM   381  C C   . ARG A 1 49  ? -1.392  24.911  9.287   1.00 33.39  ? 73  ARG A C   1 
ATOM   382  O O   . ARG A 1 49  ? -1.571  26.114  9.733   1.00 35.81  ? 73  ARG A O   1 
ATOM   383  C CB  . ARG A 1 49  ? 0.828   23.747  8.897   1.00 32.48  ? 73  ARG A CB  1 
ATOM   384  C CG  . ARG A 1 49  ? 1.898   23.184  9.689   1.00 41.45  ? 73  ARG A CG  1 
ATOM   385  C CD  . ARG A 1 49  ? 3.088   22.708  8.910   1.00 50.85  ? 73  ARG A CD  1 
ATOM   386  N NE  . ARG A 1 49  ? 3.712   21.577  9.604   1.00 62.41  ? 73  ARG A NE  1 
ATOM   387  C CZ  . ARG A 1 49  ? 5.099   21.373  9.736   1.00 66.52  ? 73  ARG A CZ  1 
ATOM   388  N NH1 . ARG A 1 49  ? 5.911   22.258  9.125   1.00 69.43  ? 73  ARG A NH1 1 
ATOM   389  N NH2 . ARG A 1 49  ? 5.552   20.343  10.365  1.00 63.33  ? 73  ARG A NH2 1 
ATOM   390  N N   . MET A 1 50  ? -2.205  24.513  8.389   1.00 34.08  ? 74  MET A N   1 
ATOM   391  C CA  . MET A 1 50  ? -3.227  25.374  7.723   1.00 32.80  ? 74  MET A CA  1 
ATOM   392  C C   . MET A 1 50  ? -4.114  25.871  8.863   1.00 32.90  ? 74  MET A C   1 
ATOM   393  O O   . MET A 1 50  ? -4.498  26.971  8.851   1.00 35.55  ? 74  MET A O   1 
ATOM   394  C CB  . MET A 1 50  ? -3.886  24.773  6.690   1.00 36.22  ? 74  MET A CB  1 
ATOM   395  C CG  . MET A 1 50  ? -3.041  24.831  5.490   1.00 35.65  ? 74  MET A CG  1 
ATOM   396  S SD  . MET A 1 50  ? -4.041  24.092  4.159   1.00 40.73  ? 74  MET A SD  1 
ATOM   397  C CE  . MET A 1 50  ? -2.656  23.197  3.477   1.00 35.02  ? 74  MET A CE  1 
ATOM   398  N N   . MET A 1 51  ? -4.474  24.882  9.694   1.00 31.87  ? 75  MET A N   1 
ATOM   399  C CA  . MET A 1 51  ? -5.428  25.318  10.685  1.00 34.86  ? 75  MET A CA  1 
ATOM   400  C C   . MET A 1 51  ? -4.878  26.162  11.796  1.00 37.59  ? 75  MET A C   1 
ATOM   401  O O   . MET A 1 51  ? -5.659  26.749  12.564  1.00 40.63  ? 75  MET A O   1 
ATOM   402  C CB  . MET A 1 51  ? -6.117  24.032  11.234  1.00 40.98  ? 75  MET A CB  1 
ATOM   403  C CG  . MET A 1 51  ? -7.077  23.418  10.305  1.00 45.04  ? 75  MET A CG  1 
ATOM   404  S SD  . MET A 1 51  ? -7.708  22.021  11.281  1.00 54.56  ? 75  MET A SD  1 
ATOM   405  C CE  . MET A 1 51  ? -9.292  22.732  11.514  1.00 48.35  ? 75  MET A CE  1 
ATOM   406  N N   . MET A 1 52  ? -3.565  26.317  11.941  1.00 40.22  ? 76  MET A N   1 
ATOM   407  C CA  . MET A 1 52  ? -3.137  27.220  12.941  1.00 42.58  ? 76  MET A CA  1 
ATOM   408  C C   . MET A 1 52  ? -3.226  28.664  12.529  1.00 44.53  ? 76  MET A C   1 
ATOM   409  O O   . MET A 1 52  ? -2.456  29.169  11.803  1.00 50.07  ? 76  MET A O   1 
ATOM   410  C CB  . MET A 1 52  ? -1.722  26.960  13.286  1.00 37.21  ? 76  MET A CB  1 
ATOM   411  C CG  . MET A 1 52  ? -1.589  25.904  14.281  1.00 36.02  ? 76  MET A CG  1 
ATOM   412  S SD  . MET A 1 52  ? 0.152   25.591  14.269  1.00 38.95  ? 76  MET A SD  1 
ATOM   413  C CE  . MET A 1 52  ? 0.116   23.858  13.930  1.00 36.91  ? 76  MET A CE  1 
ATOM   414  N N   . ASP A 1 53  ? -4.052  29.106  11.959  0.00 0.00   ? 77  ASP A N   1 
ATOM   415  C CA  . ASP A 1 53  ? -3.845  30.300  11.263  0.00 0.00   ? 77  ASP A CA  1 
ATOM   416  C C   . ASP A 1 53  ? -3.799  31.621  11.905  0.00 0.00   ? 77  ASP A C   1 
ATOM   417  O O   . ASP A 1 53  ? -4.046  31.927  13.069  0.00 0.00   ? 77  ASP A O   1 
ATOM   418  C CB  . ASP A 1 53  ? -5.018  30.343  10.213  0.00 0.00   ? 77  ASP A CB  1 
ATOM   419  C CG  . ASP A 1 53  ? -4.250  30.499  8.847   0.00 0.00   ? 77  ASP A CG  1 
ATOM   420  O OD1 . ASP A 1 53  ? -3.564  29.665  8.469   0.00 0.00   ? 77  ASP A OD1 1 
ATOM   421  O OD2 . ASP A 1 53  ? -4.380  31.564  8.318   0.00 0.00   ? 77  ASP A OD2 1 
ATOM   422  N N   . ALA A 1 54  ? -3.065  32.263  10.957  0.00 0.00   ? 78  ALA A N   1 
ATOM   423  C CA  . ALA A 1 54  ? -2.466  33.561  10.979  0.00 0.00   ? 78  ALA A CA  1 
ATOM   424  C C   . ALA A 1 54  ? -1.431  33.280  9.867   0.00 0.00   ? 78  ALA A C   1 
ATOM   425  O O   . ALA A 1 54  ? -1.168  34.012  8.959   0.00 0.00   ? 78  ALA A O   1 
ATOM   426  C CB  . ALA A 1 54  ? -1.814  33.990  12.289  0.00 0.00   ? 78  ALA A CB  1 
ATOM   427  N N   . SER A 1 55  ? -0.755  32.020  10.054  0.00 0.00   ? 79  SER A N   1 
ATOM   428  C CA  . SER A 1 55  ? 0.167   31.388  9.136   0.00 0.00   ? 79  SER A CA  1 
ATOM   429  C C   . SER A 1 55  ? 1.530   32.093  9.119   0.00 0.00   ? 79  SER A C   1 
ATOM   430  O O   . SER A 1 55  ? 1.982   32.681  10.152  0.00 0.00   ? 79  SER A O   1 
ATOM   431  C CB  . SER A 1 55  ? -0.417  31.272  7.688   0.00 0.00   ? 79  SER A CB  1 
ATOM   432  O OG  . SER A 1 55  ? -0.739  29.962  7.356   0.00 0.00   ? 79  SER A OG  1 
ATOM   433  N N   . ASN A 1 56  ? 2.295   31.998  8.039   0.00 0.00   ? 80  ASN A N   1 
ATOM   434  C CA  . ASN A 1 56  ? 3.592   32.644  7.873   0.00 0.00   ? 80  ASN A CA  1 
ATOM   435  C C   . ASN A 1 56  ? 3.853   32.432  6.439   0.00 0.00   ? 80  ASN A C   1 
ATOM   436  O O   . ASN A 1 56  ? 3.983   31.270  6.041   0.00 0.00   ? 80  ASN A O   1 
ATOM   437  C CB  . ASN A 1 56  ? 4.723   31.881  8.634   0.00 0.00   ? 80  ASN A CB  1 
ATOM   438  C CG  . ASN A 1 56  ? 5.345   32.707  9.902   0.00 0.00   ? 80  ASN A CG  1 
ATOM   439  O OD1 . ASN A 1 56  ? 6.487   32.963  9.985   0.00 0.00   ? 80  ASN A OD1 1 
ATOM   440  N ND2 . ASN A 1 56  ? 4.606   33.078  10.901  0.00 0.00   ? 80  ASN A ND2 1 
ATOM   441  N N   . GLN A 1 57  ? 3.792   33.469  5.601   0.00 0.00   ? 81  GLN A N   1 
ATOM   442  C CA  . GLN A 1 57  ? 4.033   33.496  4.143   0.00 0.00   ? 81  GLN A CA  1 
ATOM   443  C C   . GLN A 1 57  ? 3.262   32.542  3.303   0.00 0.00   ? 81  GLN A C   1 
ATOM   444  O O   . GLN A 1 57  ? 2.072   32.920  3.155   0.00 0.00   ? 81  GLN A O   1 
ATOM   445  C CB  . GLN A 1 57  ? 5.610   33.204  4.076   0.00 0.00   ? 81  GLN A CB  1 
ATOM   446  C CG  . GLN A 1 57  ? 6.206   33.802  2.819   0.00 0.00   ? 81  GLN A CG  1 
ATOM   447  C CD  . GLN A 1 57  ? 6.273   35.391  2.913   0.00 0.00   ? 81  GLN A CD  1 
ATOM   448  O OE1 . GLN A 1 57  ? 5.981   35.991  3.838   0.00 0.00   ? 81  GLN A OE1 1 
ATOM   449  N NE2 . GLN A 1 57  ? 6.734   35.956  1.815   0.00 0.00   ? 81  GLN A NE2 1 
ATOM   450  N N   . GLN A 1 58  ? 3.779   31.468  2.689   0.00 0.00   ? 82  GLN A N   1 
ATOM   451  C CA  . GLN A 1 58  ? 2.909   30.597  1.944   0.00 0.00   ? 82  GLN A CA  1 
ATOM   452  C C   . GLN A 1 58  ? 3.014   29.257  2.553   0.00 0.00   ? 82  GLN A C   1 
ATOM   453  O O   . GLN A 1 58  ? 4.085   28.947  3.058   0.00 0.00   ? 82  GLN A O   1 
ATOM   454  C CB  . GLN A 1 58  ? 3.261   30.382  0.407   0.00 0.00   ? 82  GLN A CB  1 
ATOM   455  C CG  . GLN A 1 58  ? 2.089   30.426  -0.643  0.00 0.00   ? 82  GLN A CG  1 
ATOM   456  C CD  . GLN A 1 58  ? 0.821   29.724  -0.262  0.00 0.00   ? 82  GLN A CD  1 
ATOM   457  O OE1 . GLN A 1 58  ? 0.422   28.765  -1.048  0.00 0.00   ? 82  GLN A OE1 1 
ATOM   458  N NE2 . GLN A 1 58  ? 0.088   30.016  0.745   0.00 0.00   ? 82  GLN A NE2 1 
ATOM   459  N N   . SER A 1 59  ? 1.924   28.627  2.719   0.00 0.00   ? 83  SER A N   1 
ATOM   460  C CA  . SER A 1 59  ? 1.839   27.375  3.526   0.00 0.00   ? 83  SER A CA  1 
ATOM   461  C C   . SER A 1 59  ? 0.883   26.429  2.893   0.00 0.00   ? 83  SER A C   1 
ATOM   462  O O   . SER A 1 59  ? 1.048   25.132  2.717   0.00 0.00   ? 83  SER A O   1 
ATOM   463  C CB  . SER A 1 59  ? 1.347   27.888  4.928   0.00 0.00   ? 83  SER A CB  1 
ATOM   464  O OG  . SER A 1 59  ? 0.242   28.683  4.840   0.00 0.00   ? 83  SER A OG  1 
ATOM   465  N N   . SER A 1 60  ? -0.300  26.981  2.466   0.00 0.00   ? 84  SER A N   1 
ATOM   466  C CA  . SER A 1 60  ? -1.359  26.198  1.920   0.00 0.00   ? 84  SER A CA  1 
ATOM   467  C C   . SER A 1 60  ? -1.284  25.653  0.520   0.00 0.00   ? 84  SER A C   1 
ATOM   468  O O   . SER A 1 60  ? -0.802  24.471  0.438   0.00 0.00   ? 84  SER A O   1 
ATOM   469  C CB  . SER A 1 60  ? -2.618  27.197  1.966   0.00 0.00   ? 84  SER A CB  1 
ATOM   470  O OG  . SER A 1 60  ? -2.255  28.536  1.775   0.00 0.00   ? 84  SER A OG  1 
ATOM   471  N N   . ALA A 1 61  ? -1.509  26.371  -0.545  0.00 0.00   ? 85  ALA A N   1 
ATOM   472  C CA  . ALA A 1 61  ? -1.482  25.868  -1.897  0.00 0.00   ? 85  ALA A CA  1 
ATOM   473  C C   . ALA A 1 61  ? -0.196  25.398  -2.311  0.00 0.00   ? 85  ALA A C   1 
ATOM   474  O O   . ALA A 1 61  ? -0.089  24.213  -2.915  0.00 0.00   ? 85  ALA A O   1 
ATOM   475  C CB  . ALA A 1 61  ? -1.829  26.988  -2.900  0.00 0.00   ? 85  ALA A CB  1 
ATOM   476  N N   . LYS A 1 62  ? 0.769   26.175  -2.128  0.00 0.00   ? 86  LYS A N   1 
ATOM   477  C CA  . LYS A 1 62  ? 2.115   25.844  -2.401  0.00 0.00   ? 86  LYS A CA  1 
ATOM   478  C C   . LYS A 1 62  ? 2.828   26.073  -1.120  0.00 0.00   ? 86  LYS A C   1 
ATOM   479  O O   . LYS A 1 62  ? 2.290   26.541  -0.131  0.00 0.00   ? 86  LYS A O   1 
ATOM   480  C CB  . LYS A 1 62  ? 2.595   26.765  -3.588  0.00 0.00   ? 86  LYS A CB  1 
ATOM   481  C CG  . LYS A 1 62  ? 1.986   26.374  -4.954  0.00 0.00   ? 86  LYS A CG  1 
ATOM   482  C CD  . LYS A 1 62  ? 2.134   24.974  -5.327  0.00 0.00   ? 86  LYS A CD  1 
ATOM   483  C CE  . LYS A 1 62  ? 1.248   24.595  -6.384  0.00 0.00   ? 86  LYS A CE  1 
ATOM   484  N NZ  . LYS A 1 62  ? 1.145   23.141  -6.701  0.00 0.00   ? 86  LYS A NZ  1 
ATOM   485  N N   . THR A 1 63  ? 4.057   25.471  -1.209  0.00 0.00   ? 87  THR A N   1 
ATOM   486  C CA  . THR A 1 63  ? 5.163   25.367  -0.309  0.00 0.00   ? 87  THR A CA  1 
ATOM   487  C C   . THR A 1 63  ? 5.184   23.863  -0.048  0.00 0.00   ? 87  THR A C   1 
ATOM   488  O O   . THR A 1 63  ? 4.288   23.058  -0.539  0.00 0.00   ? 87  THR A O   1 
ATOM   489  C CB  . THR A 1 63  ? 4.941   26.289  0.946   0.00 0.00   ? 87  THR A CB  1 
ATOM   490  O OG1 . THR A 1 63  ? 4.744   27.633  0.441   0.00 0.00   ? 87  THR A OG1 1 
ATOM   491  C CG2 . THR A 1 63  ? 6.286   26.397  1.773   0.00 0.00   ? 87  THR A CG2 1 
ATOM   492  N N   . ASP A 1 64  ? 5.648   23.015  0.772   1.00 55.28  ? 88  ASP A N   1 
ATOM   493  C CA  . ASP A 1 64  ? 6.523   21.840  0.481   1.00 55.71  ? 88  ASP A CA  1 
ATOM   494  C C   . ASP A 1 64  ? 6.114   20.552  1.187   1.00 51.64  ? 88  ASP A C   1 
ATOM   495  O O   . ASP A 1 64  ? 6.374   19.503  0.622   1.00 50.64  ? 88  ASP A O   1 
ATOM   496  C CB  . ASP A 1 64  ? 7.986   22.220  1.124   1.00 62.88  ? 88  ASP A CB  1 
ATOM   497  C CG  . ASP A 1 64  ? 8.696   23.179  0.142   1.00 69.92  ? 88  ASP A CG  1 
ATOM   498  O OD1 . ASP A 1 64  ? 9.113   22.772  -0.958  1.00 74.34  ? 88  ASP A OD1 1 
ATOM   499  O OD2 . ASP A 1 64  ? 8.774   24.357  0.539   1.00 73.82  ? 88  ASP A OD2 1 
ATOM   500  N N   . LEU A 1 65  ? 5.227   20.708  2.156   1.00 48.07  ? 89  LEU A N   1 
ATOM   501  C CA  . LEU A 1 65  ? 4.642   19.600  2.791   1.00 43.26  ? 89  LEU A CA  1 
ATOM   502  C C   . LEU A 1 65  ? 3.694   18.828  1.879   1.00 40.68  ? 89  LEU A C   1 
ATOM   503  O O   . LEU A 1 65  ? 3.762   17.614  1.798   1.00 38.71  ? 89  LEU A O   1 
ATOM   504  C CB  . LEU A 1 65  ? 4.030   20.174  4.081   1.00 41.80  ? 89  LEU A CB  1 
ATOM   505  C CG  . LEU A 1 65  ? 4.119   19.421  5.304   1.00 39.50  ? 89  LEU A CG  1 
ATOM   506  C CD1 . LEU A 1 65  ? 5.212   18.444  5.203   1.00 37.01  ? 89  LEU A CD1 1 
ATOM   507  C CD2 . LEU A 1 65  ? 4.448   20.409  6.399   1.00 37.28  ? 89  LEU A CD2 1 
ATOM   508  N N   . LEU A 1 66  ? 2.930   19.664  1.164   1.00 39.77  ? 90  LEU A N   1 
ATOM   509  C CA  . LEU A 1 66  ? 2.056   19.125  0.124   1.00 39.91  ? 90  LEU A CA  1 
ATOM   510  C C   . LEU A 1 66  ? 2.785   18.571  -1.064  1.00 41.39  ? 90  LEU A C   1 
ATOM   511  O O   . LEU A 1 66  ? 2.415   17.555  -1.636  1.00 40.08  ? 90  LEU A O   1 
ATOM   512  C CB  . LEU A 1 66  ? 1.072   20.104  -0.607  1.00 36.38  ? 90  LEU A CB  1 
ATOM   513  C CG  . LEU A 1 66  ? -0.113  20.501  0.180   1.00 31.77  ? 90  LEU A CG  1 
ATOM   514  C CD1 . LEU A 1 66  ? -0.961  21.173  -0.883  1.00 33.59  ? 90  LEU A CD1 1 
ATOM   515  C CD2 . LEU A 1 66  ? -0.923  19.275  0.617   1.00 27.62  ? 90  LEU A CD2 1 
ATOM   516  N N   . GLN A 1 67  ? 4.016   19.155  -1.380  1.00 44.86  ? 91  GLN A N   1 
ATOM   517  C CA  . GLN A 1 67  ? 4.811   18.663  -2.419  1.00 47.67  ? 91  GLN A CA  1 
ATOM   518  C C   . GLN A 1 67  ? 5.363   17.209  -2.056  1.00 45.81  ? 91  GLN A C   1 
ATOM   519  O O   . GLN A 1 67  ? 5.539   16.338  -2.796  1.00 46.73  ? 91  GLN A O   1 
ATOM   520  C CB  . GLN A 1 67  ? 5.969   19.606  -2.721  1.00 54.01  ? 91  GLN A CB  1 
ATOM   521  C CG  . GLN A 1 67  ? 6.381   19.531  -4.116  1.00 62.48  ? 91  GLN A CG  1 
ATOM   522  C CD  . GLN A 1 67  ? 5.288   20.070  -5.113  1.00 67.33  ? 91  GLN A CD  1 
ATOM   523  O OE1 . GLN A 1 67  ? 4.902   19.545  -5.997  1.00 70.93  ? 91  GLN A OE1 1 
ATOM   524  N NE2 . GLN A 1 67  ? 4.872   21.314  -4.881  1.00 68.25  ? 91  GLN A NE2 1 
ATOM   525  N N   . ASN A 1 68  ? 5.685   17.089  -0.741  1.00 39.19  ? 92  ASN A N   1 
ATOM   526  C CA  . ASN A 1 68  ? 6.156   15.822  -0.087  1.00 38.39  ? 92  ASN A CA  1 
ATOM   527  C C   . ASN A 1 68  ? 5.044   14.828  -0.299  1.00 35.83  ? 92  ASN A C   1 
ATOM   528  O O   . ASN A 1 68  ? 5.223   13.625  -0.744  1.00 39.06  ? 92  ASN A O   1 
ATOM   529  C CB  . ASN A 1 68  ? 6.335   15.747  1.379   1.00 41.77  ? 92  ASN A CB  1 
ATOM   530  C CG  . ASN A 1 68  ? 7.335   16.730  1.957   1.00 47.01  ? 92  ASN A CG  1 
ATOM   531  O OD1 . ASN A 1 68  ? 6.914   17.469  2.762   1.00 53.04  ? 92  ASN A OD1 1 
ATOM   532  N ND2 . ASN A 1 68  ? 8.584   16.736  1.492   1.00 51.12  ? 92  ASN A ND2 1 
ATOM   533  N N   . ALA A 1 69  ? 3.741   15.197  -0.082  1.00 29.00  ? 93  ALA A N   1 
ATOM   534  C CA  . ALA A 1 69  ? 2.525   14.365  -0.208  1.00 23.11  ? 93  ALA A CA  1 
ATOM   535  C C   . ALA A 1 69  ? 2.540   14.020  -1.578  1.00 23.40  ? 93  ALA A C   1 
ATOM   536  O O   . ALA A 1 69  ? 2.327   12.809  -1.815  1.00 26.81  ? 93  ALA A O   1 
ATOM   537  C CB  . ALA A 1 69  ? 1.259   15.191  0.116   1.00 11.76  ? 93  ALA A CB  1 
ATOM   538  N N   . LYS A 1 70  ? 2.792   14.910  -2.502  1.00 23.54  ? 94  LYS A N   1 
ATOM   539  C CA  . LYS A 1 70  ? 2.642   14.589  -3.926  1.00 27.50  ? 94  LYS A CA  1 
ATOM   540  C C   . LYS A 1 70  ? 3.762   13.546  -4.281  1.00 29.56  ? 94  LYS A C   1 
ATOM   541  O O   . LYS A 1 70  ? 3.406   12.624  -5.122  1.00 32.12  ? 94  LYS A O   1 
ATOM   542  C CB  . LYS A 1 70  ? 2.825   15.758  -4.828  1.00 27.95  ? 94  LYS A CB  1 
ATOM   543  C CG  . LYS A 1 70  ? 1.573   16.678  -4.774  1.00 29.56  ? 94  LYS A CG  1 
ATOM   544  C CD  . LYS A 1 70  ? 1.874   17.868  -5.573  1.00 37.12  ? 94  LYS A CD  1 
ATOM   545  C CE  . LYS A 1 70  ? 1.051   19.011  -4.863  1.00 40.03  ? 94  LYS A CE  1 
ATOM   546  N NZ  . LYS A 1 70  ? 0.710   20.050  -5.858  1.00 49.85  ? 94  LYS A NZ  1 
ATOM   547  N N   . THR A 1 71  ? 4.962   13.691  -3.771  1.00 27.34  ? 95  THR A N   1 
ATOM   548  C CA  . THR A 1 71  ? 5.984   12.732  -4.030  1.00 28.41  ? 95  THR A CA  1 
ATOM   549  C C   . THR A 1 71  ? 5.722   11.318  -3.467  1.00 23.77  ? 95  THR A C   1 
ATOM   550  O O   . THR A 1 71  ? 6.025   10.308  -4.089  1.00 22.96  ? 95  THR A O   1 
ATOM   551  C CB  . THR A 1 71  ? 7.180   13.549  -3.643  1.00 33.31  ? 95  THR A CB  1 
ATOM   552  O OG1 . THR A 1 71  ? 7.309   14.499  -4.678  1.00 37.67  ? 95  THR A OG1 1 
ATOM   553  C CG2 . THR A 1 71  ? 8.406   12.694  -3.445  1.00 37.65  ? 95  THR A CG2 1 
ATOM   554  N N   . THR A 1 72  ? 5.256   11.174  -2.205  1.00 20.55  ? 96  THR A N   1 
ATOM   555  C CA  . THR A 1 72  ? 5.201   9.776   -1.643  1.00 22.71  ? 96  THR A CA  1 
ATOM   556  C C   . THR A 1 72  ? 4.020   9.053   -2.300  1.00 21.64  ? 96  THR A C   1 
ATOM   557  O O   . THR A 1 72  ? 4.014   7.857   -2.539  1.00 25.20  ? 96  THR A O   1 
ATOM   558  C CB  . THR A 1 72  ? 4.947   9.908   -0.201  1.00 23.43  ? 96  THR A CB  1 
ATOM   559  O OG1 . THR A 1 72  ? 3.998   10.849  0.217   1.00 27.26  ? 96  THR A OG1 1 
ATOM   560  C CG2 . THR A 1 72  ? 6.355   10.409  0.480   1.00 25.14  ? 96  THR A CG2 1 
ATOM   561  N N   . LEU A 1 73  ? 2.984   9.821   -2.697  1.00 19.72  ? 97  LEU A N   1 
ATOM   562  C CA  . LEU A 1 73  ? 1.791   9.257   -3.371  1.00 19.03  ? 97  LEU A CA  1 
ATOM   563  C C   . LEU A 1 73  ? 2.276   8.823   -4.780  1.00 19.80  ? 97  LEU A C   1 
ATOM   564  O O   . LEU A 1 73  ? 2.150   7.687   -5.131  1.00 24.32  ? 97  LEU A O   1 
ATOM   565  C CB  . LEU A 1 73  ? 0.688   10.304  -3.746  1.00 16.13  ? 97  LEU A CB  1 
ATOM   566  C CG  . LEU A 1 73  ? -0.769  9.942   -3.453  1.00 23.45  ? 97  LEU A CG  1 
ATOM   567  C CD1 . LEU A 1 73  ? -1.574  10.652  -4.571  1.00 17.87  ? 97  LEU A CD1 1 
ATOM   568  C CD2 . LEU A 1 73  ? -1.051  8.418   -3.555  1.00 20.60  ? 97  LEU A CD2 1 
ATOM   569  N N   . ALA A 1 74  ? 2.972   9.688   -5.493  1.00 21.38  ? 98  ALA A N   1 
ATOM   570  C CA  . ALA A 1 74  ? 3.524   9.315   -6.753  1.00 21.32  ? 98  ALA A CA  1 
ATOM   571  C C   . ALA A 1 74  ? 4.603   8.244   -6.584  1.00 22.98  ? 98  ALA A C   1 
ATOM   572  O O   . ALA A 1 74  ? 4.940   7.682   -7.564  1.00 25.52  ? 98  ALA A O   1 
ATOM   573  C CB  . ALA A 1 74  ? 4.196   10.498  -7.498  1.00 21.89  ? 98  ALA A CB  1 
ATOM   574  N N   . GLN A 1 75  ? 5.286   7.935   -5.404  1.00 24.74  ? 99  GLN A N   1 
ATOM   575  C CA  . GLN A 1 75  ? 6.098   6.708   -5.377  1.00 24.22  ? 99  GLN A CA  1 
ATOM   576  C C   . GLN A 1 75  ? 5.221   5.421   -5.089  1.00 22.98  ? 99  GLN A C   1 
ATOM   577  O O   . GLN A 1 75  ? 5.596   4.392   -5.552  1.00 22.62  ? 99  GLN A O   1 
ATOM   578  C CB  . GLN A 1 75  ? 7.154   6.986   -4.257  1.00 31.87  ? 99  GLN A CB  1 
ATOM   579  C CG  . GLN A 1 75  ? 8.239   7.947   -4.718  1.00 45.07  ? 99  GLN A CG  1 
ATOM   580  C CD  . GLN A 1 75  ? 9.167   8.706   -3.545  1.00 49.49  ? 99  GLN A CD  1 
ATOM   581  O OE1 . GLN A 1 75  ? 8.830   8.674   -2.449  1.00 52.07  ? 99  GLN A OE1 1 
ATOM   582  N NE2 . GLN A 1 75  ? 10.277  9.350   -3.971  1.00 52.94  ? 99  GLN A NE2 1 
ATOM   583  N N   . ALA A 1 76  ? 4.219   5.557   -4.223  1.00 22.07  ? 100 ALA A N   1 
ATOM   584  C CA  . ALA A 1 76  ? 3.336   4.350   -3.943  1.00 22.96  ? 100 ALA A CA  1 
ATOM   585  C C   . ALA A 1 76  ? 2.697   3.762   -5.238  1.00 22.76  ? 100 ALA A C   1 
ATOM   586  O O   . ALA A 1 76  ? 2.943   2.621   -5.534  1.00 29.69  ? 100 ALA A O   1 
ATOM   587  C CB  . ALA A 1 76  ? 2.103   4.789   -3.111  1.00 16.64  ? 100 ALA A CB  1 
ATOM   588  N N   . ALA A 1 77  ? 2.036   4.436   -6.039  1.00 26.70  ? 101 ALA A N   1 
ATOM   589  C CA  . ALA A 1 77  ? 1.483   3.924   -7.445  1.00 27.14  ? 101 ALA A CA  1 
ATOM   590  C C   . ALA A 1 77  ? 2.558   3.428   -8.325  1.00 27.09  ? 101 ALA A C   1 
ATOM   591  O O   . ALA A 1 77  ? 2.367   2.484   -9.112  1.00 29.07  ? 101 ALA A O   1 
ATOM   592  C CB  . ALA A 1 77  ? 0.853   5.134   -8.147  1.00 23.50  ? 101 ALA A CB  1 
ATOM   593  N N   . ALA A 1 78  ? 3.816   3.703   -8.142  1.00 24.20  ? 102 ALA A N   1 
ATOM   594  C CA  . ALA A 1 78  ? 4.891   3.208   -9.021  1.00 24.36  ? 102 ALA A CA  1 
ATOM   595  C C   . ALA A 1 78  ? 5.186   1.781   -8.610  1.00 24.94  ? 102 ALA A C   1 
ATOM   596  O O   . ALA A 1 78  ? 5.362   0.909   -9.352  1.00 27.66  ? 102 ALA A O   1 
ATOM   597  C CB  . ALA A 1 78  ? 6.228   3.979   -8.785  1.00 20.85  ? 102 ALA A CB  1 
ATOM   598  N N   . HIS A 1 79  ? 5.256   1.607   -7.240  1.00 24.42  ? 103 HIS A N   1 
ATOM   599  C CA  . HIS A 1 79  ? 5.362   0.267   -6.630  1.00 27.30  ? 103 HIS A CA  1 
ATOM   600  C C   . HIS A 1 79  ? 4.117   -0.508  -6.970  1.00 28.07  ? 103 HIS A C   1 
ATOM   601  O O   . HIS A 1 79  ? 4.247   -1.670  -7.368  1.00 30.77  ? 103 HIS A O   1 
ATOM   602  C CB  . HIS A 1 79  ? 5.272   0.377   -5.134  1.00 24.34  ? 103 HIS A CB  1 
ATOM   603  C CG  . HIS A 1 79  ? 6.669   0.696   -4.641  1.00 28.61  ? 103 HIS A CG  1 
ATOM   604  N ND1 . HIS A 1 79  ? 7.070   1.908   -4.142  1.00 26.65  ? 103 HIS A ND1 1 
ATOM   605  C CD2 . HIS A 1 79  ? 7.780   -0.178  -4.545  1.00 20.24  ? 103 HIS A CD2 1 
ATOM   606  C CE1 . HIS A 1 79  ? 8.364   1.707   -3.907  1.00 22.15  ? 103 HIS A CE1 1 
ATOM   607  N NE2 . HIS A 1 79  ? 8.731   0.506   -4.092  1.00 26.02  ? 103 HIS A NE2 1 
ATOM   608  N N   . TYR A 1 80  ? 2.888   0.094   -6.883  1.00 28.68  ? 104 TYR A N   1 
ATOM   609  C CA  . TYR A 1 80  ? 1.686   -0.644  -7.278  1.00 28.38  ? 104 TYR A CA  1 
ATOM   610  C C   . TYR A 1 80  ? 1.750   -1.029  -8.695  1.00 26.84  ? 104 TYR A C   1 
ATOM   611  O O   . TYR A 1 80  ? 1.409   -2.101  -9.052  1.00 28.02  ? 104 TYR A O   1 
ATOM   612  C CB  . TYR A 1 80  ? 0.463   0.221   -7.009  1.00 27.90  ? 104 TYR A CB  1 
ATOM   613  C CG  . TYR A 1 80  ? -0.754  -0.611  -7.135  1.00 26.74  ? 104 TYR A CG  1 
ATOM   614  C CD1 . TYR A 1 80  ? -0.883  -1.560  -6.100  1.00 25.30  ? 104 TYR A CD1 1 
ATOM   615  C CD2 . TYR A 1 80  ? -1.504  -0.615  -8.178  1.00 25.33  ? 104 TYR A CD2 1 
ATOM   616  C CE1 . TYR A 1 80  ? -2.001  -2.476  -6.321  1.00 30.65  ? 104 TYR A CE1 1 
ATOM   617  C CE2 . TYR A 1 80  ? -2.622  -1.530  -8.400  1.00 26.35  ? 104 TYR A CE2 1 
ATOM   618  C CZ  . TYR A 1 80  ? -2.758  -2.401  -7.373  1.00 29.07  ? 104 TYR A CZ  1 
ATOM   619  O OH  . TYR A 1 80  ? -3.754  -3.375  -7.482  1.00 29.29  ? 104 TYR A OH  1 
ATOM   620  N N   . ALA A 1 81  ? 2.374   -0.145  -9.565  1.00 25.02  ? 105 ALA A N   1 
ATOM   621  C CA  . ALA A 1 81  ? 2.438   -0.532  -10.981 1.00 25.83  ? 105 ALA A CA  1 
ATOM   622  C C   . ALA A 1 81  ? 3.385   -1.725  -11.113 1.00 25.83  ? 105 ALA A C   1 
ATOM   623  O O   . ALA A 1 81  ? 3.102   -2.665  -11.796 1.00 31.47  ? 105 ALA A O   1 
ATOM   624  C CB  . ALA A 1 81  ? 3.061   0.693   -11.680 1.00 25.41  ? 105 ALA A CB  1 
ATOM   625  N N   . ASN A 1 82  ? 4.468   -1.852  -10.419 1.00 24.24  ? 106 ASN A N   1 
ATOM   626  C CA  . ASN A 1 82  ? 5.317   -2.962  -10.456 1.00 21.11  ? 106 ASN A CA  1 
ATOM   627  C C   . ASN A 1 82  ? 4.457   -4.147  -9.971  1.00 19.35  ? 106 ASN A C   1 
ATOM   628  O O   . ASN A 1 82  ? 4.668   -5.153  -10.489 1.00 20.57  ? 106 ASN A O   1 
ATOM   629  C CB  . ASN A 1 82  ? 6.527   -2.889  -9.470  1.00 19.66  ? 106 ASN A CB  1 
ATOM   630  C CG  . ASN A 1 82  ? 7.459   -1.723  -9.796  1.00 25.10  ? 106 ASN A CG  1 
ATOM   631  O OD1 . ASN A 1 82  ? 8.053   -1.182  -8.914  1.00 27.13  ? 106 ASN A OD1 1 
ATOM   632  N ND2 . ASN A 1 82  ? 7.706   -1.435  -11.074 1.00 31.29  ? 106 ASN A ND2 1 
ATOM   633  N N   . PHE A 1 83  ? 3.692   -4.051  -8.891  1.00 22.66  ? 107 PHE A N   1 
ATOM   634  C CA  . PHE A 1 83  ? 2.870   -5.117  -8.471  1.00 27.77  ? 107 PHE A CA  1 
ATOM   635  C C   . PHE A 1 83  ? 1.875   -5.596  -9.621  1.00 31.21  ? 107 PHE A C   1 
ATOM   636  O O   . PHE A 1 83  ? 1.820   -6.749  -9.813  1.00 32.83  ? 107 PHE A O   1 
ATOM   637  C CB  . PHE A 1 83  ? 2.061   -4.719  -7.163  1.00 26.98  ? 107 PHE A CB  1 
ATOM   638  C CG  . PHE A 1 83  ? 1.030   -5.801  -6.741  1.00 30.54  ? 107 PHE A CG  1 
ATOM   639  C CD1 . PHE A 1 83  ? 1.539   -6.952  -6.151  1.00 28.08  ? 107 PHE A CD1 1 
ATOM   640  C CD2 . PHE A 1 83  ? -0.306  -5.638  -6.920  1.00 32.26  ? 107 PHE A CD2 1 
ATOM   641  C CE1 . PHE A 1 83  ? 0.661   -7.897  -5.690  1.00 28.34  ? 107 PHE A CE1 1 
ATOM   642  C CE2 . PHE A 1 83  ? -1.135  -6.626  -6.507  1.00 34.43  ? 107 PHE A CE2 1 
ATOM   643  C CZ  . PHE A 1 83  ? -0.676  -7.735  -5.869  1.00 31.98  ? 107 PHE A CZ  1 
ATOM   644  N N   . LYS A 1 84  ? 1.214   -4.582  -10.250 1.00 32.62  ? 108 LYS A N   1 
ATOM   645  C CA  . LYS A 1 84  ? 0.279   -4.920  -11.259 1.00 31.89  ? 108 LYS A CA  1 
ATOM   646  C C   . LYS A 1 84  ? 0.855   -5.610  -12.486 1.00 30.70  ? 108 LYS A C   1 
ATOM   647  O O   . LYS A 1 84  ? 0.308   -6.446  -13.129 1.00 28.87  ? 108 LYS A O   1 
ATOM   648  C CB  . LYS A 1 84  ? -0.443  -3.706  -11.858 1.00 34.30  ? 108 LYS A CB  1 
ATOM   649  C CG  . LYS A 1 84  ? -1.475  -3.172  -11.033 1.00 39.95  ? 108 LYS A CG  1 
ATOM   650  C CD  . LYS A 1 84  ? -2.705  -4.097  -10.889 1.00 50.02  ? 108 LYS A CD  1 
ATOM   651  C CE  . LYS A 1 84  ? -3.655  -3.944  -12.209 1.00 57.62  ? 108 LYS A CE  1 
ATOM   652  N NZ  . LYS A 1 84  ? -4.358  -2.619  -12.143 1.00 62.07  ? 108 LYS A NZ  1 
ATOM   653  N N   . ASN A 1 85  ? 2.104   -5.264  -12.777 1.00 28.70  ? 109 ASN A N   1 
ATOM   654  C CA  . ASN A 1 85  ? 2.916   -5.995  -13.790 1.00 32.54  ? 109 ASN A CA  1 
ATOM   655  C C   . ASN A 1 85  ? 3.233   -7.408  -13.641 1.00 33.33  ? 109 ASN A C   1 
ATOM   656  O O   . ASN A 1 85  ? 3.897   -8.014  -14.511 1.00 35.59  ? 109 ASN A O   1 
ATOM   657  C CB  . ASN A 1 85  ? 4.009   -5.113  -14.242 1.00 40.08  ? 109 ASN A CB  1 
ATOM   658  C CG  . ASN A 1 85  ? 3.723   -4.194  -15.276 1.00 43.62  ? 109 ASN A CG  1 
ATOM   659  O OD1 . ASN A 1 85  ? 3.197   -3.049  -15.138 1.00 45.96  ? 109 ASN A OD1 1 
ATOM   660  N ND2 . ASN A 1 85  ? 3.822   -4.715  -16.470 1.00 50.91  ? 109 ASN A ND2 1 
ATOM   661  N N   . MET A 1 86  ? 3.102   -8.018  -12.433 1.00 34.38  ? 110 MET A N   1 
ATOM   662  C CA  . MET A 1 86  ? 3.593   -9.271  -12.040 1.00 33.44  ? 110 MET A CA  1 
ATOM   663  C C   . MET A 1 86  ? 2.531   -10.306 -12.300 1.00 36.38  ? 110 MET A C   1 
ATOM   664  O O   . MET A 1 86  ? 1.333   -10.100 -12.170 1.00 36.29  ? 110 MET A O   1 
ATOM   665  C CB  . MET A 1 86  ? 4.024   -9.292  -10.631 1.00 34.75  ? 110 MET A CB  1 
ATOM   666  C CG  . MET A 1 86  ? 5.197   -8.498  -10.449 1.00 37.64  ? 110 MET A CG  1 
ATOM   667  S SD  . MET A 1 86  ? 5.765   -8.477  -8.732  1.00 38.98  ? 110 MET A SD  1 
ATOM   668  C CE  . MET A 1 86  ? 7.198   -7.457  -8.885  1.00 36.72  ? 110 MET A CE  1 
ATOM   669  N N   . THR A 1 87  ? 2.990   -11.512 -12.588 1.00 40.03  ? 111 THR A N   1 
ATOM   670  C CA  . THR A 1 87  ? 2.104   -12.728 -12.776 1.00 44.35  ? 111 THR A CA  1 
ATOM   671  C C   . THR A 1 87  ? 1.222   -12.904 -11.513 1.00 42.97  ? 111 THR A C   1 
ATOM   672  O O   . THR A 1 87  ? 1.587   -13.328 -10.426 1.00 44.35  ? 111 THR A O   1 
ATOM   673  C CB  . THR A 1 87  ? 3.008   -13.960 -12.852 1.00 48.53  ? 111 THR A CB  1 
ATOM   674  O OG1 . THR A 1 87  ? 4.234   -13.637 -13.349 1.00 53.68  ? 111 THR A OG1 1 
ATOM   675  C CG2 . THR A 1 87  ? 2.378   -14.958 -13.843 1.00 52.38  ? 111 THR A CG2 1 
ATOM   676  N N   . PRO A 1 88  ? -0.060  -12.863 -11.730 1.00 44.91  ? 112 PRO A N   1 
ATOM   677  C CA  . PRO A 1 88  ? -1.070  -13.240 -10.758 1.00 44.68  ? 112 PRO A CA  1 
ATOM   678  C C   . PRO A 1 88  ? -0.840  -14.729 -10.497 1.00 41.43  ? 112 PRO A C   1 
ATOM   679  O O   . PRO A 1 88  ? -0.657  -15.427 -11.516 1.00 41.53  ? 112 PRO A O   1 
ATOM   680  C CB  . PRO A 1 88  ? -2.355  -12.867 -11.271 1.00 49.88  ? 112 PRO A CB  1 
ATOM   681  C CG  . PRO A 1 88  ? -1.985  -12.045 -12.551 1.00 51.34  ? 112 PRO A CG  1 
ATOM   682  C CD  . PRO A 1 88  ? -0.754  -12.736 -13.099 1.00 47.09  ? 112 PRO A CD  1 
ATOM   683  N N   . LEU A 1 89  ? -0.660  -15.144 -9.204  1.00 35.58  ? 113 LEU A N   1 
ATOM   684  C CA  . LEU A 1 89  ? -0.595  -16.611 -8.999  1.00 29.40  ? 113 LEU A CA  1 
ATOM   685  C C   . LEU A 1 89  ? -2.106  -17.192 -8.839  1.00 27.59  ? 113 LEU A C   1 
ATOM   686  O O   . LEU A 1 89  ? -2.844  -16.568 -8.127  1.00 30.55  ? 113 LEU A O   1 
ATOM   687  C CB  . LEU A 1 89  ? 0.143   -17.041 -7.858  1.00 23.84  ? 113 LEU A CB  1 
ATOM   688  C CG  . LEU A 1 89  ? 1.616   -17.510 -8.011  1.00 24.65  ? 113 LEU A CG  1 
ATOM   689  C CD1 . LEU A 1 89  ? 2.266   -16.691 -9.135  1.00 20.03  ? 113 LEU A CD1 1 
ATOM   690  C CD2 . LEU A 1 89  ? 2.236   -17.278 -6.628  1.00 18.84  ? 113 LEU A CD2 1 
ATOM   691  N N   . PRO A 1 90  ? -2.513  -18.326 -9.347  1.00 24.77  ? 114 PRO A N   1 
ATOM   692  C CA  . PRO A 1 90  ? -3.816  -18.891 -9.188  1.00 23.51  ? 114 PRO A CA  1 
ATOM   693  C C   . PRO A 1 90  ? -4.327  -18.733 -7.698  1.00 23.76  ? 114 PRO A C   1 
ATOM   694  O O   . PRO A 1 90  ? -5.396  -18.074 -7.563  1.00 23.54  ? 114 PRO A O   1 
ATOM   695  C CB  . PRO A 1 90  ? -3.619  -20.333 -9.610  1.00 22.20  ? 114 PRO A CB  1 
ATOM   696  C CG  . PRO A 1 90  ? -2.671  -20.096 -10.723 1.00 23.68  ? 114 PRO A CG  1 
ATOM   697  C CD  . PRO A 1 90  ? -1.622  -19.154 -10.193 1.00 23.79  ? 114 PRO A CD  1 
ATOM   698  N N   . ALA A 1 91  ? -3.662  -19.145 -6.716  1.00 23.98  ? 115 ALA A N   1 
ATOM   699  C CA  . ALA A 1 91  ? -3.904  -19.171 -5.257  1.00 19.61  ? 115 ALA A CA  1 
ATOM   700  C C   . ALA A 1 91  ? -4.029  -17.748 -4.678  1.00 19.68  ? 115 ALA A C   1 
ATOM   701  O O   . ALA A 1 91  ? -4.878  -17.475 -3.773  1.00 17.69  ? 115 ALA A O   1 
ATOM   702  C CB  . ALA A 1 91  ? -2.828  -19.813 -4.457  1.00 17.85  ? 115 ALA A CB  1 
ATOM   703  N N   . MET A 1 92  ? -3.497  -16.860 -5.445  1.00 19.58  ? 116 MET A N   1 
ATOM   704  C CA  . MET A 1 92  ? -3.529  -15.441 -4.970  1.00 21.82  ? 116 MET A CA  1 
ATOM   705  C C   . MET A 1 92  ? -4.507  -14.542 -5.692  1.00 24.50  ? 116 MET A C   1 
ATOM   706  O O   . MET A 1 92  ? -4.638  -13.380 -5.294  1.00 28.03  ? 116 MET A O   1 
ATOM   707  C CB  . MET A 1 92  ? -2.140  -14.799 -5.240  1.00 20.96  ? 116 MET A CB  1 
ATOM   708  C CG  . MET A 1 92  ? -0.949  -15.422 -4.337  1.00 20.65  ? 116 MET A CG  1 
ATOM   709  S SD  . MET A 1 92  ? -1.247  -14.986 -2.667  1.00 25.89  ? 116 MET A SD  1 
ATOM   710  C CE  . MET A 1 92  ? -1.392  -16.721 -2.174  1.00 29.06  ? 116 MET A CE  1 
ATOM   711  N N   . ALA A 1 93  ? -5.174  -15.064 -6.733  1.00 24.06  ? 117 ALA A N   1 
ATOM   712  C CA  . ALA A 1 93  ? -5.967  -14.173 -7.662  1.00 18.02  ? 117 ALA A CA  1 
ATOM   713  C C   . ALA A 1 93  ? -7.193  -13.561 -7.106  1.00 15.54  ? 117 ALA A C   1 
ATOM   714  O O   . ALA A 1 93  ? -7.355  -12.353 -7.390  1.00 15.89  ? 117 ALA A O   1 
ATOM   715  C CB  . ALA A 1 93  ? -6.095  -15.065 -8.766  1.00 17.98  ? 117 ALA A CB  1 
ATOM   716  N N   . GLU A 1 94  ? -7.933  -14.124 -6.166  1.00 18.31  ? 118 GLU A N   1 
ATOM   717  C CA  . GLU A 1 94  ? -9.006  -13.376 -5.571  1.00 25.75  ? 118 GLU A CA  1 
ATOM   718  C C   . GLU A 1 94  ? -8.509  -12.158 -4.709  1.00 25.10  ? 118 GLU A C   1 
ATOM   719  O O   . GLU A 1 94  ? -8.824  -11.086 -5.030  1.00 25.97  ? 118 GLU A O   1 
ATOM   720  C CB  . GLU A 1 94  ? -9.942  -14.112 -4.614  1.00 32.65  ? 118 GLU A CB  1 
ATOM   721  C CG  . GLU A 1 94  ? -10.837 -15.258 -5.278  1.00 51.34  ? 118 GLU A CG  1 
ATOM   722  C CD  . GLU A 1 94  ? -11.967 -14.836 -6.211  1.00 63.21  ? 118 GLU A CD  1 
ATOM   723  O OE1 . GLU A 1 94  ? -11.709 -14.366 -7.300  1.00 67.14  ? 118 GLU A OE1 1 
ATOM   724  O OE2 . GLU A 1 94  ? -13.052 -14.864 -5.692  1.00 70.56  ? 118 GLU A OE2 1 
ATOM   725  N N   . ALA A 1 95  ? -7.642  -12.474 -3.735  1.00 23.90  ? 119 ALA A N   1 
ATOM   726  C CA  . ALA A 1 95  ? -6.914  -11.559 -2.840  1.00 19.11  ? 119 ALA A CA  1 
ATOM   727  C C   . ALA A 1 95  ? -6.407  -10.354 -3.641  1.00 18.37  ? 119 ALA A C   1 
ATOM   728  O O   . ALA A 1 95  ? -6.646  -9.291  -3.337  1.00 18.31  ? 119 ALA A O   1 
ATOM   729  C CB  . ALA A 1 95  ? -5.904  -12.262 -2.189  1.00 18.36  ? 119 ALA A CB  1 
ATOM   730  N N   . SER A 1 96  ? -5.740  -10.707 -4.797  1.00 12.81  ? 120 SER A N   1 
ATOM   731  C CA  . SER A 1 96  ? -5.055  -9.683  -5.526  1.00 15.60  ? 120 SER A CA  1 
ATOM   732  C C   . SER A 1 96  ? -6.175  -8.739  -6.097  1.00 17.04  ? 120 SER A C   1 
ATOM   733  O O   . SER A 1 96  ? -6.150  -7.529  -6.121  1.00 17.50  ? 120 SER A O   1 
ATOM   734  C CB  . SER A 1 96  ? -4.205  -10.297 -6.604  1.00 21.97  ? 120 SER A CB  1 
ATOM   735  O OG  . SER A 1 96  ? -3.207  -11.182 -6.142  1.00 32.18  ? 120 SER A OG  1 
ATOM   736  N N   . ALA A 1 97  ? -7.254  -9.284  -6.669  1.00 15.24  ? 121 ALA A N   1 
ATOM   737  C CA  . ALA A 1 97  ? -8.367  -8.418  -7.233  1.00 17.53  ? 121 ALA A CA  1 
ATOM   738  C C   . ALA A 1 97  ? -9.022  -7.630  -6.173  1.00 15.38  ? 121 ALA A C   1 
ATOM   739  O O   . ALA A 1 97  ? -9.276  -6.417  -6.353  1.00 19.15  ? 121 ALA A O   1 
ATOM   740  C CB  . ALA A 1 97  ? -9.494  -9.262  -7.930  1.00 17.55  ? 121 ALA A CB  1 
ATOM   741  N N   . ASN A 1 98  ? -9.159  -8.159  -4.974  1.00 14.90  ? 122 ASN A N   1 
ATOM   742  C CA  . ASN A 1 98  ? -9.807  -7.452  -3.906  1.00 20.43  ? 122 ASN A CA  1 
ATOM   743  C C   . ASN A 1 98  ? -8.842  -6.332  -3.551  1.00 23.27  ? 122 ASN A C   1 
ATOM   744  O O   . ASN A 1 98  ? -9.339  -5.243  -3.198  1.00 24.50  ? 122 ASN A O   1 
ATOM   745  C CB  . ASN A 1 98  ? -10.029 -8.397  -2.767  1.00 24.18  ? 122 ASN A CB  1 
ATOM   746  C CG  . ASN A 1 98  ? -10.721 -7.727  -1.643  1.00 28.79  ? 122 ASN A CG  1 
ATOM   747  O OD1 . ASN A 1 98  ? -11.727 -7.015  -1.826  1.00 33.78  ? 122 ASN A OD1 1 
ATOM   748  N ND2 . ASN A 1 98  ? -10.300 -7.930  -0.423  1.00 33.14  ? 122 ASN A ND2 1 
ATOM   749  N N   . VAL A 1 99  ? -7.485  -6.481  -3.634  1.00 19.10  ? 123 VAL A N   1 
ATOM   750  C CA  . VAL A 1 99  ? -6.631  -5.461  -3.373  1.00 19.88  ? 123 VAL A CA  1 
ATOM   751  C C   . VAL A 1 99  ? -6.654  -4.306  -4.275  1.00 20.63  ? 123 VAL A C   1 
ATOM   752  O O   . VAL A 1 99  ? -6.742  -3.107  -3.932  1.00 18.29  ? 123 VAL A O   1 
ATOM   753  C CB  . VAL A 1 99  ? -5.068  -5.846  -3.170  1.00 19.29  ? 123 VAL A CB  1 
ATOM   754  C CG1 . VAL A 1 99  ? -4.133  -4.671  -3.030  1.00 14.97  ? 123 VAL A CG1 1 
ATOM   755  C CG2 . VAL A 1 99  ? -4.923  -6.719  -1.985  1.00 16.29  ? 123 VAL A CG2 1 
ATOM   756  N N   . ASP A 1 100 ? -6.859  -4.508  -5.659  1.00 23.33  ? 124 ASP A N   1 
ATOM   757  C CA  . ASP A 1 100 ? -6.828  -3.474  -6.599  1.00 23.27  ? 124 ASP A CA  1 
ATOM   758  C C   . ASP A 1 100 ? -8.056  -2.531  -6.339  1.00 24.03  ? 124 ASP A C   1 
ATOM   759  O O   . ASP A 1 100 ? -8.005  -1.385  -6.614  1.00 25.99  ? 124 ASP A O   1 
ATOM   760  C CB  . ASP A 1 100 ? -6.959  -4.035  -7.999  1.00 26.62  ? 124 ASP A CB  1 
ATOM   761  C CG  . ASP A 1 100 ? -6.743  -3.009  -9.146  1.00 32.86  ? 124 ASP A CG  1 
ATOM   762  O OD1 . ASP A 1 100 ? -5.664  -2.902  -9.673  1.00 33.43  ? 124 ASP A OD1 1 
ATOM   763  O OD2 . ASP A 1 100 ? -7.790  -2.423  -9.731  1.00 42.64  ? 124 ASP A OD2 1 
ATOM   764  N N   . GLU A 1 101 ? -9.167  -3.175  -5.912  1.00 27.63  ? 125 GLU A N   1 
ATOM   765  C CA  . GLU A 1 101 ? -10.334 -2.432  -5.682  1.00 30.59  ? 125 GLU A CA  1 
ATOM   766  C C   . GLU A 1 101 ? -10.225 -1.302  -4.603  1.00 28.02  ? 125 GLU A C   1 
ATOM   767  O O   . GLU A 1 101 ? -10.381 -0.172  -4.878  1.00 30.83  ? 125 GLU A O   1 
ATOM   768  C CB  . GLU A 1 101 ? -11.486 -3.455  -5.371  1.00 37.72  ? 125 GLU A CB  1 
ATOM   769  C CG  . GLU A 1 101 ? -12.905 -3.106  -5.257  1.00 44.00  ? 125 GLU A CG  1 
ATOM   770  C CD  . GLU A 1 101 ? -13.670 -3.945  -4.236  1.00 52.39  ? 125 GLU A CD  1 
ATOM   771  O OE1 . GLU A 1 101 ? -13.597 -5.237  -4.308  1.00 55.57  ? 125 GLU A OE1 1 
ATOM   772  O OE2 . GLU A 1 101 ? -14.280 -3.459  -3.405  1.00 56.29  ? 125 GLU A OE2 1 
ATOM   773  N N   . LYS A 1 102 ? -9.854  -1.804  -3.508  1.00 24.57  ? 126 LYS A N   1 
ATOM   774  C CA  . LYS A 1 102 ? -9.688  -0.796  -2.468  1.00 19.69  ? 126 LYS A CA  1 
ATOM   775  C C   . LYS A 1 102 ? -8.416  0.168   -2.668  1.00 16.29  ? 126 LYS A C   1 
ATOM   776  O O   . LYS A 1 102 ? -8.496  1.287   -2.318  1.00 13.28  ? 126 LYS A O   1 
ATOM   777  C CB  . LYS A 1 102 ? -9.490  -1.449  -1.151  1.00 20.52  ? 126 LYS A CB  1 
ATOM   778  C CG  . LYS A 1 102 ? -10.747 -1.968  -0.581  1.00 22.31  ? 126 LYS A CG  1 
ATOM   779  C CD  . LYS A 1 102 ? -11.214 -3.242  -1.230  1.00 22.93  ? 126 LYS A CD  1 
ATOM   780  C CE  . LYS A 1 102 ? -12.661 -3.421  -0.748  1.00 29.42  ? 126 LYS A CE  1 
ATOM   781  N NZ  . LYS A 1 102 ? -13.081 -4.648  -0.986  1.00 32.00  ? 126 LYS A NZ  1 
ATOM   782  N N   . TYR A 1 103 ? -7.432  -0.324  -3.446  1.00 15.69  ? 127 TYR A N   1 
ATOM   783  C CA  . TYR A 1 103 ? -6.263  0.461   -3.731  1.00 16.20  ? 127 TYR A CA  1 
ATOM   784  C C   . TYR A 1 103 ? -6.751  1.625   -4.583  1.00 18.63  ? 127 TYR A C   1 
ATOM   785  O O   . TYR A 1 103 ? -6.466  2.818   -4.187  1.00 20.74  ? 127 TYR A O   1 
ATOM   786  C CB  . TYR A 1 103 ? -5.098  -0.291  -4.428  1.00 16.03  ? 127 TYR A CB  1 
ATOM   787  C CG  . TYR A 1 103 ? -4.084  0.688   -5.047  1.00 15.99  ? 127 TYR A CG  1 
ATOM   788  C CD1 . TYR A 1 103 ? -3.184  1.161   -4.261  1.00 20.14  ? 127 TYR A CD1 1 
ATOM   789  C CD2 . TYR A 1 103 ? -4.216  1.062   -6.388  1.00 16.46  ? 127 TYR A CD2 1 
ATOM   790  C CE1 . TYR A 1 103 ? -2.258  2.066   -4.768  1.00 14.90  ? 127 TYR A CE1 1 
ATOM   791  C CE2 . TYR A 1 103 ? -3.289  1.967   -6.895  1.00 18.76  ? 127 TYR A CE2 1 
ATOM   792  C CZ  . TYR A 1 103 ? -2.274  2.460   -6.006  1.00 18.85  ? 127 TYR A CZ  1 
ATOM   793  O OH  . TYR A 1 103 ? -1.396  3.405   -6.466  1.00 18.91  ? 127 TYR A OH  1 
ATOM   794  N N   . GLN A 1 104 ? -7.441  1.420   -5.658  1.00 22.45  ? 128 GLN A N   1 
ATOM   795  C CA  . GLN A 1 104 ? -7.868  2.384   -6.541  1.00 23.02  ? 128 GLN A CA  1 
ATOM   796  C C   . GLN A 1 104 ? -8.648  3.564   -5.887  1.00 23.10  ? 128 GLN A C   1 
ATOM   797  O O   . GLN A 1 104 ? -8.553  4.747   -6.218  1.00 21.97  ? 128 GLN A O   1 
ATOM   798  C CB  . GLN A 1 104 ? -8.717  1.529   -7.547  1.00 27.45  ? 128 GLN A CB  1 
ATOM   799  C CG  . GLN A 1 104 ? -8.537  1.756   -8.975  1.00 36.55  ? 128 GLN A CG  1 
ATOM   800  C CD  . GLN A 1 104 ? -7.061  1.539   -9.415  1.00 46.98  ? 128 GLN A CD  1 
ATOM   801  O OE1 . GLN A 1 104 ? -6.296  2.474   -9.510  1.00 50.26  ? 128 GLN A OE1 1 
ATOM   802  N NE2 . GLN A 1 104 ? -6.761  0.275   -9.750  1.00 49.66  ? 128 GLN A NE2 1 
ATOM   803  N N   . ARG A 1 105 ? -9.443  3.123   -4.907  1.00 23.52  ? 129 ARG A N   1 
ATOM   804  C CA  . ARG A 1 105 ? -10.248 4.027   -4.172  1.00 25.13  ? 129 ARG A CA  1 
ATOM   805  C C   . ARG A 1 105 ? -9.398  4.883   -3.166  1.00 26.61  ? 129 ARG A C   1 
ATOM   806  O O   . ARG A 1 105 ? -9.531  6.036   -3.235  1.00 26.13  ? 129 ARG A O   1 
ATOM   807  C CB  . ARG A 1 105 ? -11.299 3.271   -3.317  1.00 30.24  ? 129 ARG A CB  1 
ATOM   808  C CG  . ARG A 1 105 ? -12.417 2.600   -4.292  1.00 37.83  ? 129 ARG A CG  1 
ATOM   809  C CD  . ARG A 1 105 ? -13.748 2.439   -3.708  1.00 48.91  ? 129 ARG A CD  1 
ATOM   810  N NE  . ARG A 1 105 ? -13.983 0.962   -3.398  1.00 60.31  ? 129 ARG A NE  1 
ATOM   811  C CZ  . ARG A 1 105 ? -13.912 0.448   -2.199  1.00 67.99  ? 129 ARG A CZ  1 
ATOM   812  N NH1 . ARG A 1 105 ? -13.351 1.133   -1.071  1.00 65.61  ? 129 ARG A NH1 1 
ATOM   813  N NH2 . ARG A 1 105 ? -14.117 -0.834  -1.962  1.00 69.44  ? 129 ARG A NH2 1 
ATOM   814  N N   . TYR A 1 106 ? -8.438  4.222   -2.468  1.00 25.70  ? 130 TYR A N   1 
ATOM   815  C CA  . TYR A 1 106 ? -7.698  4.979   -1.556  1.00 25.93  ? 130 TYR A CA  1 
ATOM   816  C C   . TYR A 1 106 ? -6.636  5.917   -2.222  1.00 25.03  ? 130 TYR A C   1 
ATOM   817  O O   . TYR A 1 106 ? -6.387  6.993   -1.761  1.00 24.74  ? 130 TYR A O   1 
ATOM   818  C CB  . TYR A 1 106 ? -6.947  4.049   -0.571  1.00 26.99  ? 130 TYR A CB  1 
ATOM   819  C CG  . TYR A 1 106 ? -6.386  4.734   0.556   1.00 26.07  ? 130 TYR A CG  1 
ATOM   820  C CD1 . TYR A 1 106 ? -7.055  5.672   1.131   1.00 28.90  ? 130 TYR A CD1 1 
ATOM   821  C CD2 . TYR A 1 106 ? -5.057  4.398   1.013   1.00 27.21  ? 130 TYR A CD2 1 
ATOM   822  C CE1 . TYR A 1 106 ? -6.500  6.437   2.251   1.00 28.74  ? 130 TYR A CE1 1 
ATOM   823  C CE2 . TYR A 1 106 ? -4.446  5.042   2.093   1.00 28.13  ? 130 TYR A CE2 1 
ATOM   824  C CZ  . TYR A 1 106 ? -5.170  6.101   2.707   1.00 27.50  ? 130 TYR A CZ  1 
ATOM   825  O OH  . TYR A 1 106 ? -4.676  6.725   3.685   1.00 26.61  ? 130 TYR A OH  1 
ATOM   826  N N   . GLN A 1 107 ? -6.127  5.506   -3.426  1.00 22.59  ? 131 GLN A N   1 
ATOM   827  C CA  . GLN A 1 107 ? -5.173  6.345   -4.186  1.00 25.23  ? 131 GLN A CA  1 
ATOM   828  C C   . GLN A 1 107 ? -5.879  7.662   -4.588  1.00 25.64  ? 131 GLN A C   1 
ATOM   829  O O   . GLN A 1 107 ? -5.359  8.806   -4.445  1.00 25.17  ? 131 GLN A O   1 
ATOM   830  C CB  . GLN A 1 107 ? -4.640  5.617   -5.357  1.00 27.94  ? 131 GLN A CB  1 
ATOM   831  C CG  . GLN A 1 107 ? -3.942  6.394   -6.529  1.00 37.96  ? 131 GLN A CG  1 
ATOM   832  C CD  . GLN A 1 107 ? -5.046  7.092   -7.543  1.00 46.95  ? 131 GLN A CD  1 
ATOM   833  O OE1 . GLN A 1 107 ? -4.879  8.256   -7.716  1.00 50.93  ? 131 GLN A OE1 1 
ATOM   834  N NE2 . GLN A 1 107 ? -5.948  6.366   -8.042  1.00 49.80  ? 131 GLN A NE2 1 
ATOM   835  N N   . ALA A 1 108 ? -7.030  7.476   -5.145  1.00 23.49  ? 132 ALA A N   1 
ATOM   836  C CA  . ALA A 1 108 ? -7.954  8.595   -5.734  1.00 20.90  ? 132 ALA A CA  1 
ATOM   837  C C   . ALA A 1 108 ? -8.248  9.536   -4.637  1.00 19.34  ? 132 ALA A C   1 
ATOM   838  O O   . ALA A 1 108 ? -8.015  10.761  -4.661  1.00 19.80  ? 132 ALA A O   1 
ATOM   839  C CB  . ALA A 1 108 ? -9.186  7.915   -6.344  1.00 19.47  ? 132 ALA A CB  1 
ATOM   840  N N   . ALA A 1 109 ? -8.757  9.012   -3.492  1.00 21.03  ? 133 ALA A N   1 
ATOM   841  C CA  . ALA A 1 109 ? -8.967  9.775   -2.219  1.00 19.94  ? 133 ALA A CA  1 
ATOM   842  C C   . ALA A 1 109 ? -7.820  10.634  -1.784  1.00 19.92  ? 133 ALA A C   1 
ATOM   843  O O   . ALA A 1 109 ? -7.901  11.755  -1.434  1.00 22.99  ? 133 ALA A O   1 
ATOM   844  C CB  . ALA A 1 109 ? -9.402  8.893   -1.088  1.00 13.31  ? 133 ALA A CB  1 
ATOM   845  N N   . LEU A 1 110 ? -6.641  10.074  -1.825  1.00 18.96  ? 134 LEU A N   1 
ATOM   846  C CA  . LEU A 1 110 ? -5.432  10.732  -1.421  1.00 17.50  ? 134 LEU A CA  1 
ATOM   847  C C   . LEU A 1 110 ? -4.992  11.875  -2.372  1.00 17.29  ? 134 LEU A C   1 
ATOM   848  O O   . LEU A 1 110 ? -4.816  12.970  -2.069  1.00 17.84  ? 134 LEU A O   1 
ATOM   849  C CB  . LEU A 1 110 ? -4.353  9.661   -1.253  1.00 16.21  ? 134 LEU A CB  1 
ATOM   850  C CG  . LEU A 1 110 ? -3.691  9.337   0.189   1.00 11.68  ? 134 LEU A CG  1 
ATOM   851  C CD1 . LEU A 1 110 ? -4.670  9.497   1.261   1.00 18.18  ? 134 LEU A CD1 1 
ATOM   852  C CD2 . LEU A 1 110 ? -3.234  7.879   0.188   1.00 10.80  ? 134 LEU A CD2 1 
ATOM   853  N N   . ALA A 1 111 ? -5.069  11.536  -3.637  1.00 17.13  ? 135 ALA A N   1 
ATOM   854  C CA  . ALA A 1 111 ? -4.896  12.523  -4.728  1.00 18.02  ? 135 ALA A CA  1 
ATOM   855  C C   . ALA A 1 111 ? -5.788  13.595  -4.636  1.00 19.69  ? 135 ALA A C   1 
ATOM   856  O O   . ALA A 1 111 ? -5.414  14.776  -4.810  1.00 21.25  ? 135 ALA A O   1 
ATOM   857  C CB  . ALA A 1 111 ? -5.181  11.827  -6.165  1.00 22.30  ? 135 ALA A CB  1 
ATOM   858  N N   . GLU A 1 112 ? -7.092  13.370  -4.305  1.00 19.10  ? 136 GLU A N   1 
ATOM   859  C CA  . GLU A 1 112 ? -8.076  14.446  -4.110  1.00 18.75  ? 136 GLU A CA  1 
ATOM   860  C C   . GLU A 1 112 ? -7.784  15.316  -2.950  1.00 20.62  ? 136 GLU A C   1 
ATOM   861  O O   . GLU A 1 112 ? -7.880  16.586  -3.084  1.00 18.90  ? 136 GLU A O   1 
ATOM   862  C CB  . GLU A 1 112 ? -9.471  13.884  -3.849  1.00 28.29  ? 136 GLU A CB  1 
ATOM   863  C CG  . GLU A 1 112 ? -10.650 14.007  -4.906  1.00 40.37  ? 136 GLU A CG  1 
ATOM   864  C CD  . GLU A 1 112 ? -11.365 12.688  -5.031  1.00 46.17  ? 136 GLU A CD  1 
ATOM   865  O OE1 . GLU A 1 112 ? -12.239 12.345  -4.218  1.00 50.05  ? 136 GLU A OE1 1 
ATOM   866  O OE2 . GLU A 1 112 ? -11.011 11.889  -5.987  1.00 47.95  ? 136 GLU A OE2 1 
ATOM   867  N N   . LEU A 1 113 ? -7.499  14.738  -1.744  1.00 17.92  ? 137 LEU A N   1 
ATOM   868  C CA  . LEU A 1 113 ? -7.152  15.487  -0.625  1.00 13.96  ? 137 LEU A CA  1 
ATOM   869  C C   . LEU A 1 113 ? -5.994  16.430  -0.927  1.00 10.99  ? 137 LEU A C   1 
ATOM   870  O O   . LEU A 1 113 ? -5.959  17.570  -0.474  1.00 12.20  ? 137 LEU A O   1 
ATOM   871  C CB  . LEU A 1 113 ? -6.640  14.687  0.606   1.00 10.30  ? 137 LEU A CB  1 
ATOM   872  C CG  . LEU A 1 113 ? -7.709  13.827  1.264   1.00 11.30  ? 137 LEU A CG  1 
ATOM   873  C CD1 . LEU A 1 113 ? -7.063  13.061  2.335   1.00 8.73   ? 137 LEU A CD1 1 
ATOM   874  C CD2 . LEU A 1 113 ? -8.837  14.697  1.897   1.00 11.88  ? 137 LEU A CD2 1 
ATOM   875  N N   . ILE A 1 114 ? -5.089  16.036  -1.871  1.00 13.97  ? 138 ILE A N   1 
ATOM   876  C CA  . ILE A 1 114 ? -3.975  16.942  -2.117  1.00 14.18  ? 138 ILE A CA  1 
ATOM   877  C C   . ILE A 1 114 ? -4.446  18.209  -2.772  1.00 17.12  ? 138 ILE A C   1 
ATOM   878  O O   . ILE A 1 114 ? -4.019  19.357  -2.526  1.00 17.55  ? 138 ILE A O   1 
ATOM   879  C CB  . ILE A 1 114 ? -2.888  16.288  -2.981  1.00 8.77   ? 138 ILE A CB  1 
ATOM   880  C CG1 . ILE A 1 114 ? -2.148  15.176  -2.185  1.00 9.29   ? 138 ILE A CG1 1 
ATOM   881  C CG2 . ILE A 1 114 ? -1.736  17.311  -3.291  1.00 14.48  ? 138 ILE A CG2 1 
ATOM   882  C CD1 . ILE A 1 114 ? -1.093  14.325  -2.976  1.00 7.04   ? 138 ILE A CD1 1 
ATOM   883  N N   . GLN A 1 115 ? -5.484  18.034  -3.695  1.00 17.65  ? 139 GLN A N   1 
ATOM   884  C CA  . GLN A 1 115 ? -6.109  19.166  -4.387  1.00 21.64  ? 139 GLN A CA  1 
ATOM   885  C C   . GLN A 1 115 ? -6.950  19.952  -3.589  1.00 20.68  ? 139 GLN A C   1 
ATOM   886  O O   . GLN A 1 115 ? -6.882  21.200  -3.668  1.00 21.99  ? 139 GLN A O   1 
ATOM   887  C CB  . GLN A 1 115 ? -7.104  18.687  -5.538  1.00 26.29  ? 139 GLN A CB  1 
ATOM   888  C CG  . GLN A 1 115 ? -6.358  17.894  -6.701  1.00 36.62  ? 139 GLN A CG  1 
ATOM   889  C CD  . GLN A 1 115 ? -7.307  16.870  -7.326  1.00 47.04  ? 139 GLN A CD  1 
ATOM   890  O OE1 . GLN A 1 115 ? -8.447  16.623  -6.941  1.00 55.29  ? 139 GLN A OE1 1 
ATOM   891  N NE2 . GLN A 1 115 ? -6.866  16.146  -8.394  1.00 51.26  ? 139 GLN A NE2 1 
ATOM   892  N N   . PHE A 1 116 ? -7.739  19.431  -2.601  1.00 19.14  ? 140 PHE A N   1 
ATOM   893  C CA  . PHE A 1 116 ? -8.351  20.257  -1.597  1.00 22.37  ? 140 PHE A CA  1 
ATOM   894  C C   . PHE A 1 116 ? -7.481  21.127  -0.852  1.00 22.81  ? 140 PHE A C   1 
ATOM   895  O O   . PHE A 1 116 ? -7.690  22.386  -0.621  1.00 25.58  ? 140 PHE A O   1 
ATOM   896  C CB  . PHE A 1 116 ? -9.232  19.399  -0.678  1.00 20.90  ? 140 PHE A CB  1 
ATOM   897  C CG  . PHE A 1 116 ? -10.237 18.496  -1.264  1.00 22.25  ? 140 PHE A CG  1 
ATOM   898  C CD1 . PHE A 1 116 ? -10.870 18.763  -2.491  1.00 18.47  ? 140 PHE A CD1 1 
ATOM   899  C CD2 . PHE A 1 116 ? -10.493 17.344  -0.520  1.00 24.22  ? 140 PHE A CD2 1 
ATOM   900  C CE1 . PHE A 1 116 ? -11.853 17.882  -2.872  1.00 15.57  ? 140 PHE A CE1 1 
ATOM   901  C CE2 . PHE A 1 116 ? -11.548 16.481  -1.058  1.00 23.70  ? 140 PHE A CE2 1 
ATOM   902  C CZ  . PHE A 1 116 ? -12.225 16.711  -2.230  1.00 19.83  ? 140 PHE A CZ  1 
ATOM   903  N N   . LEU A 1 117 ? -6.354  20.697  -0.386  1.00 23.96  ? 141 LEU A N   1 
ATOM   904  C CA  . LEU A 1 117 ? -5.478  21.487  0.367   1.00 23.08  ? 141 LEU A CA  1 
ATOM   905  C C   . LEU A 1 117 ? -4.691  22.349  -0.448  1.00 21.69  ? 141 LEU A C   1 
ATOM   906  O O   . LEU A 1 117 ? -4.398  23.462  -0.043  1.00 25.19  ? 141 LEU A O   1 
ATOM   907  C CB  . LEU A 1 117 ? -4.593  20.592  1.193   1.00 21.47  ? 141 LEU A CB  1 
ATOM   908  C CG  . LEU A 1 117 ? -5.249  19.852  2.308   1.00 19.84  ? 141 LEU A CG  1 
ATOM   909  C CD1 . LEU A 1 117 ? -4.167  19.131  3.117   1.00 19.47  ? 141 LEU A CD1 1 
ATOM   910  C CD2 . LEU A 1 117 ? -6.036  20.859  3.241   1.00 16.11  ? 141 LEU A CD2 1 
ATOM   911  N N   . ASP A 1 118 ? -4.395  22.002  -1.660  1.00 21.70  ? 142 ASP A N   1 
ATOM   912  C CA  . ASP A 1 118 ? -3.777  22.965  -2.539  1.00 24.03  ? 142 ASP A CA  1 
ATOM   913  C C   . ASP A 1 118 ? -4.771  24.112  -2.819  1.00 25.32  ? 142 ASP A C   1 
ATOM   914  O O   . ASP A 1 118 ? -4.341  25.170  -3.032  1.00 25.84  ? 142 ASP A O   1 
ATOM   915  C CB  . ASP A 1 118 ? -3.525  22.239  -3.866  1.00 27.62  ? 142 ASP A CB  1 
ATOM   916  C CG  . ASP A 1 118 ? -2.274  22.838  -4.445  1.00 40.29  ? 142 ASP A CG  1 
ATOM   917  O OD1 . ASP A 1 118 ? -2.222  23.983  -4.720  1.00 47.99  ? 142 ASP A OD1 1 
ATOM   918  O OD2 . ASP A 1 118 ? -1.307  22.000  -4.666  1.00 48.77  ? 142 ASP A OD2 1 
ATOM   919  N N   . ASN A 1 119 ? -6.170  23.881  -2.852  1.00 26.21  ? 143 ASN A N   1 
ATOM   920  C CA  . ASN A 1 119 ? -7.085  24.929  -2.966  1.00 25.10  ? 143 ASN A CA  1 
ATOM   921  C C   . ASN A 1 119 ? -7.453  25.636  -1.740  1.00 26.01  ? 143 ASN A C   1 
ATOM   922  O O   . ASN A 1 119 ? -8.126  26.564  -1.632  1.00 26.81  ? 143 ASN A O   1 
ATOM   923  C CB  . ASN A 1 119 ? -8.420  24.411  -3.489  1.00 24.73  ? 143 ASN A CB  1 
ATOM   924  C CG  . ASN A 1 119 ? -8.521  24.047  -4.960  1.00 26.11  ? 143 ASN A CG  1 
ATOM   925  O OD1 . ASN A 1 119 ? -9.295  23.182  -5.341  1.00 30.49  ? 143 ASN A OD1 1 
ATOM   926  N ND2 . ASN A 1 119 ? -7.611  24.508  -5.838  1.00 32.60  ? 143 ASN A ND2 1 
ATOM   927  N N   . GLY A 1 120 ? -6.765  25.248  -0.552  1.00 27.15  ? 144 GLY A N   1 
ATOM   928  C CA  . GLY A 1 120 ? -7.078  25.833  0.634   1.00 28.52  ? 144 GLY A CA  1 
ATOM   929  C C   . GLY A 1 120 ? -8.391  25.435  1.243   1.00 29.56  ? 144 GLY A C   1 
ATOM   930  O O   . GLY A 1 120 ? -8.890  26.019  2.169   1.00 31.08  ? 144 GLY A O   1 
ATOM   931  N N   . ASN A 1 121 ? -9.017  24.444  0.720   1.00 31.82  ? 145 ASN A N   1 
ATOM   932  C CA  . ASN A 1 121 ? -10.407 24.144  1.162   1.00 29.08  ? 145 ASN A CA  1 
ATOM   933  C C   . ASN A 1 121 ? -10.367 23.093  2.261   1.00 24.03  ? 145 ASN A C   1 
ATOM   934  O O   . ASN A 1 121 ? -10.488 21.878  1.919   1.00 26.74  ? 145 ASN A O   1 
ATOM   935  C CB  . ASN A 1 121 ? -11.294 23.764  0.106   1.00 29.85  ? 145 ASN A CB  1 
ATOM   936  C CG  . ASN A 1 121 ? -12.829 23.841  0.404   1.00 33.52  ? 145 ASN A CG  1 
ATOM   937  O OD1 . ASN A 1 121 ? -13.582 24.518  -0.295  1.00 35.76  ? 145 ASN A OD1 1 
ATOM   938  N ND2 . ASN A 1 121 ? -13.283 23.197  1.510   1.00 32.54  ? 145 ASN A ND2 1 
ATOM   939  N N   . MET A 1 122 ? -10.411 23.493  3.415   1.00 23.35  ? 146 MET A N   1 
ATOM   940  C CA  . MET A 1 122 ? -10.267 22.619  4.600   1.00 21.80  ? 146 MET A CA  1 
ATOM   941  C C   . MET A 1 122 ? -11.601 21.856  4.831   1.00 23.99  ? 146 MET A C   1 
ATOM   942  O O   . MET A 1 122 ? -11.537 20.731  5.209   1.00 24.31  ? 146 MET A O   1 
ATOM   943  C CB  . MET A 1 122 ? -10.067 23.493  5.863   1.00 20.99  ? 146 MET A CB  1 
ATOM   944  C CG  . MET A 1 122 ? -8.696  24.120  5.854   1.00 31.58  ? 146 MET A CG  1 
ATOM   945  S SD  . MET A 1 122 ? -7.301  23.066  5.190   1.00 43.07  ? 146 MET A SD  1 
ATOM   946  C CE  . MET A 1 122 ? -7.389  21.902  6.456   1.00 31.85  ? 146 MET A CE  1 
ATOM   947  N N   . ASP A 1 123 ? -12.717 22.470  4.554   1.00 20.83  ? 147 ASP A N   1 
ATOM   948  C CA  . ASP A 1 123 ? -14.003 21.666  4.737   1.00 15.71  ? 147 ASP A CA  1 
ATOM   949  C C   . ASP A 1 123 ? -14.084 20.480  3.873   1.00 13.90  ? 147 ASP A C   1 
ATOM   950  O O   . ASP A 1 123 ? -14.533 19.406  4.348   1.00 11.82  ? 147 ASP A O   1 
ATOM   951  C CB  . ASP A 1 123 ? -15.070 22.577  4.585   1.00 18.22  ? 147 ASP A CB  1 
ATOM   952  C CG  . ASP A 1 123 ? -15.119 23.651  5.618   1.00 18.29  ? 147 ASP A CG  1 
ATOM   953  O OD1 . ASP A 1 123 ? -15.432 23.302  6.746   1.00 23.35  ? 147 ASP A OD1 1 
ATOM   954  O OD2 . ASP A 1 123 ? -14.816 24.850  5.285   1.00 21.77  ? 147 ASP A OD2 1 
ATOM   955  N N   . ALA A 1 124 ? -13.604 20.465  2.627   1.00 19.33  ? 148 ALA A N   1 
ATOM   956  C CA  . ALA A 1 124 ? -13.691 19.359  1.754   1.00 20.23  ? 148 ALA A CA  1 
ATOM   957  C C   . ALA A 1 124 ? -12.674 18.236  2.239   1.00 22.32  ? 148 ALA A C   1 
ATOM   958  O O   . ALA A 1 124 ? -13.030 17.070  2.152   1.00 21.41  ? 148 ALA A O   1 
ATOM   959  C CB  . ALA A 1 124 ? -13.314 19.760  0.308   1.00 20.13  ? 148 ALA A CB  1 
ATOM   960  N N   . TYR A 1 125 ? -11.547 18.739  2.764   1.00 24.59  ? 149 TYR A N   1 
ATOM   961  C CA  . TYR A 1 125 ? -10.433 17.873  3.327   1.00 19.39  ? 149 TYR A CA  1 
ATOM   962  C C   . TYR A 1 125 ? -11.149 16.994  4.301   1.00 20.34  ? 149 TYR A C   1 
ATOM   963  O O   . TYR A 1 125 ? -10.967 15.799  4.323   1.00 23.76  ? 149 TYR A O   1 
ATOM   964  C CB  . TYR A 1 125 ? -9.379  18.735  3.866   1.00 17.29  ? 149 TYR A CB  1 
ATOM   965  C CG  . TYR A 1 125 ? -8.352  17.794  4.541   1.00 23.67  ? 149 TYR A CG  1 
ATOM   966  C CD1 . TYR A 1 125 ? -7.241  17.164  3.882   1.00 17.84  ? 149 TYR A CD1 1 
ATOM   967  C CD2 . TYR A 1 125 ? -8.373  17.625  6.015   1.00 16.68  ? 149 TYR A CD2 1 
ATOM   968  C CE1 . TYR A 1 125 ? -6.390  16.404  4.486   1.00 15.15  ? 149 TYR A CE1 1 
ATOM   969  C CE2 . TYR A 1 125 ? -7.468  16.744  6.579   1.00 20.12  ? 149 TYR A CE2 1 
ATOM   970  C CZ  . TYR A 1 125 ? -6.478  16.173  5.810   1.00 18.93  ? 149 TYR A CZ  1 
ATOM   971  O OH  . TYR A 1 125 ? -5.555  15.395  6.572   1.00 24.00  ? 149 TYR A OH  1 
ATOM   972  N N   . PHE A 1 126 ? -11.749 17.660  5.322   1.00 17.94  ? 150 PHE A N   1 
ATOM   973  C CA  . PHE A 1 126 ? -12.520 16.901  6.335   1.00 21.73  ? 150 PHE A CA  1 
ATOM   974  C C   . PHE A 1 126 ? -13.770 16.206  5.987   1.00 19.27  ? 150 PHE A C   1 
ATOM   975  O O   . PHE A 1 126 ? -14.154 15.193  6.612   1.00 19.23  ? 150 PHE A O   1 
ATOM   976  C CB  . PHE A 1 126 ? -12.748 17.903  7.582   1.00 24.98  ? 150 PHE A CB  1 
ATOM   977  C CG  . PHE A 1 126 ? -11.529 18.150  8.289   1.00 27.31  ? 150 PHE A CG  1 
ATOM   978  C CD1 . PHE A 1 126 ? -11.003 17.102  9.078   1.00 25.85  ? 150 PHE A CD1 1 
ATOM   979  C CD2 . PHE A 1 126 ? -10.947 19.346  8.115   1.00 25.00  ? 150 PHE A CD2 1 
ATOM   980  C CE1 . PHE A 1 126 ? -9.792  17.429  9.776   1.00 26.74  ? 150 PHE A CE1 1 
ATOM   981  C CE2 . PHE A 1 126 ? -9.728  19.593  8.822   1.00 29.83  ? 150 PHE A CE2 1 
ATOM   982  C CZ  . PHE A 1 126 ? -9.258  18.666  9.649   1.00 25.08  ? 150 PHE A CZ  1 
ATOM   983  N N   . ALA A 1 127 ? -14.442 16.697  4.995   1.00 20.66  ? 151 ALA A N   1 
ATOM   984  C CA  . ALA A 1 127 ? -15.722 16.057  4.433   1.00 20.87  ? 151 ALA A CA  1 
ATOM   985  C C   . ALA A 1 127 ? -15.395 14.729  3.845   1.00 17.24  ? 151 ALA A C   1 
ATOM   986  O O   . ALA A 1 127 ? -16.210 13.835  3.987   1.00 20.21  ? 151 ALA A O   1 
ATOM   987  C CB  . ALA A 1 127 ? -16.265 17.001  3.447   1.00 19.23  ? 151 ALA A CB  1 
ATOM   988  N N   . GLN A 1 128 ? -14.272 14.532  3.089   1.00 18.34  ? 152 GLN A N   1 
ATOM   989  C CA  . GLN A 1 128 ? -13.951 13.284  2.493   1.00 19.30  ? 152 GLN A CA  1 
ATOM   990  C C   . GLN A 1 128 ? -13.911 12.232  3.592   1.00 19.87  ? 152 GLN A C   1 
ATOM   991  O O   . GLN A 1 128 ? -13.380 12.380  4.619   1.00 17.48  ? 152 GLN A O   1 
ATOM   992  C CB  . GLN A 1 128 ? -12.632 13.261  1.720   1.00 24.80  ? 152 GLN A CB  1 
ATOM   993  C CG  . GLN A 1 128 ? -12.263 11.971  1.076   1.00 21.27  ? 152 GLN A CG  1 
ATOM   994  C CD  . GLN A 1 128 ? -10.943 11.949  0.303   1.00 30.28  ? 152 GLN A CD  1 
ATOM   995  O OE1 . GLN A 1 128 ? -10.844 12.362  -0.832  1.00 30.22  ? 152 GLN A OE1 1 
ATOM   996  N NE2 . GLN A 1 128 ? -9.903  11.443  0.880   1.00 26.67  ? 152 GLN A NE2 1 
ATOM   997  N N   . PRO A 1 129 ? -14.546 11.069  3.347   1.00 21.29  ? 153 PRO A N   1 
ATOM   998  C CA  . PRO A 1 129 ? -14.522 9.915   4.249   1.00 18.86  ? 153 PRO A CA  1 
ATOM   999  C C   . PRO A 1 129 ? -13.238 9.191   4.121   1.00 18.45  ? 153 PRO A C   1 
ATOM   1000 O O   . PRO A 1 129 ? -13.152 7.991   3.779   1.00 20.15  ? 153 PRO A O   1 
ATOM   1001 C CB  . PRO A 1 129 ? -15.773 9.219   3.900   1.00 13.75  ? 153 PRO A CB  1 
ATOM   1002 C CG  . PRO A 1 129 ? -15.750 9.388   2.425   1.00 19.39  ? 153 PRO A CG  1 
ATOM   1003 C CD  . PRO A 1 129 ? -15.559 10.829  2.171   1.00 18.67  ? 153 PRO A CD  1 
ATOM   1004 N N   . THR A 1 130 ? -12.103 9.868   4.367   1.00 13.15  ? 154 THR A N   1 
ATOM   1005 C CA  . THR A 1 130 ? -10.776 9.182   4.184   1.00 12.50  ? 154 THR A CA  1 
ATOM   1006 C C   . THR A 1 130 ? -10.446 7.960   4.990   1.00 15.20  ? 154 THR A C   1 
ATOM   1007 O O   . THR A 1 130 ? -9.979  6.927   4.423   1.00 16.07  ? 154 THR A O   1 
ATOM   1008 C CB  . THR A 1 130 ? -9.829  10.198  4.342   1.00 12.55  ? 154 THR A CB  1 
ATOM   1009 O OG1 . THR A 1 130 ? -10.251 11.424  3.639   1.00 13.34  ? 154 THR A OG1 1 
ATOM   1010 C CG2 . THR A 1 130 ? -8.457  9.802   3.816   1.00 8.54   ? 154 THR A CG2 1 
ATOM   1011 N N   . GLN A 1 131 ? -10.876 7.932   6.187   1.00 13.58  ? 155 GLN A N   1 
ATOM   1012 C CA  . GLN A 1 131 ? -10.388 6.767   7.040   1.00 15.91  ? 155 GLN A CA  1 
ATOM   1013 C C   . GLN A 1 131 ? -11.033 5.423   6.606   1.00 15.69  ? 155 GLN A C   1 
ATOM   1014 O O   . GLN A 1 131 ? -10.404 4.456   6.553   1.00 18.53  ? 155 GLN A O   1 
ATOM   1015 C CB  . GLN A 1 131 ? -10.697 7.020   8.521   1.00 15.27  ? 155 GLN A CB  1 
ATOM   1016 C CG  . GLN A 1 131 ? -10.111 6.113   9.451   1.00 15.41  ? 155 GLN A CG  1 
ATOM   1017 C CD  . GLN A 1 131 ? -8.607  6.181   9.398   1.00 15.40  ? 155 GLN A CD  1 
ATOM   1018 O OE1 . GLN A 1 131 ? -8.091  7.315   9.073   1.00 14.42  ? 155 GLN A OE1 1 
ATOM   1019 N NE2 . GLN A 1 131 ? -7.876  5.140   9.718   1.00 21.13  ? 155 GLN A NE2 1 
ATOM   1020 N N   . GLY A 1 132 ? -12.388 5.482   6.230   1.00 17.47  ? 156 GLY A N   1 
ATOM   1021 C CA  . GLY A 1 132 ? -13.040 4.216   5.787   1.00 15.59  ? 156 GLY A CA  1 
ATOM   1022 C C   . GLY A 1 132 ? -12.311 3.663   4.599   1.00 17.03  ? 156 GLY A C   1 
ATOM   1023 O O   . GLY A 1 132 ? -11.964 2.446   4.676   1.00 17.08  ? 156 GLY A O   1 
ATOM   1024 N N   . MET A 1 133 ? -11.846 4.489   3.683   1.00 12.97  ? 157 MET A N   1 
ATOM   1025 C CA  . MET A 1 133 ? -11.167 3.976   2.541   1.00 14.50  ? 157 MET A CA  1 
ATOM   1026 C C   . MET A 1 133 ? -9.805  3.497   2.754   1.00 16.66  ? 157 MET A C   1 
ATOM   1027 O O   . MET A 1 133 ? -9.387  2.506   2.235   1.00 17.53  ? 157 MET A O   1 
ATOM   1028 C CB  . MET A 1 133 ? -11.164 5.066   1.387   1.00 11.87  ? 157 MET A CB  1 
ATOM   1029 C CG  . MET A 1 133 ? -12.537 5.364   0.986   1.00 6.11   ? 157 MET A CG  1 
ATOM   1030 S SD  . MET A 1 133 ? -12.295 6.666   -0.242  1.00 25.94  ? 157 MET A SD  1 
ATOM   1031 C CE  . MET A 1 133 ? -12.691 8.022   0.655   1.00 15.85  ? 157 MET A CE  1 
ATOM   1032 N N   . GLN A 1 134 ? -9.152  4.178   3.777   1.00 15.61  ? 158 GLN A N   1 
ATOM   1033 C CA  . GLN A 1 134 ? -7.811  3.684   4.251   1.00 15.78  ? 158 GLN A CA  1 
ATOM   1034 C C   . GLN A 1 134 ? -7.957  2.290   4.917   1.00 13.20  ? 158 GLN A C   1 
ATOM   1035 O O   . GLN A 1 134 ? -7.259  1.296   4.554   1.00 19.44  ? 158 GLN A O   1 
ATOM   1036 C CB  . GLN A 1 134 ? -7.175  4.603   5.250   1.00 13.79  ? 158 GLN A CB  1 
ATOM   1037 C CG  . GLN A 1 134 ? -5.785  4.067   5.676   1.00 16.72  ? 158 GLN A CG  1 
ATOM   1038 C CD  . GLN A 1 134 ? -5.034  5.006   6.777   1.00 20.52  ? 158 GLN A CD  1 
ATOM   1039 O OE1 . GLN A 1 134 ? -4.791  6.063   6.303   1.00 17.87  ? 158 GLN A OE1 1 
ATOM   1040 N NE2 . GLN A 1 134 ? -4.859  4.669   8.062   1.00 15.82  ? 158 GLN A NE2 1 
ATOM   1041 N N   . ASN A 1 135 ? -8.941  2.188   5.807   1.00 15.21  ? 159 ASN A N   1 
ATOM   1042 C CA  . ASN A 1 135 ? -9.093  0.873   6.465   1.00 18.08  ? 159 ASN A CA  1 
ATOM   1043 C C   . ASN A 1 135 ? -9.437  -0.208  5.640   1.00 19.19  ? 159 ASN A C   1 
ATOM   1044 O O   . ASN A 1 135 ? -8.816  -1.347  5.867   1.00 22.44  ? 159 ASN A O   1 
ATOM   1045 C CB  . ASN A 1 135 ? -10.230 0.976   7.491   1.00 20.94  ? 159 ASN A CB  1 
ATOM   1046 C CG  . ASN A 1 135 ? -9.938  1.846   8.649   1.00 26.74  ? 159 ASN A CG  1 
ATOM   1047 O OD1 . ASN A 1 135 ? -8.755  2.228   9.134   1.00 29.34  ? 159 ASN A OD1 1 
ATOM   1048 N ND2 . ASN A 1 135 ? -11.102 2.257   9.175   1.00 25.68  ? 159 ASN A ND2 1 
ATOM   1049 N N   . ALA A 1 136 ? -10.298 0.030   4.675   1.00 19.41  ? 160 ALA A N   1 
ATOM   1050 C CA  . ALA A 1 136 ? -10.714 -1.032  3.692   1.00 16.06  ? 160 ALA A CA  1 
ATOM   1051 C C   . ALA A 1 136 ? -9.402  -1.568  3.025   1.00 16.51  ? 160 ALA A C   1 
ATOM   1052 O O   . ALA A 1 136 ? -9.286  -2.824  2.897   1.00 17.63  ? 160 ALA A O   1 
ATOM   1053 C CB  . ALA A 1 136 ? -11.605 -0.399  2.686   1.00 16.69  ? 160 ALA A CB  1 
ATOM   1054 N N   . LEU A 1 137 ? -8.518  -0.702  2.574   1.00 15.79  ? 161 LEU A N   1 
ATOM   1055 C CA  . LEU A 1 137 ? -7.371  -1.216  1.851   1.00 16.56  ? 161 LEU A CA  1 
ATOM   1056 C C   . LEU A 1 137 ? -6.517  -1.967  2.922   1.00 21.14  ? 161 LEU A C   1 
ATOM   1057 O O   . LEU A 1 137 ? -6.020  -3.056  2.570   1.00 21.19  ? 161 LEU A O   1 
ATOM   1058 C CB  . LEU A 1 137 ? -6.627  -0.052  1.264   1.00 14.24  ? 161 LEU A CB  1 
ATOM   1059 C CG  . LEU A 1 137 ? -5.260  -0.367  0.731   1.00 14.38  ? 161 LEU A CG  1 
ATOM   1060 C CD1 . LEU A 1 137 ? -5.321  -1.539  -0.396  1.00 10.86  ? 161 LEU A CD1 1 
ATOM   1061 C CD2 . LEU A 1 137 ? -4.829  0.944   0.231   1.00 11.78  ? 161 LEU A CD2 1 
ATOM   1062 N N   . GLY A 1 138 ? -6.452  -1.468  4.171   1.00 21.93  ? 162 GLY A N   1 
ATOM   1063 C CA  . GLY A 1 138 ? -5.762  -2.197  5.187   1.00 20.77  ? 162 GLY A CA  1 
ATOM   1064 C C   . GLY A 1 138 ? -6.283  -3.593  5.331   1.00 21.08  ? 162 GLY A C   1 
ATOM   1065 O O   . GLY A 1 138 ? -5.375  -4.562  5.436   1.00 21.77  ? 162 GLY A O   1 
ATOM   1066 N N   . GLU A 1 139 ? -7.568  -3.804  5.400   1.00 21.67  ? 163 GLU A N   1 
ATOM   1067 C CA  . GLU A 1 139 ? -8.096  -5.120  5.535   1.00 22.69  ? 163 GLU A CA  1 
ATOM   1068 C C   . GLU A 1 139 ? -7.831  -6.005  4.224   1.00 19.59  ? 163 GLU A C   1 
ATOM   1069 O O   . GLU A 1 139 ? -7.533  -7.179  4.349   1.00 22.59  ? 163 GLU A O   1 
ATOM   1070 C CB  . GLU A 1 139 ? -9.605  -5.108  5.580   1.00 33.66  ? 163 GLU A CB  1 
ATOM   1071 C CG  . GLU A 1 139 ? -10.115 -4.950  7.071   1.00 51.32  ? 163 GLU A CG  1 
ATOM   1072 C CD  . GLU A 1 139 ? -10.100 -3.573  7.499   1.00 66.06  ? 163 GLU A CD  1 
ATOM   1073 O OE1 . GLU A 1 139 ? -9.015  -3.107  8.079   1.00 70.44  ? 163 GLU A OE1 1 
ATOM   1074 O OE2 . GLU A 1 139 ? -11.149 -2.898  7.372   1.00 72.58  ? 163 GLU A OE2 1 
ATOM   1075 N N   . ALA A 1 140 ? -7.792  -5.391  3.120   1.00 15.64  ? 164 ALA A N   1 
ATOM   1076 C CA  . ALA A 1 140 ? -7.582  -6.155  1.847   1.00 17.58  ? 164 ALA A CA  1 
ATOM   1077 C C   . ALA A 1 140 ? -6.037  -6.643  1.852   1.00 18.05  ? 164 ALA A C   1 
ATOM   1078 O O   . ALA A 1 140 ? -5.748  -7.747  1.501   1.00 16.85  ? 164 ALA A O   1 
ATOM   1079 C CB  . ALA A 1 140 ? -7.770  -5.319  0.718   1.00 15.21  ? 164 ALA A CB  1 
ATOM   1080 N N   . LEU A 1 141 ? -5.148  -5.759  2.336   1.00 20.83  ? 165 LEU A N   1 
ATOM   1081 C CA  . LEU A 1 141 ? -3.821  -6.103  2.325   1.00 18.46  ? 165 LEU A CA  1 
ATOM   1082 C C   . LEU A 1 141 ? -3.530  -7.101  3.368   1.00 19.24  ? 165 LEU A C   1 
ATOM   1083 O O   . LEU A 1 141 ? -2.649  -8.015  3.258   1.00 21.60  ? 165 LEU A O   1 
ATOM   1084 C CB  . LEU A 1 141 ? -3.077  -4.841  2.665   1.00 20.54  ? 165 LEU A CB  1 
ATOM   1085 C CG  . LEU A 1 141 ? -2.959  -3.732  1.612   1.00 22.08  ? 165 LEU A CG  1 
ATOM   1086 C CD1 . LEU A 1 141 ? -2.229  -2.564  2.221   1.00 26.54  ? 165 LEU A CD1 1 
ATOM   1087 C CD2 . LEU A 1 141 ? -2.302  -4.268  0.266   1.00 21.45  ? 165 LEU A CD2 1 
ATOM   1088 N N   . GLY A 1 142 ? -4.288  -7.085  4.456   1.00 19.37  ? 166 GLY A N   1 
ATOM   1089 C CA  . GLY A 1 142 ? -4.040  -8.121  5.554   1.00 19.35  ? 166 GLY A CA  1 
ATOM   1090 C C   . GLY A 1 142 ? -4.649  -9.349  5.055   1.00 23.25  ? 166 GLY A C   1 
ATOM   1091 O O   . GLY A 1 142 ? -4.126  -10.405 5.376   1.00 26.04  ? 166 GLY A O   1 
ATOM   1092 N N   . ASN A 1 143 ? -5.749  -9.324  4.164   1.00 26.83  ? 167 ASN A N   1 
ATOM   1093 C CA  . ASN A 1 143 ? -6.315  -10.514 3.610   1.00 26.15  ? 167 ASN A CA  1 
ATOM   1094 C C   . ASN A 1 143 ? -5.300  -11.150 2.588   1.00 24.17  ? 167 ASN A C   1 
ATOM   1095 O O   . ASN A 1 143 ? -5.051  -12.283 2.760   1.00 19.27  ? 167 ASN A O   1 
ATOM   1096 C CB  . ASN A 1 143 ? -7.611  -10.322 2.908   1.00 30.61  ? 167 ASN A CB  1 
ATOM   1097 C CG  . ASN A 1 143 ? -8.042  -11.478 2.195   1.00 38.41  ? 167 ASN A CG  1 
ATOM   1098 O OD1 . ASN A 1 143 ? -8.406  -11.397 0.936   1.00 43.62  ? 167 ASN A OD1 1 
ATOM   1099 N ND2 . ASN A 1 143 ? -8.321  -12.654 2.733   1.00 40.20  ? 167 ASN A ND2 1 
ATOM   1100 N N   . TYR A 1 144 ? -4.670  -10.346 1.725   1.00 23.30  ? 168 TYR A N   1 
ATOM   1101 C CA  . TYR A 1 144 ? -3.595  -10.841 0.845   1.00 25.10  ? 168 TYR A CA  1 
ATOM   1102 C C   . TYR A 1 144 ? -2.520  -11.483 1.645   1.00 26.13  ? 168 TYR A C   1 
ATOM   1103 O O   . TYR A 1 144 ? -2.067  -12.610 1.348   1.00 27.76  ? 168 TYR A O   1 
ATOM   1104 C CB  . TYR A 1 144 ? -3.038  -9.678  -0.003  1.00 23.05  ? 168 TYR A CB  1 
ATOM   1105 C CG  . TYR A 1 144 ? -2.048  -9.996  -1.058  1.00 23.44  ? 168 TYR A CG  1 
ATOM   1106 C CD1 . TYR A 1 144 ? -0.797  -10.235 -0.769  1.00 24.92  ? 168 TYR A CD1 1 
ATOM   1107 C CD2 . TYR A 1 144 ? -2.460  -10.213 -2.443  1.00 22.73  ? 168 TYR A CD2 1 
ATOM   1108 C CE1 . TYR A 1 144 ? 0.107   -10.628 -1.712  1.00 29.89  ? 168 TYR A CE1 1 
ATOM   1109 C CE2 . TYR A 1 144 ? -1.562  -10.528 -3.394  1.00 23.39  ? 168 TYR A CE2 1 
ATOM   1110 C CZ  . TYR A 1 144 ? -0.196  -10.747 -3.002  1.00 28.81  ? 168 TYR A CZ  1 
ATOM   1111 O OH  . TYR A 1 144 ? 0.715   -11.219 -3.938  1.00 28.85  ? 168 TYR A OH  1 
ATOM   1112 N N   . ALA A 1 145 ? -2.024  -10.859 2.622   1.00 26.52  ? 169 ALA A N   1 
ATOM   1113 C CA  . ALA A 1 145 ? -0.888  -11.360 3.563   1.00 21.59  ? 169 ALA A CA  1 
ATOM   1114 C C   . ALA A 1 145 ? -1.271  -12.714 4.016   1.00 19.24  ? 169 ALA A C   1 
ATOM   1115 O O   . ALA A 1 145 ? -0.441  -13.585 3.955   1.00 19.51  ? 169 ALA A O   1 
ATOM   1116 C CB  . ALA A 1 145 ? -0.717  -10.430 4.612   1.00 22.97  ? 169 ALA A CB  1 
ATOM   1117 N N   . ARG A 1 146 ? -2.437  -12.895 4.655   1.00 19.58  ? 170 ARG A N   1 
ATOM   1118 C CA  . ARG A 1 146 ? -2.819  -14.249 5.107   1.00 20.94  ? 170 ARG A CA  1 
ATOM   1119 C C   . ARG A 1 146 ? -2.777  -15.243 4.067   1.00 20.09  ? 170 ARG A C   1 
ATOM   1120 O O   . ARG A 1 146 ? -2.413  -16.356 4.341   1.00 19.01  ? 170 ARG A O   1 
ATOM   1121 C CB  . ARG A 1 146 ? -4.217  -14.129 5.714   1.00 25.28  ? 170 ARG A CB  1 
ATOM   1122 C CG  . ARG A 1 146 ? -4.693  -15.479 6.269   1.00 42.49  ? 170 ARG A CG  1 
ATOM   1123 C CD  . ARG A 1 146 ? -6.185  -15.365 6.511   1.00 56.83  ? 170 ARG A CD  1 
ATOM   1124 N NE  . ARG A 1 146 ? -6.910  -15.434 5.215   1.00 65.96  ? 170 ARG A NE  1 
ATOM   1125 C CZ  . ARG A 1 146 ? -8.290  -15.309 5.093   1.00 71.48  ? 170 ARG A CZ  1 
ATOM   1126 N NH1 . ARG A 1 146 ? -9.073  -14.975 6.147   1.00 72.28  ? 170 ARG A NH1 1 
ATOM   1127 N NH2 . ARG A 1 146 ? -8.850  -15.401 3.851   1.00 74.63  ? 170 ARG A NH2 1 
ATOM   1128 N N   . VAL A 1 147 ? -3.252  -14.918 2.886   1.00 19.66  ? 171 VAL A N   1 
ATOM   1129 C CA  . VAL A 1 147 ? -3.368  -15.969 1.799   1.00 18.81  ? 171 VAL A CA  1 
ATOM   1130 C C   . VAL A 1 147 ? -1.892  -16.186 1.359   1.00 21.53  ? 171 VAL A C   1 
ATOM   1131 O O   . VAL A 1 147 ? -1.684  -17.445 1.128   1.00 24.09  ? 171 VAL A O   1 
ATOM   1132 C CB  . VAL A 1 147 ? -4.325  -15.396 0.642   1.00 19.46  ? 171 VAL A CB  1 
ATOM   1133 C CG1 . VAL A 1 147 ? -4.398  -16.409 -0.501  1.00 18.73  ? 171 VAL A CG1 1 
ATOM   1134 C CG2 . VAL A 1 147 ? -5.679  -15.239 1.193   1.00 19.93  ? 171 VAL A CG2 1 
ATOM   1135 N N   . SER A 1 148 ? -1.034  -15.255 1.161   1.00 22.64  ? 172 SER A N   1 
ATOM   1136 C CA  . SER A 1 148 ? 0.355   -15.547 0.833   1.00 21.12  ? 172 SER A CA  1 
ATOM   1137 C C   . SER A 1 148 ? 1.013   -16.473 1.921   1.00 20.96  ? 172 SER A C   1 
ATOM   1138 O O   . SER A 1 148 ? 1.705   -17.388 1.551   1.00 17.05  ? 172 SER A O   1 
ATOM   1139 C CB  . SER A 1 148 ? 1.289   -14.373 0.974   1.00 18.09  ? 172 SER A CB  1 
ATOM   1140 O OG  . SER A 1 148 ? 1.206   -13.359 -0.069  1.00 33.17  ? 172 SER A OG  1 
ATOM   1141 N N   . GLU A 1 149 ? 0.681   -16.243 3.196   1.00 22.28  ? 173 GLU A N   1 
ATOM   1142 C CA  . GLU A 1 149 ? 1.278   -16.968 4.315   1.00 23.77  ? 173 GLU A CA  1 
ATOM   1143 C C   . GLU A 1 149 ? 0.831   -18.471 4.159   1.00 24.55  ? 173 GLU A C   1 
ATOM   1144 O O   . GLU A 1 149 ? 1.685   -19.319 4.302   1.00 24.55  ? 173 GLU A O   1 
ATOM   1145 C CB  . GLU A 1 149 ? 0.873   -16.379 5.605   1.00 28.01  ? 173 GLU A CB  1 
ATOM   1146 C CG  . GLU A 1 149 ? 1.611   -16.809 6.746   1.00 38.83  ? 173 GLU A CG  1 
ATOM   1147 C CD  . GLU A 1 149 ? 3.145   -16.545 6.620   1.00 46.18  ? 173 GLU A CD  1 
ATOM   1148 O OE1 . GLU A 1 149 ? 3.453   -15.426 6.296   1.00 48.72  ? 173 GLU A OE1 1 
ATOM   1149 O OE2 . GLU A 1 149 ? 3.847   -17.529 6.726   1.00 50.34  ? 173 GLU A OE2 1 
ATOM   1150 N N   . ASN A 1 150 ? -0.383  -18.709 3.919   1.00 24.86  ? 174 ASN A N   1 
ATOM   1151 C CA  . ASN A 1 150 ? -0.787  -20.173 3.706   1.00 26.78  ? 174 ASN A CA  1 
ATOM   1152 C C   . ASN A 1 150 ? -0.052  -20.807 2.526   1.00 24.32  ? 174 ASN A C   1 
ATOM   1153 O O   . ASN A 1 150 ? 0.338   -21.986 2.548   1.00 20.14  ? 174 ASN A O   1 
ATOM   1154 C CB  . ASN A 1 150 ? -2.362  -20.223 3.601   1.00 36.74  ? 174 ASN A CB  1 
ATOM   1155 C CG  . ASN A 1 150 ? -2.830  -20.027 5.035   1.00 48.22  ? 174 ASN A CG  1 
ATOM   1156 O OD1 . ASN A 1 150 ? -2.940  -20.963 5.809   1.00 56.89  ? 174 ASN A OD1 1 
ATOM   1157 N ND2 . ASN A 1 150 ? -3.266  -18.797 5.530   1.00 53.21  ? 174 ASN A ND2 1 
ATOM   1158 N N   . LEU A 1 151 ? 0.182   -20.019 1.404   1.00 22.24  ? 175 LEU A N   1 
ATOM   1159 C CA  . LEU A 1 151 ? 0.753   -20.631 0.170   1.00 21.10  ? 175 LEU A CA  1 
ATOM   1160 C C   . LEU A 1 151 ? 2.168   -20.891 0.515   1.00 22.01  ? 175 LEU A C   1 
ATOM   1161 O O   . LEU A 1 151 ? 2.736   -21.998 0.321   1.00 22.68  ? 175 LEU A O   1 
ATOM   1162 C CB  . LEU A 1 151 ? 0.810   -19.662 -1.024  1.00 21.07  ? 175 LEU A CB  1 
ATOM   1163 C CG  . LEU A 1 151 ? 0.496   -19.962 -2.503  1.00 19.82  ? 175 LEU A CG  1 
ATOM   1164 C CD1 . LEU A 1 151 ? 1.156   -18.961 -3.438  1.00 19.72  ? 175 LEU A CD1 1 
ATOM   1165 C CD2 . LEU A 1 151 ? 1.102   -21.293 -2.934  1.00 22.03  ? 175 LEU A CD2 1 
ATOM   1166 N N   . TYR A 1 152 ? 2.824   -19.957 1.252   1.00 22.64  ? 176 TYR A N   1 
ATOM   1167 C CA  . TYR A 1 152 ? 4.183   -20.097 1.636   1.00 21.16  ? 176 TYR A CA  1 
ATOM   1168 C C   . TYR A 1 152 ? 4.421   -21.314 2.546   1.00 23.24  ? 176 TYR A C   1 
ATOM   1169 O O   . TYR A 1 152 ? 5.339   -22.111 2.372   1.00 22.30  ? 176 TYR A O   1 
ATOM   1170 C CB  . TYR A 1 152 ? 4.730   -18.921 2.452   1.00 20.15  ? 176 TYR A CB  1 
ATOM   1171 C CG  . TYR A 1 152 ? 6.199   -18.961 2.931   1.00 17.58  ? 176 TYR A CG  1 
ATOM   1172 C CD1 . TYR A 1 152 ? 7.226   -18.821 1.984   1.00 20.09  ? 176 TYR A CD1 1 
ATOM   1173 C CD2 . TYR A 1 152 ? 6.581   -19.282 4.214   1.00 17.70  ? 176 TYR A CD2 1 
ATOM   1174 C CE1 . TYR A 1 152 ? 8.586   -18.961 2.367   1.00 22.06  ? 176 TYR A CE1 1 
ATOM   1175 C CE2 . TYR A 1 152 ? 7.892   -19.379 4.646   1.00 19.19  ? 176 TYR A CE2 1 
ATOM   1176 C CZ  . TYR A 1 152 ? 8.804   -19.259 3.596   1.00 19.95  ? 176 TYR A CZ  1 
ATOM   1177 O OH  . TYR A 1 152 ? 10.115  -19.357 4.028   1.00 27.69  ? 176 TYR A OH  1 
ATOM   1178 N N   . ARG A 1 153 ? 3.565   -21.556 3.556   1.00 21.84  ? 177 ARG A N   1 
ATOM   1179 C CA  . ARG A 1 153 ? 3.632   -22.672 4.402   1.00 27.07  ? 177 ARG A CA  1 
ATOM   1180 C C   . ARG A 1 153 ? 3.592   -24.073 3.768   1.00 27.69  ? 177 ARG A C   1 
ATOM   1181 O O   . ARG A 1 153 ? 4.016   -25.046 4.184   1.00 31.41  ? 177 ARG A O   1 
ATOM   1182 C CB  . ARG A 1 153 ? 2.616   -22.629 5.538   1.00 30.35  ? 177 ARG A CB  1 
ATOM   1183 C CG  . ARG A 1 153 ? 2.861   -21.466 6.458   1.00 38.81  ? 177 ARG A CG  1 
ATOM   1184 C CD  . ARG A 1 153 ? 1.779   -21.484 7.444   1.00 54.69  ? 177 ARG A CD  1 
ATOM   1185 N NE  . ARG A 1 153 ? 1.265   -20.157 7.771   1.00 64.00  ? 177 ARG A NE  1 
ATOM   1186 C CZ  . ARG A 1 153 ? -0.069  -19.986 8.060   1.00 69.42  ? 177 ARG A CZ  1 
ATOM   1187 N NH1 . ARG A 1 153 ? -0.829  -21.001 8.163   1.00 67.83  ? 177 ARG A NH1 1 
ATOM   1188 N NH2 . ARG A 1 153 ? -0.535  -18.700 8.340   1.00 71.58  ? 177 ARG A NH2 1 
ATOM   1189 N N   . GLN A 1 154 ? 2.933   -24.081 2.621   1.00 30.22  ? 178 GLN A N   1 
ATOM   1190 C CA  . GLN A 1 154 ? 2.772   -25.423 1.876   1.00 31.18  ? 178 GLN A CA  1 
ATOM   1191 C C   . GLN A 1 154 ? 4.109   -25.683 1.128   1.00 29.89  ? 178 GLN A C   1 
ATOM   1192 O O   . GLN A 1 154 ? 4.161   -26.748 0.563   1.00 28.94  ? 178 GLN A O   1 
ATOM   1193 C CB  . GLN A 1 154 ? 1.765   -25.402 0.881   1.00 32.27  ? 178 GLN A CB  1 
ATOM   1194 C CG  . GLN A 1 154 ? 0.251   -25.302 1.385   1.00 42.39  ? 178 GLN A CG  1 
ATOM   1195 C CD  . GLN A 1 154 ? -0.743  -24.846 0.293   1.00 48.47  ? 178 GLN A CD  1 
ATOM   1196 O OE1 . GLN A 1 154 ? -0.460  -25.035 -0.935  1.00 53.87  ? 178 GLN A OE1 1 
ATOM   1197 N NE2 . GLN A 1 154 ? -1.827  -24.280 0.698   1.00 51.51  ? 178 GLN A NE2 1 
ATOM   1198 N N   . THR A 1 155 ? 5.088   -24.811 1.041   1.00 28.46  ? 179 THR A N   1 
ATOM   1199 C CA  . THR A 1 155 ? 6.266   -25.129 0.246   1.00 25.38  ? 179 THR A CA  1 
ATOM   1200 C C   . THR A 1 155 ? 7.289   -25.990 0.913   1.00 28.49  ? 179 THR A C   1 
ATOM   1201 O O   . THR A 1 155 ? 8.185   -26.558 0.247   1.00 27.21  ? 179 THR A O   1 
ATOM   1202 C CB  . THR A 1 155 ? 6.962   -23.922 -0.293  1.00 23.65  ? 179 THR A CB  1 
ATOM   1203 O OG1 . THR A 1 155 ? 7.347   -23.056 0.762   1.00 19.20  ? 179 THR A OG1 1 
ATOM   1204 C CG2 . THR A 1 155 ? 6.016   -23.167 -1.261  1.00 23.15  ? 179 THR A CG2 1 
ATOM   1205 N N   . PHE A 1 156 ? 7.244   -26.183 2.182   1.00 32.08  ? 180 PHE A N   1 
ATOM   1206 C CA  . PHE A 1 156 ? 8.222   -27.083 2.904   1.00 34.52  ? 180 PHE A CA  1 
ATOM   1207 C C   . PHE A 1 156 ? 7.341   -27.940 3.823   1.00 39.49  ? 180 PHE A C   1 
ATOM   1208 O O   . PHE A 1 156 ? 6.153   -27.553 4.142   1.00 36.38  ? 180 PHE A O   1 
ATOM   1209 C CB  . PHE A 1 156 ? 9.305   -26.276 3.656   1.00 31.62  ? 180 PHE A CB  1 
ATOM   1210 C CG  . PHE A 1 156 ? 8.768   -25.216 4.532   1.00 31.38  ? 180 PHE A CG  1 
ATOM   1211 C CD1 . PHE A 1 156 ? 8.534   -23.989 4.090   1.00 28.01  ? 180 PHE A CD1 1 
ATOM   1212 C CD2 . PHE A 1 156 ? 8.636   -25.485 5.913   1.00 29.64  ? 180 PHE A CD2 1 
ATOM   1213 C CE1 . PHE A 1 156 ? 8.052   -23.050 4.926   1.00 30.86  ? 180 PHE A CE1 1 
ATOM   1214 C CE2 . PHE A 1 156 ? 8.156   -24.545 6.749   1.00 27.91  ? 180 PHE A CE2 1 
ATOM   1215 C CZ  . PHE A 1 156 ? 7.921   -23.319 6.307   1.00 28.02  ? 180 PHE A CZ  1 
ATOM   1216 N N   . ASP A 1 157 ? 7.979   -28.977 4.247   1.00 46.26  ? 181 ASP A N   1 
ATOM   1217 C CA  . ASP A 1 157 ? 7.482   -30.001 5.236   1.00 52.25  ? 181 ASP A CA  1 
ATOM   1218 C C   . ASP A 1 157 ? 6.473   -29.444 6.267   1.00 51.97  ? 181 ASP A C   1 
ATOM   1219 O O   . ASP A 1 157 ? 6.891   -28.722 7.077   1.00 48.01  ? 181 ASP A O   1 
ATOM   1220 C CB  . ASP A 1 157 ? 8.547   -30.824 5.847   1.00 60.12  ? 181 ASP A CB  1 
ATOM   1221 C CG  . ASP A 1 157 ? 8.057   -31.926 6.845   1.00 65.88  ? 181 ASP A CG  1 
ATOM   1222 O OD1 . ASP A 1 157 ? 6.964   -32.566 6.543   1.00 68.31  ? 181 ASP A OD1 1 
ATOM   1223 O OD2 . ASP A 1 157 ? 8.710   -32.180 7.811   1.00 69.91  ? 181 ASP A OD2 1 
ATOM   1224 N N   . GLN A 1 158 ? 5.306   -29.976 6.266   1.00 55.10  ? 182 GLN A N   1 
ATOM   1225 C CA  . GLN A 1 158 ? 4.359   -29.620 7.265   1.00 58.34  ? 182 GLN A CA  1 
ATOM   1226 C C   . GLN A 1 158 ? 4.655   -30.016 8.660   1.00 58.76  ? 182 GLN A C   1 
ATOM   1227 O O   . GLN A 1 158 ? 3.970   -29.765 9.620   1.00 60.55  ? 182 GLN A O   1 
ATOM   1228 C CB  . GLN A 1 158 ? 2.937   -30.214 6.853   1.00 61.44  ? 182 GLN A CB  1 
ATOM   1229 C CG  . GLN A 1 158 ? 2.751   -31.734 7.116   1.00 65.95  ? 182 GLN A CG  1 
ATOM   1230 C CD  . GLN A 1 158 ? 3.719   -32.660 6.436   1.00 68.77  ? 182 GLN A CD  1 
ATOM   1231 O OE1 . GLN A 1 158 ? 4.204   -32.413 5.371   1.00 68.81  ? 182 GLN A OE1 1 
ATOM   1232 N NE2 . GLN A 1 158 ? 4.239   -33.628 7.216   1.00 69.97  ? 182 GLN A NE2 1 
ATOM   1233 N N   . SER A 1 159 ? 5.880   -30.530 9.031   1.00 58.97  ? 183 SER A N   1 
ATOM   1234 C CA  . SER A 1 159 ? 6.067   -31.025 10.333  1.00 62.46  ? 183 SER A CA  1 
ATOM   1235 C C   . SER A 1 159 ? 7.347   -30.385 10.895  1.00 64.39  ? 183 SER A C   1 
ATOM   1236 O O   . SER A 1 159 ? 8.477   -30.904 10.902  1.00 68.05  ? 183 SER A O   1 
ATOM   1237 C CB  . SER A 1 159 ? 6.059   -32.473 10.380  1.00 62.86  ? 183 SER A CB  1 
ATOM   1238 O OG  . SER A 1 159 ? 4.833   -32.893 9.951   1.00 70.15  ? 183 SER A OG  1 
ATOM   1239 N N   . ALA A 1 160 ? 7.075   -29.178 11.445  1.00 65.06  ? 184 ALA A N   1 
ATOM   1240 C CA  . ALA A 1 160 ? 7.909   -28.172 11.967  1.00 63.72  ? 184 ALA A CA  1 
ATOM   1241 C C   . ALA A 1 160 ? 8.901   -27.557 10.970  1.00 64.65  ? 184 ALA A C   1 
ATOM   1242 O O   . ALA A 1 160 ? 8.992   -26.285 11.097  1.00 64.84  ? 184 ALA A O   1 
ATOM   1243 C CB  . ALA A 1 160 ? 8.959   -28.749 13.020  1.00 64.85  ? 184 ALA A CB  1 
HETATM 1244 N N1  . PHN B 2 .   ? 14.100  -19.089 -0.511  0.50 20.43  ? 1   PHN A N1  1 
HETATM 1245 C C2  . PHN B 2 .   ? 15.275  -18.384 -0.788  0.50 19.00  ? 1   PHN A C2  1 
HETATM 1246 C C3  . PHN B 2 .   ? 16.420  -19.150 -1.223  0.50 20.43  ? 1   PHN A C3  1 
HETATM 1247 C C4  . PHN B 2 .   ? 16.219  -20.521 -1.446  0.50 19.99  ? 1   PHN A C4  1 
HETATM 1248 C C4A . PHN B 2 .   ? 15.037  -21.146 -1.176  0.50 16.49  ? 1   PHN A C4A 1 
HETATM 1249 C C5  . PHN B 2 .   ? 14.995  -22.459 -1.351  0.50 21.97  ? 1   PHN A C5  1 
HETATM 1250 C C6  . PHN B 2 .   ? 13.813  -23.084 -1.082  0.50 20.10  ? 1   PHN A C6  1 
HETATM 1251 C C6A . PHN B 2 .   ? 12.674  -22.398 -0.638  0.50 18.19  ? 1   PHN A C6A 1 
HETATM 1252 C C7  . PHN B 2 .   ? 11.492  -23.024 -0.370  0.50 21.71  ? 1   PHN A C7  1 
HETATM 1253 C C8  . PHN B 2 .   ? 10.468  -22.317 0.177   0.50 21.87  ? 1   PHN A C8  1 
HETATM 1254 C C9  . PHN B 2 .   ? 10.554  -20.967 0.296   0.50 16.87  ? 1   PHN A C9  1 
HETATM 1255 N N10 . PHN B 2 .   ? 11.736  -20.341 0.027   0.50 21.89  ? 1   PHN A N10 1 
HETATM 1256 C C10 . PHN B 2 .   ? 12.826  -20.986 -0.369  0.50 21.50  ? 1   PHN A C10 1 
HETATM 1257 C C1A . PHN B 2 .   ? 14.057  -20.402 -0.686  0.50 20.95  ? 1   PHN A C1A 1 
HETATM 1258 O O   . HOH C 3 .   ? 12.247  -17.356 -1.116  1.00 27.18  ? 301 HOH A O   1 
HETATM 1259 O O   . HOH C 3 .   ? 18.435  -26.375 9.218   1.00 68.44  ? 304 HOH A O   1 
HETATM 1260 O O   . HOH C 3 .   ? 8.537   -27.211 -2.389  1.00 29.56  ? 305 HOH A O   1 
HETATM 1261 O O   . HOH C 3 .   ? 6.579   -11.952 -12.059 1.00 52.81  ? 306 HOH A O   1 
HETATM 1262 O O   . HOH C 3 .   ? 6.803   -10.861 -8.738  1.00 100.53 ? 307 HOH A O   1 
HETATM 1263 O O   . HOH C 3 .   ? 13.157  -13.022 2.232   1.00 66.71  ? 308 HOH A O   1 
HETATM 1264 O O   . HOH C 3 .   ? 10.030  16.565  6.511   1.00 26.30  ? 310 HOH A O   1 
HETATM 1265 O O   . HOH C 3 .   ? 7.354   11.188  4.878   1.00 35.84  ? 311 HOH A O   1 
HETATM 1266 O O   . HOH C 3 .   ? 5.579   10.906  6.930   1.00 36.10  ? 312 HOH A O   1 
HETATM 1267 O O   . HOH C 3 .   ? 7.020   17.199  13.562  1.00 22.49  ? 313 HOH A O   1 
HETATM 1268 O O   . HOH C 3 .   ? 0.372   17.420  -8.758  1.00 95.21  ? 314 HOH A O   1 
HETATM 1269 O O   . HOH C 3 .   ? 1.116   12.590  -7.261  1.00 51.44  ? 315 HOH A O   1 
HETATM 1270 O O   . HOH C 3 .   ? -6.700  -15.107 -3.352  1.00 26.06  ? 316 HOH A O   1 
HETATM 1271 O O   . HOH C 3 .   ? -7.932  -16.090 -1.068  1.00 36.62  ? 317 HOH A O   1 
HETATM 1272 O O   . HOH C 3 .   ? -11.515 -4.733  2.464   1.00 49.72  ? 318 HOH A O   1 
HETATM 1273 O O   . HOH C 3 .   ? -7.436  -9.277  -0.323  1.00 20.82  ? 319 HOH A O   1 
HETATM 1274 O O   . HOH C 3 .   ? -10.226 1.637   -0.436  1.00 24.75  ? 320 HOH A O   1 
HETATM 1275 O O   . HOH C 3 .   ? -12.346 25.753  3.275   1.00 65.45  ? 321 HOH A O   1 
HETATM 1276 O O   . HOH C 3 .   ? -10.109 13.441  5.458   1.00 24.62  ? 322 HOH A O   1 
HETATM 1277 O O   . HOH C 3 .   ? -5.021  12.807  5.752   1.00 48.14  ? 323 HOH A O   1 
HETATM 1278 O O   . HOH C 3 .   ? -8.386  14.192  10.225  1.00 45.83  ? 324 HOH A O   1 
HETATM 1279 O O   . HOH C 3 .   ? -5.966  2.166   8.839   1.00 19.41  ? 325 HOH A O   1 
HETATM 1280 O O   . HOH C 3 .   ? -7.861  -11.505 7.193   1.00 67.34  ? 326 HOH A O   1 
HETATM 1281 O O   . HOH C 3 .   ? 2.978   -12.395 -1.776  1.00 44.68  ? 327 HOH A O   1 
HETATM 1282 O O   . HOH C 3 .   ? 4.384   -26.298 6.606   1.00 40.48  ? 328 HOH A O   1 
HETATM 1283 O O   . HOH C 3 .   ? 6.211   -31.002 2.370   1.00 97.19  ? 330 HOH A O   1 
HETATM 1284 O O   . HOH C 3 .   ? -2.483  14.570  -6.181  1.00 50.38  ? 333 HOH A O   1 
HETATM 1285 O O   . HOH C 3 .   ? -11.500 17.472  -6.261  1.00 44.43  ? 334 HOH A O   1 
HETATM 1286 O O   . HOH C 3 .   ? 12.340  -31.024 10.826  1.00 77.12  ? 335 HOH A O   1 
HETATM 1287 O O   . HOH C 3 .   ? -0.461  -12.557 -6.612  1.00 51.70  ? 336 HOH A O   1 
HETATM 1288 O O   . HOH C 3 .   ? 4.699   -31.680 -4.538  1.00 53.18  ? 337 HOH A O   1 
HETATM 1289 O O   . HOH C 3 .   ? 12.324  -7.439  -0.489  1.00 55.02  ? 338 HOH A O   1 
HETATM 1290 O O   . HOH C 3 .   ? 10.149  -36.231 -4.144  1.00 74.77  ? 339 HOH A O   1 
HETATM 1291 O O   . HOH C 3 .   ? 9.088   -32.507 2.487   1.00 84.48  ? 340 HOH A O   1 
HETATM 1292 O O   . HOH C 3 .   ? 6.852   -21.482 11.886  1.00 46.98  ? 341 HOH A O   1 
HETATM 1293 O O   . HOH C 3 .   ? 10.796  -24.396 13.196  1.00 33.40  ? 342 HOH A O   1 
HETATM 1294 O O   . HOH C 3 .   ? 12.215  -21.203 11.463  1.00 68.61  ? 343 HOH A O   1 
HETATM 1295 O O   . HOH C 3 .   ? 8.661   -0.995  2.412   1.00 106.38 ? 344 HOH A O   1 
HETATM 1296 O O   . HOH C 3 .   ? 10.417  -17.311 -8.985  1.00 24.17  ? 345 HOH A O   1 
HETATM 1297 O O   . HOH C 3 .   ? 20.211  -34.483 7.577   1.00 76.68  ? 346 HOH A O   1 
HETATM 1298 O O   . HOH C 3 .   ? 2.551   -12.863 4.463   1.00 46.99  ? 348 HOH A O   1 
HETATM 1299 O O   . HOH C 3 .   ? 7.878   -1.401  5.262   1.00 136.54 ? 349 HOH A O   1 
HETATM 1300 O O   . HOH C 3 .   ? 10.351  -34.316 -7.569  1.00 73.35  ? 350 HOH A O   1 
HETATM 1301 O O   . HOH C 3 .   ? 10.487  7.204   5.412   1.00 50.69  ? 351 HOH A O   1 
HETATM 1302 O O   . HOH C 3 .   ? 9.418   14.053  5.315   1.00 65.65  ? 352 HOH A O   1 
HETATM 1303 O O   . HOH C 3 .   ? -9.349  -13.776 0.089   1.00 44.19  ? 353 HOH A O   1 
HETATM 1304 O O   . HOH C 3 .   ? -7.765  -16.686 -6.105  1.00 34.68  ? 354 HOH A O   1 
HETATM 1305 O O   . HOH C 3 .   ? 10.707  2.984   5.022   1.00 31.65  ? 355 HOH A O   1 
HETATM 1306 O O   . HOH C 3 .   ? -10.366 -5.188  -0.398  1.00 95.97  ? 356 HOH A O   1 
HETATM 1307 O O   . HOH C 3 .   ? -11.974 1.496   -8.597  1.00 90.48  ? 357 HOH A O   1 
HETATM 1308 O O   . HOH C 3 .   ? -11.633 -10.697 -4.302  1.00 54.38  ? 358 HOH A O   1 
HETATM 1309 O O   . HOH C 3 .   ? -10.115 1.755   -11.687 1.00 93.95  ? 359 HOH A O   1 
HETATM 1310 O O   . HOH C 3 .   ? -9.700  12.072  9.037   1.00 53.88  ? 360 HOH A O   1 
HETATM 1311 O O   . HOH C 3 .   ? -13.451 0.369   5.564   1.00 46.63  ? 362 HOH A O   1 
HETATM 1312 O O   . HOH C 3 .   ? 2.777   20.422  -8.022  1.00 70.47  ? 363 HOH A O   1 
HETATM 1313 O O   . HOH C 3 .   ? 3.664   -1.602  4.850   1.00 41.96  ? 364 HOH A O   1 
HETATM 1314 O O   . HOH C 3 .   ? 2.810   23.216  2.040   1.00 55.03  ? 365 HOH A O   1 
HETATM 1315 O O   . HOH C 3 .   ? -7.872  12.914  7.291   1.00 46.01  ? 366 HOH A O   1 
HETATM 1316 O O   . HOH C 3 .   ? -2.292  4.518   -9.447  1.00 46.64  ? 367 HOH A O   1 
HETATM 1317 O O   . HOH C 3 .   ? -16.443 4.853   1.232   1.00 44.77  ? 368 HOH A O   1 
HETATM 1318 O O   . HOH C 3 .   ? -9.794  15.259  12.553  1.00 51.00  ? 369 HOH A O   1 
HETATM 1319 O O   . HOH C 3 .   ? 9.451   3.661   -6.449  1.00 52.94  ? 370 HOH A O   1 
HETATM 1320 O O   . HOH C 3 .   ? 9.844   17.760  -5.790  1.00 61.85  ? 371 HOH A O   1 
HETATM 1321 O O   . HOH C 3 .   ? -11.827 25.038  -8.511  1.00 89.89  ? 373 HOH A O   1 
HETATM 1322 O O   . HOH C 3 .   ? 2.961   -27.681 4.454   1.00 78.32  ? 375 HOH A O   1 
HETATM 1323 O O   . HOH C 3 .   ? 0.952   -24.418 -4.533  1.00 64.79  ? 376 HOH A O   1 
HETATM 1324 O O   . HOH C 3 .   ? 13.873  -11.986 -6.095  1.00 61.98  ? 378 HOH A O   1 
HETATM 1325 O O   . HOH C 3 .   ? 6.535   -14.890 -13.105 1.00 64.83  ? 379 HOH A O   1 
HETATM 1326 O O   . HOH C 3 .   ? 1.276   26.971  10.851  1.00 45.89  ? 380 HOH A O   1 
HETATM 1327 O O   . HOH C 3 .   ? -15.844 -5.390  0.850   1.00 86.15  ? 381 HOH A O   1 
HETATM 1328 O O   . HOH C 3 .   ? -8.026  18.638  -11.105 1.00 114.97 ? 382 HOH A O   1 
HETATM 1329 O O   . HOH C 3 .   ? -1.602  28.964  9.226   1.00 128.30 ? 383 HOH A O   1 
HETATM 1330 O O   . HOH C 3 .   ? -0.469  2.646   -10.910 1.00 52.61  ? 384 HOH A O   1 
HETATM 1331 O O   . HOH C 3 .   ? 2.976   -24.287 -2.821  1.00 76.62  ? 385 HOH A O   1 
HETATM 1332 O O   . HOH C 3 .   ? 9.823   -6.514  -5.642  1.00 82.81  ? 386 HOH A O   1 
HETATM 1333 O O   . HOH C 3 .   ? -3.280  -13.227 -8.270  1.00 86.87  ? 387 HOH A O   1 
HETATM 1334 O O   . HOH C 3 .   ? -13.244 12.706  7.240   1.00 51.90  ? 388 HOH A O   1 
HETATM 1335 O O   . HOH C 3 .   ? 4.805   -34.734 -5.258  1.00 80.68  ? 389 HOH A O   1 
HETATM 1336 O O   . HOH C 3 .   ? 1.998   -14.443 -7.133  1.00 73.70  ? 390 HOH A O   1 
HETATM 1337 O O   . HOH C 3 .   ? -6.785  -12.780 5.042   1.00 101.32 ? 391 HOH A O   1 
HETATM 1338 O O   . HOH C 3 .   ? 6.364   -26.535 -3.613  1.00 52.48  ? 392 HOH A O   1 
HETATM 1339 O O   . HOH C 3 .   ? 6.427   16.143  -6.831  1.00 75.09  ? 393 HOH A O   1 
HETATM 1340 O O   . HOH C 3 .   ? 1.381   -7.953  5.558   1.00 85.58  ? 394 HOH A O   1 
HETATM 1341 O O   . HOH C 3 .   ? 5.358   25.434  4.420   1.00 69.44  ? 395 HOH A O   1 
HETATM 1342 O O   . HOH C 3 .   ? 7.367   15.700  5.187   1.00 90.21  ? 396 HOH A O   1 
HETATM 1343 O O   . HOH C 3 .   ? -5.995  15.039  9.262   1.00 26.24  ? 397 HOH A O   1 
HETATM 1344 O O   . HOH C 3 .   ? 17.664  -34.384 -5.401  1.00 70.51  ? 398 HOH A O   1 
HETATM 1345 O O   . HOH C 3 .   ? 2.178   17.537  6.431   1.00 144.57 ? 399 HOH A O   1 
HETATM 1346 O O   . HOH C 3 .   ? 7.981   -25.543 13.513  1.00 38.71  ? 400 HOH A O   1 
HETATM 1347 O O   . HOH C 3 .   ? 5.208   28.839  8.902   1.00 114.73 ? 401 HOH A O   1 
HETATM 1348 O O   . HOH C 3 .   ? -5.911  -19.305 -2.024  1.00 46.03  ? 402 HOH A O   1 
HETATM 1349 O O   . HOH C 3 .   ? 3.099   -29.544 -4.560  1.00 51.35  ? 403 HOH A O   1 
HETATM 1350 O O   . HOH C 3 .   ? 3.398   5.970   -7.392  1.00 71.25  ? 404 HOH A O   1 
HETATM 1351 O O   . HOH C 3 .   ? 8.968   -10.327 -11.751 1.00 109.70 ? 405 HOH A O   1 
HETATM 1352 O O   . HOH C 3 .   ? 11.943  11.547  -1.541  1.00 70.39  ? 406 HOH A O   1 
HETATM 1353 O O   . HOH C 3 .   ? -4.169  28.046  16.545  1.00 69.21  ? 407 HOH A O   1 
HETATM 1354 O O   . HOH C 3 .   ? -14.477 -0.695  0.780   1.00 83.82  ? 408 HOH A O   1 
HETATM 1355 O O   . HOH C 3 .   ? -8.168  -3.671  -1.746  1.00 79.26  ? 409 HOH A O   1 
HETATM 1356 O O   . HOH C 3 .   ? 7.080   -9.149  -13.391 1.00 56.31  ? 410 HOH A O   1 
HETATM 1357 O O   . HOH C 3 .   ? 9.368   -14.866 -9.922  1.00 48.72  ? 411 HOH A O   1 
HETATM 1358 O O   . HOH C 3 .   ? 3.745   -29.484 1.316   1.00 106.78 ? 412 HOH A O   1 
HETATM 1359 O O   . HOH C 3 .   ? -4.726  29.111  0.196   1.00 56.78  ? 413 HOH A O   1 
HETATM 1360 O O   . HOH C 3 .   ? 3.611   -38.306 3.853   1.00 127.15 ? 414 HOH A O   1 
HETATM 1361 O O   . HOH C 3 .   ? 4.794   -25.896 9.374   1.00 113.97 ? 415 HOH A O   1 
HETATM 1362 O O   . HOH C 3 .   ? 12.164  -27.010 11.914  1.00 91.54  ? 416 HOH A O   1 
HETATM 1363 O O   . HOH C 3 .   ? -12.724 -7.200  -6.337  1.00 68.59  ? 417 HOH A O   1 
HETATM 1364 O O   . HOH C 3 .   ? 0.204   -11.948 1.027   1.00 111.62 ? 418 HOH A O   1 
HETATM 1365 O O   . HOH C 3 .   ? 14.262  -29.173 -10.590 1.00 61.94  ? 419 HOH A O   1 
HETATM 1366 O O   . HOH C 3 .   ? 6.768   -6.103  -12.203 1.00 115.24 ? 420 HOH A O   1 
HETATM 1367 O O   . HOH C 3 .   ? -17.313 29.266  7.259   1.00 85.10  ? 421 HOH A O   1 
HETATM 1368 O O   . HOH C 3 .   ? -4.216  26.248  -0.543  1.00 85.00  ? 422 HOH A O   1 
HETATM 1369 O O   . HOH C 3 .   ? 12.736  -38.306 -1.939  1.00 75.18  ? 423 HOH A O   1 
HETATM 1370 O O   . HOH C 3 .   ? 3.512   -19.323 9.098   1.00 79.68  ? 424 HOH A O   1 
HETATM 1371 O O   . HOH C 3 .   ? 9.829   5.230   3.222   1.00 70.19  ? 425 HOH A O   1 
HETATM 1372 O O   . HOH C 3 .   ? 2.390   37.161  7.187   1.00 67.91  ? 426 HOH A O   1 
HETATM 1373 O O   . HOH C 3 .   ? -0.199  -9.471  -8.911  1.00 68.62  ? 427 HOH A O   1 
# 
